data_4MQV
# 
_entry.id   4MQV 
# 
_audit_conform.dict_name       mmcif_pdbx.dic 
_audit_conform.dict_version    5.398 
_audit_conform.dict_location   http://mmcif.pdb.org/dictionaries/ascii/mmcif_pdbx.dic 
# 
loop_
_database_2.database_id 
_database_2.database_code 
_database_2.pdbx_database_accession 
_database_2.pdbx_DOI 
PDB   4MQV         pdb_00004mqv 10.2210/pdb4mqv/pdb 
RCSB  RCSB082252   ?            ?                   
WWPDB D_1000082252 ?            ?                   
# 
loop_
_pdbx_audit_revision_history.ordinal 
_pdbx_audit_revision_history.data_content_type 
_pdbx_audit_revision_history.major_revision 
_pdbx_audit_revision_history.minor_revision 
_pdbx_audit_revision_history.revision_date 
1 'Structure model' 1 0 2014-07-02 
2 'Structure model' 1 1 2014-12-31 
3 'Structure model' 1 2 2024-10-30 
# 
_pdbx_audit_revision_details.ordinal             1 
_pdbx_audit_revision_details.revision_ordinal    1 
_pdbx_audit_revision_details.data_content_type   'Structure model' 
_pdbx_audit_revision_details.provider            repository 
_pdbx_audit_revision_details.type                'Initial release' 
_pdbx_audit_revision_details.description         ? 
_pdbx_audit_revision_details.details             ? 
# 
loop_
_pdbx_audit_revision_group.ordinal 
_pdbx_audit_revision_group.revision_ordinal 
_pdbx_audit_revision_group.data_content_type 
_pdbx_audit_revision_group.group 
1 2 'Structure model' 'Database references' 
2 3 'Structure model' 'Data collection'     
3 3 'Structure model' 'Database references' 
4 3 'Structure model' 'Structure summary'   
# 
loop_
_pdbx_audit_revision_category.ordinal 
_pdbx_audit_revision_category.revision_ordinal 
_pdbx_audit_revision_category.data_content_type 
_pdbx_audit_revision_category.category 
1 3 'Structure model' chem_comp_atom            
2 3 'Structure model' chem_comp_bond            
3 3 'Structure model' database_2                
4 3 'Structure model' pdbx_entry_details        
5 3 'Structure model' pdbx_modification_feature 
# 
loop_
_pdbx_audit_revision_item.ordinal 
_pdbx_audit_revision_item.revision_ordinal 
_pdbx_audit_revision_item.data_content_type 
_pdbx_audit_revision_item.item 
1 3 'Structure model' '_database_2.pdbx_DOI'                
2 3 'Structure model' '_database_2.pdbx_database_accession' 
# 
_pdbx_database_status.status_code                     REL 
_pdbx_database_status.entry_id                        4MQV 
_pdbx_database_status.recvd_initial_deposition_date   2013-09-16 
_pdbx_database_status.deposit_site                    RCSB 
_pdbx_database_status.process_site                    PDBJ 
_pdbx_database_status.methods_development_category    ? 
_pdbx_database_status.status_code_sf                  REL 
_pdbx_database_status.status_code_mr                  ? 
_pdbx_database_status.SG_entry                        ? 
_pdbx_database_status.status_code_cs                  ? 
_pdbx_database_status.pdb_format_compatible           Y 
_pdbx_database_status.status_code_nmr_data            ? 
# 
loop_
_audit_author.name 
_audit_author.pdbx_ordinal 
'Xie, S.'    1 
'Qian, C.M.' 2 
# 
_citation.id                        primary 
_citation.title                     
'Structure of RPA32 bound to the N-terminus of SMARCAL1 redefines the binding interface between RPA32 and its interacting proteins' 
_citation.journal_abbrev            'Febs J.' 
_citation.journal_volume            281 
_citation.page_first                3382 
_citation.page_last                 3396 
_citation.year                      2014 
_citation.journal_id_ASTM           ? 
_citation.country                   UK 
_citation.journal_id_ISSN           1742-464X 
_citation.journal_id_CSD            ? 
_citation.book_publisher            ? 
_citation.pdbx_database_id_PubMed   24910198 
_citation.pdbx_database_id_DOI      10.1111/febs.12867 
# 
loop_
_citation_author.citation_id 
_citation_author.name 
_citation_author.ordinal 
_citation_author.identifier_ORCID 
primary 'Xie, S.'      1 ? 
primary 'Lu, Y.'       2 ? 
primary 'Jakoncic, J.' 3 ? 
primary 'Sun, H.'      4 ? 
primary 'Xia, J.'      5 ? 
primary 'Qian, C.M.'   6 ? 
# 
loop_
_entity.id 
_entity.type 
_entity.src_method 
_entity.pdbx_description 
_entity.formula_weight 
_entity.pdbx_number_of_molecules 
_entity.pdbx_ec 
_entity.pdbx_mutation 
_entity.pdbx_fragment 
_entity.details 
1 polymer man 'Replication protein A 32 kDa subunit'                                                                7651.493 2   ? 
? 'C-Terminal domain, UNP residues 202-270' ? 
2 polymer syn 'SWI/SNF-related matrix-associated actin-dependent regulator of chromatin subfamily A-like protein 1' 3130.644 2   ? 
? 'N-Terminal peptide, UNP residues 5-30'   ? 
3 water   nat water                                                                                                 18.015   127 ? 
? ?                                         ? 
# 
loop_
_entity_name_com.entity_id 
_entity_name_com.name 
1 'RP-A p32, Replication factor A protein 2, RF-A protein 2, Replication protein A 34 kDa subunit, RP-A p34' 
2 'HepA-related protein, hHARP, Sucrose nonfermenting protein 2-like 1'                                      
# 
loop_
_entity_poly.entity_id 
_entity_poly.type 
_entity_poly.nstd_linkage 
_entity_poly.nstd_monomer 
_entity_poly.pdbx_seq_one_letter_code 
_entity_poly.pdbx_seq_one_letter_code_can 
_entity_poly.pdbx_strand_id 
_entity_poly.pdbx_target_identifier 
1 'polypeptide(L)' no no ANGLTVAQNQVLNLIKACPRPEGLNFQDLKNQLKHMSVSSIKQAVDFLSNEGHIYSTVDDDHFKSTDAE 
ANGLTVAQNQVLNLIKACPRPEGLNFQDLKNQLKHMSVSSIKQAVDFLSNEGHIYSTVDDDHFKSTDAE A,C ? 
2 'polypeptide(L)' no no LTEEQRKKIEENRQKALARRAEKLLA                                            LTEEQRKKIEENRQKALARRAEKLLA B,D ? 
# 
_pdbx_entity_nonpoly.entity_id   3 
_pdbx_entity_nonpoly.name        water 
_pdbx_entity_nonpoly.comp_id     HOH 
# 
loop_
_entity_poly_seq.entity_id 
_entity_poly_seq.num 
_entity_poly_seq.mon_id 
_entity_poly_seq.hetero 
1 1  ALA n 
1 2  ASN n 
1 3  GLY n 
1 4  LEU n 
1 5  THR n 
1 6  VAL n 
1 7  ALA n 
1 8  GLN n 
1 9  ASN n 
1 10 GLN n 
1 11 VAL n 
1 12 LEU n 
1 13 ASN n 
1 14 LEU n 
1 15 ILE n 
1 16 LYS n 
1 17 ALA n 
1 18 CYS n 
1 19 PRO n 
1 20 ARG n 
1 21 PRO n 
1 22 GLU n 
1 23 GLY n 
1 24 LEU n 
1 25 ASN n 
1 26 PHE n 
1 27 GLN n 
1 28 ASP n 
1 29 LEU n 
1 30 LYS n 
1 31 ASN n 
1 32 GLN n 
1 33 LEU n 
1 34 LYS n 
1 35 HIS n 
1 36 MET n 
1 37 SER n 
1 38 VAL n 
1 39 SER n 
1 40 SER n 
1 41 ILE n 
1 42 LYS n 
1 43 GLN n 
1 44 ALA n 
1 45 VAL n 
1 46 ASP n 
1 47 PHE n 
1 48 LEU n 
1 49 SER n 
1 50 ASN n 
1 51 GLU n 
1 52 GLY n 
1 53 HIS n 
1 54 ILE n 
1 55 TYR n 
1 56 SER n 
1 57 THR n 
1 58 VAL n 
1 59 ASP n 
1 60 ASP n 
1 61 ASP n 
1 62 HIS n 
1 63 PHE n 
1 64 LYS n 
1 65 SER n 
1 66 THR n 
1 67 ASP n 
1 68 ALA n 
1 69 GLU n 
2 1  LEU n 
2 2  THR n 
2 3  GLU n 
2 4  GLU n 
2 5  GLN n 
2 6  ARG n 
2 7  LYS n 
2 8  LYS n 
2 9  ILE n 
2 10 GLU n 
2 11 GLU n 
2 12 ASN n 
2 13 ARG n 
2 14 GLN n 
2 15 LYS n 
2 16 ALA n 
2 17 LEU n 
2 18 ALA n 
2 19 ARG n 
2 20 ARG n 
2 21 ALA n 
2 22 GLU n 
2 23 LYS n 
2 24 LEU n 
2 25 LEU n 
2 26 ALA n 
# 
_entity_src_gen.entity_id                          1 
_entity_src_gen.pdbx_src_id                        1 
_entity_src_gen.pdbx_alt_source_flag               sample 
_entity_src_gen.pdbx_seq_type                      ? 
_entity_src_gen.pdbx_beg_seq_num                   ? 
_entity_src_gen.pdbx_end_seq_num                   ? 
_entity_src_gen.gene_src_common_name               human 
_entity_src_gen.gene_src_genus                     ? 
_entity_src_gen.pdbx_gene_src_gene                 RPA32 
_entity_src_gen.gene_src_species                   ? 
_entity_src_gen.gene_src_strain                    ? 
_entity_src_gen.gene_src_tissue                    ? 
_entity_src_gen.gene_src_tissue_fraction           ? 
_entity_src_gen.gene_src_details                   ? 
_entity_src_gen.pdbx_gene_src_fragment             ? 
_entity_src_gen.pdbx_gene_src_scientific_name      'Homo sapiens' 
_entity_src_gen.pdbx_gene_src_ncbi_taxonomy_id     9606 
_entity_src_gen.pdbx_gene_src_variant              ? 
_entity_src_gen.pdbx_gene_src_cell_line            ? 
_entity_src_gen.pdbx_gene_src_atcc                 ? 
_entity_src_gen.pdbx_gene_src_organ                ? 
_entity_src_gen.pdbx_gene_src_organelle            ? 
_entity_src_gen.pdbx_gene_src_cell                 ? 
_entity_src_gen.pdbx_gene_src_cellular_location    ? 
_entity_src_gen.host_org_common_name               ? 
_entity_src_gen.pdbx_host_org_scientific_name      'Escherichia Coli' 
_entity_src_gen.pdbx_host_org_ncbi_taxonomy_id     562 
_entity_src_gen.host_org_genus                     ? 
_entity_src_gen.pdbx_host_org_gene                 ? 
_entity_src_gen.pdbx_host_org_organ                ? 
_entity_src_gen.host_org_species                   ? 
_entity_src_gen.pdbx_host_org_tissue               ? 
_entity_src_gen.pdbx_host_org_tissue_fraction      ? 
_entity_src_gen.pdbx_host_org_strain               ? 
_entity_src_gen.pdbx_host_org_variant              ? 
_entity_src_gen.pdbx_host_org_cell_line            ? 
_entity_src_gen.pdbx_host_org_atcc                 ? 
_entity_src_gen.pdbx_host_org_culture_collection   ? 
_entity_src_gen.pdbx_host_org_cell                 ? 
_entity_src_gen.pdbx_host_org_organelle            ? 
_entity_src_gen.pdbx_host_org_cellular_location    ? 
_entity_src_gen.pdbx_host_org_vector_type          ? 
_entity_src_gen.pdbx_host_org_vector               ? 
_entity_src_gen.host_org_details                   ? 
_entity_src_gen.expression_system_id               ? 
_entity_src_gen.plasmid_name                       ? 
_entity_src_gen.plasmid_details                    ? 
_entity_src_gen.pdbx_description                   ? 
# 
_pdbx_entity_src_syn.entity_id              2 
_pdbx_entity_src_syn.pdbx_src_id            1 
_pdbx_entity_src_syn.pdbx_alt_source_flag   sample 
_pdbx_entity_src_syn.pdbx_beg_seq_num       ? 
_pdbx_entity_src_syn.pdbx_end_seq_num       ? 
_pdbx_entity_src_syn.organism_scientific    'Homo sapiens' 
_pdbx_entity_src_syn.organism_common_name   human 
_pdbx_entity_src_syn.ncbi_taxonomy_id       9606 
_pdbx_entity_src_syn.details                'This Sequence occurs naturally in Humans.' 
# 
loop_
_chem_comp.id 
_chem_comp.type 
_chem_comp.mon_nstd_flag 
_chem_comp.name 
_chem_comp.pdbx_synonyms 
_chem_comp.formula 
_chem_comp.formula_weight 
ALA 'L-peptide linking' y ALANINE         ? 'C3 H7 N O2'     89.093  
ARG 'L-peptide linking' y ARGININE        ? 'C6 H15 N4 O2 1' 175.209 
ASN 'L-peptide linking' y ASPARAGINE      ? 'C4 H8 N2 O3'    132.118 
ASP 'L-peptide linking' y 'ASPARTIC ACID' ? 'C4 H7 N O4'     133.103 
CYS 'L-peptide linking' y CYSTEINE        ? 'C3 H7 N O2 S'   121.158 
GLN 'L-peptide linking' y GLUTAMINE       ? 'C5 H10 N2 O3'   146.144 
GLU 'L-peptide linking' y 'GLUTAMIC ACID' ? 'C5 H9 N O4'     147.129 
GLY 'peptide linking'   y GLYCINE         ? 'C2 H5 N O2'     75.067  
HIS 'L-peptide linking' y HISTIDINE       ? 'C6 H10 N3 O2 1' 156.162 
HOH non-polymer         . WATER           ? 'H2 O'           18.015  
ILE 'L-peptide linking' y ISOLEUCINE      ? 'C6 H13 N O2'    131.173 
LEU 'L-peptide linking' y LEUCINE         ? 'C6 H13 N O2'    131.173 
LYS 'L-peptide linking' y LYSINE          ? 'C6 H15 N2 O2 1' 147.195 
MET 'L-peptide linking' y METHIONINE      ? 'C5 H11 N O2 S'  149.211 
PHE 'L-peptide linking' y PHENYLALANINE   ? 'C9 H11 N O2'    165.189 
PRO 'L-peptide linking' y PROLINE         ? 'C5 H9 N O2'     115.130 
SER 'L-peptide linking' y SERINE          ? 'C3 H7 N O3'     105.093 
THR 'L-peptide linking' y THREONINE       ? 'C4 H9 N O3'     119.119 
TYR 'L-peptide linking' y TYROSINE        ? 'C9 H11 N O3'    181.189 
VAL 'L-peptide linking' y VALINE          ? 'C5 H11 N O2'    117.146 
# 
loop_
_pdbx_poly_seq_scheme.asym_id 
_pdbx_poly_seq_scheme.entity_id 
_pdbx_poly_seq_scheme.seq_id 
_pdbx_poly_seq_scheme.mon_id 
_pdbx_poly_seq_scheme.ndb_seq_num 
_pdbx_poly_seq_scheme.pdb_seq_num 
_pdbx_poly_seq_scheme.auth_seq_num 
_pdbx_poly_seq_scheme.pdb_mon_id 
_pdbx_poly_seq_scheme.auth_mon_id 
_pdbx_poly_seq_scheme.pdb_strand_id 
_pdbx_poly_seq_scheme.pdb_ins_code 
_pdbx_poly_seq_scheme.hetero 
A 1 1  ALA 1  202 ?   ?   ?   A . n 
A 1 2  ASN 2  203 ?   ?   ?   A . n 
A 1 3  GLY 3  204 204 GLY GLY A . n 
A 1 4  LEU 4  205 205 LEU LEU A . n 
A 1 5  THR 5  206 206 THR THR A . n 
A 1 6  VAL 6  207 207 VAL VAL A . n 
A 1 7  ALA 7  208 208 ALA ALA A . n 
A 1 8  GLN 8  209 209 GLN GLN A . n 
A 1 9  ASN 9  210 210 ASN ASN A . n 
A 1 10 GLN 10 211 211 GLN GLN A . n 
A 1 11 VAL 11 212 212 VAL VAL A . n 
A 1 12 LEU 12 213 213 LEU LEU A . n 
A 1 13 ASN 13 214 214 ASN ASN A . n 
A 1 14 LEU 14 215 215 LEU LEU A . n 
A 1 15 ILE 15 216 216 ILE ILE A . n 
A 1 16 LYS 16 217 217 LYS LYS A . n 
A 1 17 ALA 17 218 218 ALA ALA A . n 
A 1 18 CYS 18 219 219 CYS CYS A . n 
A 1 19 PRO 19 220 220 PRO PRO A . n 
A 1 20 ARG 20 221 221 ARG ARG A . n 
A 1 21 PRO 21 222 222 PRO PRO A . n 
A 1 22 GLU 22 223 223 GLU GLU A . n 
A 1 23 GLY 23 224 224 GLY GLY A . n 
A 1 24 LEU 24 225 225 LEU LEU A . n 
A 1 25 ASN 25 226 226 ASN ASN A . n 
A 1 26 PHE 26 227 227 PHE PHE A . n 
A 1 27 GLN 27 228 228 GLN GLN A . n 
A 1 28 ASP 28 229 229 ASP ASP A . n 
A 1 29 LEU 29 230 230 LEU LEU A . n 
A 1 30 LYS 30 231 231 LYS LYS A . n 
A 1 31 ASN 31 232 232 ASN ASN A . n 
A 1 32 GLN 32 233 233 GLN GLN A . n 
A 1 33 LEU 33 234 234 LEU LEU A . n 
A 1 34 LYS 34 235 235 LYS LYS A . n 
A 1 35 HIS 35 236 236 HIS HIS A . n 
A 1 36 MET 36 237 237 MET MET A . n 
A 1 37 SER 37 238 238 SER SER A . n 
A 1 38 VAL 38 239 239 VAL VAL A . n 
A 1 39 SER 39 240 240 SER SER A . n 
A 1 40 SER 40 241 241 SER SER A . n 
A 1 41 ILE 41 242 242 ILE ILE A . n 
A 1 42 LYS 42 243 243 LYS LYS A . n 
A 1 43 GLN 43 244 244 GLN GLN A . n 
A 1 44 ALA 44 245 245 ALA ALA A . n 
A 1 45 VAL 45 246 246 VAL VAL A . n 
A 1 46 ASP 46 247 247 ASP ASP A . n 
A 1 47 PHE 47 248 248 PHE PHE A . n 
A 1 48 LEU 48 249 249 LEU LEU A . n 
A 1 49 SER 49 250 250 SER SER A . n 
A 1 50 ASN 50 251 251 ASN ASN A . n 
A 1 51 GLU 51 252 252 GLU GLU A . n 
A 1 52 GLY 52 253 253 GLY GLY A . n 
A 1 53 HIS 53 254 254 HIS HIS A . n 
A 1 54 ILE 54 255 255 ILE ILE A . n 
A 1 55 TYR 55 256 256 TYR TYR A . n 
A 1 56 SER 56 257 257 SER SER A . n 
A 1 57 THR 57 258 258 THR THR A . n 
A 1 58 VAL 58 259 259 VAL VAL A . n 
A 1 59 ASP 59 260 260 ASP ASP A . n 
A 1 60 ASP 60 261 261 ASP ASP A . n 
A 1 61 ASP 61 262 262 ASP ASP A . n 
A 1 62 HIS 62 263 263 HIS HIS A . n 
A 1 63 PHE 63 264 264 PHE PHE A . n 
A 1 64 LYS 64 265 265 LYS LYS A . n 
A 1 65 SER 65 266 266 SER SER A . n 
A 1 66 THR 66 267 267 THR THR A . n 
A 1 67 ASP 67 268 268 ASP ASP A . n 
A 1 68 ALA 68 269 ?   ?   ?   A . n 
A 1 69 GLU 69 270 ?   ?   ?   A . n 
B 2 1  LEU 1  5   5   LEU LEU B . n 
B 2 2  THR 2  6   6   THR THR B . n 
B 2 3  GLU 3  7   7   GLU GLU B . n 
B 2 4  GLU 4  8   8   GLU GLU B . n 
B 2 5  GLN 5  9   9   GLN GLN B . n 
B 2 6  ARG 6  10  10  ARG ARG B . n 
B 2 7  LYS 7  11  11  LYS LYS B . n 
B 2 8  LYS 8  12  12  LYS LYS B . n 
B 2 9  ILE 9  13  13  ILE ILE B . n 
B 2 10 GLU 10 14  14  GLU GLU B . n 
B 2 11 GLU 11 15  15  GLU GLU B . n 
B 2 12 ASN 12 16  16  ASN ASN B . n 
B 2 13 ARG 13 17  17  ARG ARG B . n 
B 2 14 GLN 14 18  18  GLN GLN B . n 
B 2 15 LYS 15 19  19  LYS LYS B . n 
B 2 16 ALA 16 20  20  ALA ALA B . n 
B 2 17 LEU 17 21  21  LEU LEU B . n 
B 2 18 ALA 18 22  22  ALA ALA B . n 
B 2 19 ARG 19 23  23  ARG ARG B . n 
B 2 20 ARG 20 24  24  ARG ARG B . n 
B 2 21 ALA 21 25  25  ALA ALA B . n 
B 2 22 GLU 22 26  26  GLU GLU B . n 
B 2 23 LYS 23 27  27  LYS LYS B . n 
B 2 24 LEU 24 28  28  LEU LEU B . n 
B 2 25 LEU 25 29  29  LEU LEU B . n 
B 2 26 ALA 26 30  30  ALA ALA B . n 
C 1 1  ALA 1  202 ?   ?   ?   C . n 
C 1 2  ASN 2  203 ?   ?   ?   C . n 
C 1 3  GLY 3  204 204 GLY GLY C . n 
C 1 4  LEU 4  205 205 LEU LEU C . n 
C 1 5  THR 5  206 206 THR THR C . n 
C 1 6  VAL 6  207 207 VAL VAL C . n 
C 1 7  ALA 7  208 208 ALA ALA C . n 
C 1 8  GLN 8  209 209 GLN GLN C . n 
C 1 9  ASN 9  210 210 ASN ASN C . n 
C 1 10 GLN 10 211 211 GLN GLN C . n 
C 1 11 VAL 11 212 212 VAL VAL C . n 
C 1 12 LEU 12 213 213 LEU LEU C . n 
C 1 13 ASN 13 214 214 ASN ASN C . n 
C 1 14 LEU 14 215 215 LEU LEU C . n 
C 1 15 ILE 15 216 216 ILE ILE C . n 
C 1 16 LYS 16 217 217 LYS LYS C . n 
C 1 17 ALA 17 218 218 ALA ALA C . n 
C 1 18 CYS 18 219 219 CYS CYS C . n 
C 1 19 PRO 19 220 220 PRO PRO C . n 
C 1 20 ARG 20 221 221 ARG ARG C . n 
C 1 21 PRO 21 222 222 PRO PRO C . n 
C 1 22 GLU 22 223 223 GLU GLU C . n 
C 1 23 GLY 23 224 224 GLY GLY C . n 
C 1 24 LEU 24 225 225 LEU LEU C . n 
C 1 25 ASN 25 226 226 ASN ASN C . n 
C 1 26 PHE 26 227 227 PHE PHE C . n 
C 1 27 GLN 27 228 228 GLN GLN C . n 
C 1 28 ASP 28 229 229 ASP ASP C . n 
C 1 29 LEU 29 230 230 LEU LEU C . n 
C 1 30 LYS 30 231 231 LYS LYS C . n 
C 1 31 ASN 31 232 232 ASN ASN C . n 
C 1 32 GLN 32 233 233 GLN GLN C . n 
C 1 33 LEU 33 234 234 LEU LEU C . n 
C 1 34 LYS 34 235 235 LYS LYS C . n 
C 1 35 HIS 35 236 236 HIS HIS C . n 
C 1 36 MET 36 237 237 MET MET C . n 
C 1 37 SER 37 238 238 SER SER C . n 
C 1 38 VAL 38 239 239 VAL VAL C . n 
C 1 39 SER 39 240 240 SER SER C . n 
C 1 40 SER 40 241 241 SER SER C . n 
C 1 41 ILE 41 242 242 ILE ILE C . n 
C 1 42 LYS 42 243 243 LYS LYS C . n 
C 1 43 GLN 43 244 244 GLN GLN C . n 
C 1 44 ALA 44 245 245 ALA ALA C . n 
C 1 45 VAL 45 246 246 VAL VAL C . n 
C 1 46 ASP 46 247 247 ASP ASP C . n 
C 1 47 PHE 47 248 248 PHE PHE C . n 
C 1 48 LEU 48 249 249 LEU LEU C . n 
C 1 49 SER 49 250 250 SER SER C . n 
C 1 50 ASN 50 251 251 ASN ASN C . n 
C 1 51 GLU 51 252 252 GLU GLU C . n 
C 1 52 GLY 52 253 253 GLY GLY C . n 
C 1 53 HIS 53 254 254 HIS HIS C . n 
C 1 54 ILE 54 255 255 ILE ILE C . n 
C 1 55 TYR 55 256 256 TYR TYR C . n 
C 1 56 SER 56 257 257 SER SER C . n 
C 1 57 THR 57 258 258 THR THR C . n 
C 1 58 VAL 58 259 259 VAL VAL C . n 
C 1 59 ASP 59 260 260 ASP ASP C . n 
C 1 60 ASP 60 261 261 ASP ASP C . n 
C 1 61 ASP 61 262 262 ASP ASP C . n 
C 1 62 HIS 62 263 263 HIS HIS C . n 
C 1 63 PHE 63 264 264 PHE PHE C . n 
C 1 64 LYS 64 265 265 LYS LYS C . n 
C 1 65 SER 65 266 266 SER SER C . n 
C 1 66 THR 66 267 267 THR THR C . n 
C 1 67 ASP 67 268 268 ASP ASP C . n 
C 1 68 ALA 68 269 ?   ?   ?   C . n 
C 1 69 GLU 69 270 ?   ?   ?   C . n 
D 2 1  LEU 1  5   5   LEU LEU D . n 
D 2 2  THR 2  6   6   THR THR D . n 
D 2 3  GLU 3  7   7   GLU GLU D . n 
D 2 4  GLU 4  8   8   GLU GLU D . n 
D 2 5  GLN 5  9   9   GLN GLN D . n 
D 2 6  ARG 6  10  10  ARG ARG D . n 
D 2 7  LYS 7  11  11  LYS LYS D . n 
D 2 8  LYS 8  12  12  LYS LYS D . n 
D 2 9  ILE 9  13  13  ILE ILE D . n 
D 2 10 GLU 10 14  14  GLU GLU D . n 
D 2 11 GLU 11 15  15  GLU GLU D . n 
D 2 12 ASN 12 16  16  ASN ASN D . n 
D 2 13 ARG 13 17  17  ARG ARG D . n 
D 2 14 GLN 14 18  18  GLN GLN D . n 
D 2 15 LYS 15 19  19  LYS LYS D . n 
D 2 16 ALA 16 20  20  ALA ALA D . n 
D 2 17 LEU 17 21  21  LEU LEU D . n 
D 2 18 ALA 18 22  22  ALA ALA D . n 
D 2 19 ARG 19 23  23  ARG ARG D . n 
D 2 20 ARG 20 24  24  ARG ARG D . n 
D 2 21 ALA 21 25  25  ALA ALA D . n 
D 2 22 GLU 22 26  26  GLU GLU D . n 
D 2 23 LYS 23 27  27  LYS LYS D . n 
D 2 24 LEU 24 28  28  LEU LEU D . n 
D 2 25 LEU 25 29  29  LEU LEU D . n 
D 2 26 ALA 26 30  30  ALA ALA D . n 
# 
loop_
_pdbx_nonpoly_scheme.asym_id 
_pdbx_nonpoly_scheme.entity_id 
_pdbx_nonpoly_scheme.mon_id 
_pdbx_nonpoly_scheme.ndb_seq_num 
_pdbx_nonpoly_scheme.pdb_seq_num 
_pdbx_nonpoly_scheme.auth_seq_num 
_pdbx_nonpoly_scheme.pdb_mon_id 
_pdbx_nonpoly_scheme.auth_mon_id 
_pdbx_nonpoly_scheme.pdb_strand_id 
_pdbx_nonpoly_scheme.pdb_ins_code 
E 3 HOH 1  301 1   HOH HOH A . 
E 3 HOH 2  302 3   HOH HOH A . 
E 3 HOH 3  303 4   HOH HOH A . 
E 3 HOH 4  304 5   HOH HOH A . 
E 3 HOH 5  305 6   HOH HOH A . 
E 3 HOH 6  306 7   HOH HOH A . 
E 3 HOH 7  307 9   HOH HOH A . 
E 3 HOH 8  308 12  HOH HOH A . 
E 3 HOH 9  309 13  HOH HOH A . 
E 3 HOH 10 310 14  HOH HOH A . 
E 3 HOH 11 311 19  HOH HOH A . 
E 3 HOH 12 312 30  HOH HOH A . 
E 3 HOH 13 313 32  HOH HOH A . 
E 3 HOH 14 314 36  HOH HOH A . 
E 3 HOH 15 315 37  HOH HOH A . 
E 3 HOH 16 316 39  HOH HOH A . 
E 3 HOH 17 317 44  HOH HOH A . 
E 3 HOH 18 318 45  HOH HOH A . 
E 3 HOH 19 319 48  HOH HOH A . 
E 3 HOH 20 320 50  HOH HOH A . 
E 3 HOH 21 321 52  HOH HOH A . 
E 3 HOH 22 322 66  HOH HOH A . 
E 3 HOH 23 323 68  HOH HOH A . 
E 3 HOH 24 324 69  HOH HOH A . 
E 3 HOH 25 325 72  HOH HOH A . 
E 3 HOH 26 326 73  HOH HOH A . 
E 3 HOH 27 327 75  HOH HOH A . 
E 3 HOH 28 328 88  HOH HOH A . 
E 3 HOH 29 329 91  HOH HOH A . 
E 3 HOH 30 330 114 HOH HOH A . 
E 3 HOH 31 331 116 HOH HOH A . 
E 3 HOH 32 332 121 HOH HOH A . 
E 3 HOH 33 333 122 HOH HOH A . 
E 3 HOH 34 334 123 HOH HOH A . 
E 3 HOH 35 335 133 HOH HOH A . 
E 3 HOH 36 336 140 HOH HOH A . 
E 3 HOH 37 337 147 HOH HOH A . 
E 3 HOH 38 338 148 HOH HOH A . 
E 3 HOH 39 339 271 HOH HOH A . 
E 3 HOH 40 340 272 HOH HOH A . 
E 3 HOH 41 341 273 HOH HOH A . 
E 3 HOH 42 342 274 HOH HOH A . 
F 3 HOH 1  101 31  HOH HOH B . 
F 3 HOH 2  102 32  HOH HOH B . 
F 3 HOH 3  103 33  HOH HOH B . 
F 3 HOH 4  104 34  HOH HOH B . 
F 3 HOH 5  105 42  HOH HOH B . 
F 3 HOH 6  106 43  HOH HOH B . 
F 3 HOH 7  107 49  HOH HOH B . 
F 3 HOH 8  108 53  HOH HOH B . 
F 3 HOH 9  109 55  HOH HOH B . 
F 3 HOH 10 110 57  HOH HOH B . 
F 3 HOH 11 111 58  HOH HOH B . 
F 3 HOH 12 112 71  HOH HOH B . 
F 3 HOH 13 113 74  HOH HOH B . 
F 3 HOH 14 114 81  HOH HOH B . 
F 3 HOH 15 115 87  HOH HOH B . 
F 3 HOH 16 116 115 HOH HOH B . 
F 3 HOH 17 117 119 HOH HOH B . 
F 3 HOH 18 118 138 HOH HOH B . 
F 3 HOH 19 119 143 HOH HOH B . 
F 3 HOH 20 120 144 HOH HOH B . 
G 3 HOH 1  301 2   HOH HOH C . 
G 3 HOH 2  302 3   HOH HOH C . 
G 3 HOH 3  303 8   HOH HOH C . 
G 3 HOH 4  304 10  HOH HOH C . 
G 3 HOH 5  305 11  HOH HOH C . 
G 3 HOH 6  306 15  HOH HOH C . 
G 3 HOH 7  307 18  HOH HOH C . 
G 3 HOH 8  308 21  HOH HOH C . 
G 3 HOH 9  309 22  HOH HOH C . 
G 3 HOH 10 310 23  HOH HOH C . 
G 3 HOH 11 311 26  HOH HOH C . 
G 3 HOH 12 312 27  HOH HOH C . 
G 3 HOH 13 313 28  HOH HOH C . 
G 3 HOH 14 314 29  HOH HOH C . 
G 3 HOH 15 315 30  HOH HOH C . 
G 3 HOH 16 316 31  HOH HOH C . 
G 3 HOH 17 317 33  HOH HOH C . 
G 3 HOH 18 318 35  HOH HOH C . 
G 3 HOH 19 319 38  HOH HOH C . 
G 3 HOH 20 320 41  HOH HOH C . 
G 3 HOH 21 321 46  HOH HOH C . 
G 3 HOH 22 322 54  HOH HOH C . 
G 3 HOH 23 323 56  HOH HOH C . 
G 3 HOH 24 324 59  HOH HOH C . 
G 3 HOH 25 325 60  HOH HOH C . 
G 3 HOH 26 326 62  HOH HOH C . 
G 3 HOH 27 327 64  HOH HOH C . 
G 3 HOH 28 328 70  HOH HOH C . 
G 3 HOH 29 329 76  HOH HOH C . 
G 3 HOH 30 330 77  HOH HOH C . 
G 3 HOH 31 331 82  HOH HOH C . 
G 3 HOH 32 332 84  HOH HOH C . 
G 3 HOH 33 333 86  HOH HOH C . 
G 3 HOH 34 334 89  HOH HOH C . 
G 3 HOH 35 335 90  HOH HOH C . 
G 3 HOH 36 336 92  HOH HOH C . 
G 3 HOH 37 337 95  HOH HOH C . 
G 3 HOH 38 338 96  HOH HOH C . 
G 3 HOH 39 339 125 HOH HOH C . 
G 3 HOH 40 340 129 HOH HOH C . 
G 3 HOH 41 341 132 HOH HOH C . 
G 3 HOH 42 342 134 HOH HOH C . 
G 3 HOH 43 343 135 HOH HOH C . 
G 3 HOH 44 344 136 HOH HOH C . 
G 3 HOH 45 345 137 HOH HOH C . 
G 3 HOH 46 346 139 HOH HOH C . 
G 3 HOH 47 347 145 HOH HOH C . 
G 3 HOH 48 348 146 HOH HOH C . 
G 3 HOH 49 349 149 HOH HOH C . 
G 3 HOH 50 350 150 HOH HOH C . 
G 3 HOH 51 351 271 HOH HOH C . 
G 3 HOH 52 352 272 HOH HOH C . 
H 3 HOH 1  101 31  HOH HOH D . 
H 3 HOH 2  102 32  HOH HOH D . 
H 3 HOH 3  103 34  HOH HOH D . 
H 3 HOH 4  104 40  HOH HOH D . 
H 3 HOH 5  105 47  HOH HOH D . 
H 3 HOH 6  106 51  HOH HOH D . 
H 3 HOH 7  107 61  HOH HOH D . 
H 3 HOH 8  108 65  HOH HOH D . 
H 3 HOH 9  109 67  HOH HOH D . 
H 3 HOH 10 110 78  HOH HOH D . 
H 3 HOH 11 111 80  HOH HOH D . 
H 3 HOH 12 112 141 HOH HOH D . 
H 3 HOH 13 113 142 HOH HOH D . 
# 
loop_
_pdbx_unobs_or_zero_occ_atoms.id 
_pdbx_unobs_or_zero_occ_atoms.PDB_model_num 
_pdbx_unobs_or_zero_occ_atoms.polymer_flag 
_pdbx_unobs_or_zero_occ_atoms.occupancy_flag 
_pdbx_unobs_or_zero_occ_atoms.auth_asym_id 
_pdbx_unobs_or_zero_occ_atoms.auth_comp_id 
_pdbx_unobs_or_zero_occ_atoms.auth_seq_id 
_pdbx_unobs_or_zero_occ_atoms.PDB_ins_code 
_pdbx_unobs_or_zero_occ_atoms.auth_atom_id 
_pdbx_unobs_or_zero_occ_atoms.label_alt_id 
_pdbx_unobs_or_zero_occ_atoms.label_asym_id 
_pdbx_unobs_or_zero_occ_atoms.label_comp_id 
_pdbx_unobs_or_zero_occ_atoms.label_seq_id 
_pdbx_unobs_or_zero_occ_atoms.label_atom_id 
1  1 Y 1 B GLU 8   ? CG  ? B GLU 4  CG  
2  1 Y 1 B GLU 8   ? CD  ? B GLU 4  CD  
3  1 Y 1 B GLU 8   ? OE1 ? B GLU 4  OE1 
4  1 Y 1 B GLU 8   ? OE2 ? B GLU 4  OE2 
5  1 Y 1 C GLN 244 ? CD  ? C GLN 43 CD  
6  1 Y 1 C GLN 244 ? OE1 ? C GLN 43 OE1 
7  1 Y 1 C GLN 244 ? NE2 ? C GLN 43 NE2 
8  1 Y 1 D GLU 7   ? CD  ? D GLU 3  CD  
9  1 Y 1 D GLU 7   ? OE1 ? D GLU 3  OE1 
10 1 Y 1 D GLU 7   ? OE2 ? D GLU 3  OE2 
11 1 Y 1 D ARG 10  ? CZ  ? D ARG 6  CZ  
12 1 Y 1 D ARG 10  ? NH1 ? D ARG 6  NH1 
13 1 Y 1 D ARG 10  ? NH2 ? D ARG 6  NH2 
# 
loop_
_software.name 
_software.classification 
_software.version 
_software.citation_id 
_software.pdbx_ordinal 
ADSC     'data collection' Quantum  ? 1 
MOLREP   phasing           .        ? 2 
REFMAC   refinement        5.5.0087 ? 3 
HKL-2000 'data reduction'  .        ? 4 
HKL-2000 'data scaling'    .        ? 5 
# 
_cell.entry_id           4MQV 
_cell.length_a           149.089 
_cell.length_b           149.089 
_cell.length_c           46.055 
_cell.angle_alpha        90.00 
_cell.angle_beta         90.00 
_cell.angle_gamma        120.00 
_cell.Z_PDB              24 
_cell.pdbx_unique_axis   ? 
_cell.length_a_esd       ? 
_cell.length_b_esd       ? 
_cell.length_c_esd       ? 
_cell.angle_alpha_esd    ? 
_cell.angle_beta_esd     ? 
_cell.angle_gamma_esd    ? 
# 
_symmetry.entry_id                         4MQV 
_symmetry.space_group_name_H-M             'P 6 2 2' 
_symmetry.pdbx_full_space_group_name_H-M   ? 
_symmetry.cell_setting                     ? 
_symmetry.Int_Tables_number                177 
_symmetry.space_group_name_Hall            ? 
# 
_exptl.entry_id          4MQV 
_exptl.method            'X-RAY DIFFRACTION' 
_exptl.crystals_number   1 
# 
_exptl_crystal.id                    1 
_exptl_crystal.density_meas          ? 
_exptl_crystal.density_Matthews      3.43 
_exptl_crystal.density_percent_sol   64.10 
_exptl_crystal.description           ? 
_exptl_crystal.F_000                 ? 
_exptl_crystal.preparation           ? 
# 
_exptl_crystal_grow.crystal_id      1 
_exptl_crystal_grow.method          'VAPOR DIFFUSION' 
_exptl_crystal_grow.temp            298 
_exptl_crystal_grow.temp_details    ? 
_exptl_crystal_grow.pH              8.0 
_exptl_crystal_grow.pdbx_details    '25% PEG 4000, 0.2M Sodium Acetate, pH 8.0, VAPOR DIFFUSION, temperature 298K' 
_exptl_crystal_grow.pdbx_pH_range   . 
# 
_diffrn.id                     1 
_diffrn.ambient_temp           100 
_diffrn.ambient_temp_details   ? 
_diffrn.crystal_id             1 
# 
_diffrn_detector.diffrn_id              1 
_diffrn_detector.detector               CCD 
_diffrn_detector.type                   'ADSC QUANTUM 315' 
_diffrn_detector.pdbx_collection_date   2011-04-07 
_diffrn_detector.details                ? 
# 
_diffrn_radiation.diffrn_id                        1 
_diffrn_radiation.wavelength_id                    1 
_diffrn_radiation.pdbx_monochromatic_or_laue_m_l   M 
_diffrn_radiation.monochromator                    MONOCHROMATOR 
_diffrn_radiation.pdbx_diffrn_protocol             'SINGLE WAVELENGTH' 
_diffrn_radiation.pdbx_scattering_type             x-ray 
# 
_diffrn_radiation_wavelength.id           1 
_diffrn_radiation_wavelength.wavelength   0.97915 
_diffrn_radiation_wavelength.wt           1.0 
# 
_diffrn_source.diffrn_id                   1 
_diffrn_source.source                      SYNCHROTRON 
_diffrn_source.type                        'SSRF BEAMLINE BL17U' 
_diffrn_source.pdbx_synchrotron_site       SSRF 
_diffrn_source.pdbx_synchrotron_beamline   BL17U 
_diffrn_source.pdbx_wavelength             ? 
_diffrn_source.pdbx_wavelength_list        0.97915 
# 
_reflns.entry_id                     4MQV 
_reflns.observed_criterion_sigma_I   1.000 
_reflns.observed_criterion_sigma_F   0.0 
_reflns.d_resolution_low             20.000 
_reflns.d_resolution_high            1.950 
_reflns.number_obs                   21338 
_reflns.number_all                   21338 
_reflns.percent_possible_obs         94.8 
_reflns.pdbx_Rmerge_I_obs            ? 
_reflns.pdbx_Rsym_value              ? 
_reflns.pdbx_netI_over_sigmaI        ? 
_reflns.B_iso_Wilson_estimate        ? 
_reflns.pdbx_redundancy              ? 
_reflns.R_free_details               ? 
_reflns.limit_h_max                  ? 
_reflns.limit_h_min                  ? 
_reflns.limit_k_max                  ? 
_reflns.limit_k_min                  ? 
_reflns.limit_l_max                  ? 
_reflns.limit_l_min                  ? 
_reflns.observed_criterion_F_max     ? 
_reflns.observed_criterion_F_min     ? 
_reflns.pdbx_chi_squared             ? 
_reflns.pdbx_scaling_rejects         ? 
_reflns.pdbx_ordinal                 1 
_reflns.pdbx_diffrn_id               1 
# 
_reflns_shell.d_res_high                  1.95 
_reflns_shell.d_res_low                   ? 
_reflns_shell.percent_possible_all        94.8 
_reflns_shell.Rmerge_I_obs                ? 
_reflns_shell.pdbx_Rsym_value             ? 
_reflns_shell.meanI_over_sigI_obs         ? 
_reflns_shell.pdbx_redundancy             ? 
_reflns_shell.percent_possible_obs        ? 
_reflns_shell.number_unique_all           ? 
_reflns_shell.number_measured_all         ? 
_reflns_shell.number_measured_obs         ? 
_reflns_shell.number_unique_obs           ? 
_reflns_shell.pdbx_chi_squared            ? 
_reflns_shell.pdbx_rejects                ? 
_reflns_shell.pdbx_netI_over_sigmaI_obs   ? 
_reflns_shell.number_possible             ? 
_reflns_shell.Rmerge_F_all                ? 
_reflns_shell.Rmerge_F_obs                ? 
_reflns_shell.Rmerge_I_all                ? 
_reflns_shell.meanI_over_sigI_all         ? 
_reflns_shell.pdbx_Rrim_I_all             ? 
_reflns_shell.pdbx_Rpim_I_all             ? 
_reflns_shell.pdbx_ordinal                1 
_reflns_shell.pdbx_diffrn_id              1 
# 
_refine.entry_id                                 4MQV 
_refine.ls_number_reflns_obs                     21338 
_refine.ls_number_reflns_all                     22503 
_refine.pdbx_ls_sigma_I                          ? 
_refine.pdbx_ls_sigma_F                          2.0 
_refine.pdbx_data_cutoff_high_absF               ? 
_refine.pdbx_data_cutoff_low_absF                ? 
_refine.pdbx_data_cutoff_high_rms_absF           ? 
_refine.ls_d_res_low                             19.59 
_refine.ls_d_res_high                            1.95 
_refine.ls_percent_reflns_obs                    100.0 
_refine.ls_R_factor_obs                          0.193 
_refine.ls_R_factor_all                          0.193 
_refine.ls_R_factor_R_work                       0.192 
_refine.ls_R_factor_R_free                       0.220 
_refine.ls_R_factor_R_free_error                 ? 
_refine.ls_R_factor_R_free_error_details         ? 
_refine.ls_percent_reflns_R_free                 5.100 
_refine.ls_number_reflns_R_free                  1148 
_refine.ls_number_parameters                     ? 
_refine.ls_number_restraints                     ? 
_refine.occupancy_min                            ? 
_refine.occupancy_max                            ? 
_refine.correlation_coeff_Fo_to_Fc               0.954 
_refine.correlation_coeff_Fo_to_Fc_free          0.950 
_refine.B_iso_mean                               30.90 
_refine.aniso_B[1][1]                            -0.01000 
_refine.aniso_B[2][2]                            -0.01000 
_refine.aniso_B[3][3]                            0.02000 
_refine.aniso_B[1][2]                            -0.01000 
_refine.aniso_B[1][3]                            0.00000 
_refine.aniso_B[2][3]                            0.00000 
_refine.solvent_model_details                    'BABINET MODEL WITH MASK' 
_refine.solvent_model_param_ksol                 ? 
_refine.solvent_model_param_bsol                 ? 
_refine.pdbx_solvent_vdw_probe_radii             1.40 
_refine.pdbx_solvent_ion_probe_radii             0.80 
_refine.pdbx_solvent_shrinkage_radii             0.80 
_refine.pdbx_ls_cross_valid_method               THROUGHOUT 
_refine.details                                  ? 
_refine.pdbx_starting_model                      ? 
_refine.pdbx_method_to_determine_struct          'MOLECULAR REPLACEMENT' 
_refine.pdbx_isotropic_thermal_model             ? 
_refine.pdbx_stereochemistry_target_values       'MAXIMUM LIKELIHOOD' 
_refine.pdbx_stereochem_target_val_spec_case     ? 
_refine.pdbx_R_Free_selection_details            RANDOM 
_refine.pdbx_overall_ESU_R                       ? 
_refine.pdbx_overall_ESU_R_Free                  0.120 
_refine.overall_SU_ML                            0.078 
_refine.pdbx_overall_phase_error                 ? 
_refine.overall_SU_B                             2.687 
_refine.overall_SU_R_Cruickshank_DPI             ? 
_refine.ls_redundancy_reflns_obs                 ? 
_refine.B_iso_min                                ? 
_refine.B_iso_max                                ? 
_refine.overall_SU_R_free                        ? 
_refine.ls_wR_factor_R_free                      ? 
_refine.ls_wR_factor_R_work                      ? 
_refine.overall_FOM_free_R_set                   ? 
_refine.overall_FOM_work_R_set                   ? 
_refine.pdbx_diffrn_id                           1 
_refine.pdbx_refine_id                           'X-RAY DIFFRACTION' 
_refine.pdbx_TLS_residual_ADP_flag               ? 
_refine.pdbx_overall_SU_R_free_Cruickshank_DPI   ? 
_refine.pdbx_overall_SU_R_Blow_DPI               ? 
_refine.pdbx_overall_SU_R_free_Blow_DPI          ? 
# 
_refine_hist.pdbx_refine_id                   'X-RAY DIFFRACTION' 
_refine_hist.cycle_id                         LAST 
_refine_hist.pdbx_number_atoms_protein        1441 
_refine_hist.pdbx_number_atoms_nucleic_acid   0 
_refine_hist.pdbx_number_atoms_ligand         0 
_refine_hist.number_atoms_solvent             127 
_refine_hist.number_atoms_total               1568 
_refine_hist.d_res_high                       1.95 
_refine_hist.d_res_low                        19.59 
# 
loop_
_refine_ls_restr.type 
_refine_ls_restr.dev_ideal 
_refine_ls_restr.dev_ideal_target 
_refine_ls_restr.weight 
_refine_ls_restr.number 
_refine_ls_restr.pdbx_restraint_function 
_refine_ls_restr.pdbx_refine_id 
r_bond_refined_d             0.019  0.022  ? 1513 ? 'X-RAY DIFFRACTION' 
r_bond_other_d               ?      ?      ? ?    ? 'X-RAY DIFFRACTION' 
r_angle_refined_deg          1.551  1.963  ? 2035 ? 'X-RAY DIFFRACTION' 
r_angle_other_deg            ?      ?      ? ?    ? 'X-RAY DIFFRACTION' 
r_dihedral_angle_1_deg       4.842  5.000  ? 190  ? 'X-RAY DIFFRACTION' 
r_dihedral_angle_2_deg       33.204 25.325 ? 77   ? 'X-RAY DIFFRACTION' 
r_dihedral_angle_3_deg       13.947 15.000 ? 305  ? 'X-RAY DIFFRACTION' 
r_dihedral_angle_4_deg       16.310 15.000 ? 11   ? 'X-RAY DIFFRACTION' 
r_chiral_restr               0.104  0.200  ? 230  ? 'X-RAY DIFFRACTION' 
r_gen_planes_refined         0.009  0.020  ? 1125 ? 'X-RAY DIFFRACTION' 
r_gen_planes_other           ?      ?      ? ?    ? 'X-RAY DIFFRACTION' 
r_nbd_refined                ?      ?      ? ?    ? 'X-RAY DIFFRACTION' 
r_nbd_other                  ?      ?      ? ?    ? 'X-RAY DIFFRACTION' 
r_nbtor_refined              ?      ?      ? ?    ? 'X-RAY DIFFRACTION' 
r_nbtor_other                ?      ?      ? ?    ? 'X-RAY DIFFRACTION' 
r_xyhbond_nbd_refined        ?      ?      ? ?    ? 'X-RAY DIFFRACTION' 
r_xyhbond_nbd_other          ?      ?      ? ?    ? 'X-RAY DIFFRACTION' 
r_metal_ion_refined          ?      ?      ? ?    ? 'X-RAY DIFFRACTION' 
r_metal_ion_other            ?      ?      ? ?    ? 'X-RAY DIFFRACTION' 
r_symmetry_vdw_refined       ?      ?      ? ?    ? 'X-RAY DIFFRACTION' 
r_symmetry_vdw_other         ?      ?      ? ?    ? 'X-RAY DIFFRACTION' 
r_symmetry_hbond_refined     ?      ?      ? ?    ? 'X-RAY DIFFRACTION' 
r_symmetry_hbond_other       ?      ?      ? ?    ? 'X-RAY DIFFRACTION' 
r_symmetry_metal_ion_refined ?      ?      ? ?    ? 'X-RAY DIFFRACTION' 
r_symmetry_metal_ion_other   ?      ?      ? ?    ? 'X-RAY DIFFRACTION' 
r_mcbond_it                  1.137  1.500  ? 934  ? 'X-RAY DIFFRACTION' 
r_mcbond_other               ?      ?      ? ?    ? 'X-RAY DIFFRACTION' 
r_mcangle_it                 2.113  2.000  ? 1505 ? 'X-RAY DIFFRACTION' 
r_mcangle_other              ?      ?      ? ?    ? 'X-RAY DIFFRACTION' 
r_scbond_it                  3.351  3.000  ? 579  ? 'X-RAY DIFFRACTION' 
r_scbond_other               ?      ?      ? ?    ? 'X-RAY DIFFRACTION' 
r_scangle_it                 5.614  4.500  ? 528  ? 'X-RAY DIFFRACTION' 
r_scangle_other              ?      ?      ? ?    ? 'X-RAY DIFFRACTION' 
r_long_range_B_refined       ?      ?      ? ?    ? 'X-RAY DIFFRACTION' 
r_long_range_B_other         ?      ?      ? ?    ? 'X-RAY DIFFRACTION' 
r_rigid_bond_restr           ?      ?      ? ?    ? 'X-RAY DIFFRACTION' 
r_sphericity_free            ?      ?      ? ?    ? 'X-RAY DIFFRACTION' 
r_sphericity_bonded          ?      ?      ? ?    ? 'X-RAY DIFFRACTION' 
# 
_refine_ls_shell.pdbx_refine_id                   'X-RAY DIFFRACTION' 
_refine_ls_shell.pdbx_total_number_of_bins_used   20 
_refine_ls_shell.d_res_high                       1.95 
_refine_ls_shell.d_res_low                        ? 
_refine_ls_shell.number_reflns_R_work             1543 
_refine_ls_shell.R_factor_R_work                  0.2110 
_refine_ls_shell.percent_reflns_obs               100.00 
_refine_ls_shell.R_factor_R_free                  0.2320 
_refine_ls_shell.R_factor_R_free_error            ? 
_refine_ls_shell.percent_reflns_R_free            ? 
_refine_ls_shell.number_reflns_R_free             88 
_refine_ls_shell.number_reflns_all                ? 
_refine_ls_shell.R_factor_all                     ? 
_refine_ls_shell.number_reflns_obs                ? 
_refine_ls_shell.redundancy_reflns_obs            ? 
# 
_struct.entry_id                  4MQV 
_struct.title                     'Crystal complex of Rpa32c and Smarcal1 N-terminus' 
_struct.pdbx_model_details        ? 
_struct.pdbx_CASP_flag            ? 
_struct.pdbx_model_type_details   ? 
# 
_struct_keywords.entry_id        4MQV 
_struct_keywords.pdbx_keywords   'PROTEIN BINDING' 
_struct_keywords.text            'Winged HTH Fold, Protein Binding, Nucleus' 
# 
loop_
_struct_asym.id 
_struct_asym.pdbx_blank_PDB_chainid_flag 
_struct_asym.pdbx_modified 
_struct_asym.entity_id 
_struct_asym.details 
A N N 1 ? 
B N N 2 ? 
C N N 1 ? 
D N N 2 ? 
E N N 3 ? 
F N N 3 ? 
G N N 3 ? 
H N N 3 ? 
# 
loop_
_struct_ref.id 
_struct_ref.db_name 
_struct_ref.db_code 
_struct_ref.entity_id 
_struct_ref.pdbx_seq_one_letter_code 
_struct_ref.pdbx_align_begin 
_struct_ref.pdbx_db_accession 
_struct_ref.pdbx_db_isoform 
1 UNP RFA2_HUMAN  1 ANGLTVAQNQVLNLIKACPRPEGLNFQDLKNQLKHMSVSSIKQAVDFLSNEGHIYSTVDDDHFKSTDAE 202 P15927 ? 
2 UNP SMAL1_HUMAN 2 LTEEQRKKIEENRQKALARRAEKLLA                                            5   Q9NZC9 ? 
# 
loop_
_struct_ref_seq.align_id 
_struct_ref_seq.ref_id 
_struct_ref_seq.pdbx_PDB_id_code 
_struct_ref_seq.pdbx_strand_id 
_struct_ref_seq.seq_align_beg 
_struct_ref_seq.pdbx_seq_align_beg_ins_code 
_struct_ref_seq.seq_align_end 
_struct_ref_seq.pdbx_seq_align_end_ins_code 
_struct_ref_seq.pdbx_db_accession 
_struct_ref_seq.db_align_beg 
_struct_ref_seq.pdbx_db_align_beg_ins_code 
_struct_ref_seq.db_align_end 
_struct_ref_seq.pdbx_db_align_end_ins_code 
_struct_ref_seq.pdbx_auth_seq_align_beg 
_struct_ref_seq.pdbx_auth_seq_align_end 
1 1 4MQV A 1 ? 69 ? P15927 202 ? 270 ? 202 270 
2 2 4MQV B 1 ? 26 ? Q9NZC9 5   ? 30  ? 5   30  
3 1 4MQV C 1 ? 69 ? P15927 202 ? 270 ? 202 270 
4 2 4MQV D 1 ? 26 ? Q9NZC9 5   ? 30  ? 5   30  
# 
loop_
_pdbx_struct_assembly.id 
_pdbx_struct_assembly.details 
_pdbx_struct_assembly.method_details 
_pdbx_struct_assembly.oligomeric_details 
_pdbx_struct_assembly.oligomeric_count 
1 author_and_software_defined_assembly PISA dimeric 2 
2 author_and_software_defined_assembly PISA dimeric 2 
# 
loop_
_pdbx_struct_assembly_prop.biol_id 
_pdbx_struct_assembly_prop.type 
_pdbx_struct_assembly_prop.value 
_pdbx_struct_assembly_prop.details 
1 'ABSA (A^2)' 1160 ? 
1 MORE         -4   ? 
1 'SSA (A^2)'  5720 ? 
2 'ABSA (A^2)' 1110 ? 
2 MORE         -4   ? 
2 'SSA (A^2)'  5900 ? 
# 
loop_
_pdbx_struct_assembly_gen.assembly_id 
_pdbx_struct_assembly_gen.oper_expression 
_pdbx_struct_assembly_gen.asym_id_list 
1 1 A,B,E,F 
2 1 C,D,G,H 
# 
_pdbx_struct_oper_list.id                   1 
_pdbx_struct_oper_list.type                 'identity operation' 
_pdbx_struct_oper_list.name                 1_555 
_pdbx_struct_oper_list.symmetry_operation   x,y,z 
_pdbx_struct_oper_list.matrix[1][1]         1.0000000000 
_pdbx_struct_oper_list.matrix[1][2]         0.0000000000 
_pdbx_struct_oper_list.matrix[1][3]         0.0000000000 
_pdbx_struct_oper_list.vector[1]            0.0000000000 
_pdbx_struct_oper_list.matrix[2][1]         0.0000000000 
_pdbx_struct_oper_list.matrix[2][2]         1.0000000000 
_pdbx_struct_oper_list.matrix[2][3]         0.0000000000 
_pdbx_struct_oper_list.vector[2]            0.0000000000 
_pdbx_struct_oper_list.matrix[3][1]         0.0000000000 
_pdbx_struct_oper_list.matrix[3][2]         0.0000000000 
_pdbx_struct_oper_list.matrix[3][3]         1.0000000000 
_pdbx_struct_oper_list.vector[3]            0.0000000000 
# 
_struct_biol.id        1 
_struct_biol.details   ? 
# 
loop_
_struct_conf.conf_type_id 
_struct_conf.id 
_struct_conf.pdbx_PDB_helix_id 
_struct_conf.beg_label_comp_id 
_struct_conf.beg_label_asym_id 
_struct_conf.beg_label_seq_id 
_struct_conf.pdbx_beg_PDB_ins_code 
_struct_conf.end_label_comp_id 
_struct_conf.end_label_asym_id 
_struct_conf.end_label_seq_id 
_struct_conf.pdbx_end_PDB_ins_code 
_struct_conf.beg_auth_comp_id 
_struct_conf.beg_auth_asym_id 
_struct_conf.beg_auth_seq_id 
_struct_conf.end_auth_comp_id 
_struct_conf.end_auth_asym_id 
_struct_conf.end_auth_seq_id 
_struct_conf.pdbx_PDB_helix_class 
_struct_conf.details 
_struct_conf.pdbx_PDB_helix_length 
HELX_P HELX_P1 1 THR A 5  ? CYS A 18 ? THR A 206 CYS A 219 1 ? 14 
HELX_P HELX_P2 2 PHE A 26 ? LEU A 33 ? PHE A 227 LEU A 234 1 ? 8  
HELX_P HELX_P3 3 SER A 37 ? GLU A 51 ? SER A 238 GLU A 252 1 ? 15 
HELX_P HELX_P4 4 THR B 2  ? ALA B 26 ? THR B 6   ALA B 30  1 ? 25 
HELX_P HELX_P5 5 THR C 5  ? ALA C 17 ? THR C 206 ALA C 218 1 ? 13 
HELX_P HELX_P6 6 PHE C 26 ? LEU C 33 ? PHE C 227 LEU C 234 1 ? 8  
HELX_P HELX_P7 7 SER C 37 ? GLU C 51 ? SER C 238 GLU C 252 1 ? 15 
HELX_P HELX_P8 8 THR D 2  ? GLU D 22 ? THR D 6   GLU D 26  1 ? 21 
# 
_struct_conf_type.id          HELX_P 
_struct_conf_type.criteria    ? 
_struct_conf_type.reference   ? 
# 
_struct_conn.id                            disulf1 
_struct_conn.conn_type_id                  disulf 
_struct_conn.pdbx_leaving_atom_flag        ? 
_struct_conn.pdbx_PDB_id                   ? 
_struct_conn.ptnr1_label_asym_id           A 
_struct_conn.ptnr1_label_comp_id           CYS 
_struct_conn.ptnr1_label_seq_id            18 
_struct_conn.ptnr1_label_atom_id           SG 
_struct_conn.pdbx_ptnr1_label_alt_id       ? 
_struct_conn.pdbx_ptnr1_PDB_ins_code       ? 
_struct_conn.pdbx_ptnr1_standard_comp_id   ? 
_struct_conn.ptnr1_symmetry                1_555 
_struct_conn.ptnr2_label_asym_id           C 
_struct_conn.ptnr2_label_comp_id           CYS 
_struct_conn.ptnr2_label_seq_id            18 
_struct_conn.ptnr2_label_atom_id           SG 
_struct_conn.pdbx_ptnr2_label_alt_id       ? 
_struct_conn.pdbx_ptnr2_PDB_ins_code       ? 
_struct_conn.ptnr1_auth_asym_id            A 
_struct_conn.ptnr1_auth_comp_id            CYS 
_struct_conn.ptnr1_auth_seq_id             219 
_struct_conn.ptnr2_auth_asym_id            C 
_struct_conn.ptnr2_auth_comp_id            CYS 
_struct_conn.ptnr2_auth_seq_id             219 
_struct_conn.ptnr2_symmetry                1_555 
_struct_conn.pdbx_ptnr3_label_atom_id      ? 
_struct_conn.pdbx_ptnr3_label_seq_id       ? 
_struct_conn.pdbx_ptnr3_label_comp_id      ? 
_struct_conn.pdbx_ptnr3_label_asym_id      ? 
_struct_conn.pdbx_ptnr3_label_alt_id       ? 
_struct_conn.pdbx_ptnr3_PDB_ins_code       ? 
_struct_conn.details                       ? 
_struct_conn.pdbx_dist_value               2.143 
_struct_conn.pdbx_value_order              ? 
_struct_conn.pdbx_role                     ? 
# 
_struct_conn_type.id          disulf 
_struct_conn_type.criteria    ? 
_struct_conn_type.reference   ? 
# 
_pdbx_modification_feature.ordinal                            1 
_pdbx_modification_feature.label_comp_id                      CYS 
_pdbx_modification_feature.label_asym_id                      A 
_pdbx_modification_feature.label_seq_id                       18 
_pdbx_modification_feature.label_alt_id                       ? 
_pdbx_modification_feature.modified_residue_label_comp_id     CYS 
_pdbx_modification_feature.modified_residue_label_asym_id     C 
_pdbx_modification_feature.modified_residue_label_seq_id      18 
_pdbx_modification_feature.modified_residue_label_alt_id      ? 
_pdbx_modification_feature.auth_comp_id                       CYS 
_pdbx_modification_feature.auth_asym_id                       A 
_pdbx_modification_feature.auth_seq_id                        219 
_pdbx_modification_feature.PDB_ins_code                       ? 
_pdbx_modification_feature.symmetry                           1_555 
_pdbx_modification_feature.modified_residue_auth_comp_id      CYS 
_pdbx_modification_feature.modified_residue_auth_asym_id      C 
_pdbx_modification_feature.modified_residue_auth_seq_id       219 
_pdbx_modification_feature.modified_residue_PDB_ins_code      ? 
_pdbx_modification_feature.modified_residue_symmetry          1_555 
_pdbx_modification_feature.comp_id_linking_atom               SG 
_pdbx_modification_feature.modified_residue_id_linking_atom   SG 
_pdbx_modification_feature.modified_residue_id                . 
_pdbx_modification_feature.ref_pcm_id                         . 
_pdbx_modification_feature.ref_comp_id                        . 
_pdbx_modification_feature.type                               None 
_pdbx_modification_feature.category                           'Disulfide bridge' 
# 
loop_
_struct_sheet.id 
_struct_sheet.type 
_struct_sheet.number_strands 
_struct_sheet.details 
A ? 3 ? 
B ? 3 ? 
# 
loop_
_struct_sheet_order.sheet_id 
_struct_sheet_order.range_id_1 
_struct_sheet_order.range_id_2 
_struct_sheet_order.offset 
_struct_sheet_order.sense 
A 1 2 ? anti-parallel 
A 2 3 ? anti-parallel 
B 1 2 ? anti-parallel 
B 2 3 ? anti-parallel 
# 
loop_
_struct_sheet_range.sheet_id 
_struct_sheet_range.id 
_struct_sheet_range.beg_label_comp_id 
_struct_sheet_range.beg_label_asym_id 
_struct_sheet_range.beg_label_seq_id 
_struct_sheet_range.pdbx_beg_PDB_ins_code 
_struct_sheet_range.end_label_comp_id 
_struct_sheet_range.end_label_asym_id 
_struct_sheet_range.end_label_seq_id 
_struct_sheet_range.pdbx_end_PDB_ins_code 
_struct_sheet_range.beg_auth_comp_id 
_struct_sheet_range.beg_auth_asym_id 
_struct_sheet_range.beg_auth_seq_id 
_struct_sheet_range.end_auth_comp_id 
_struct_sheet_range.end_auth_asym_id 
_struct_sheet_range.end_auth_seq_id 
A 1 LEU A 24 ? ASN A 25 ? LEU A 225 ASN A 226 
A 2 HIS A 62 ? SER A 65 ? HIS A 263 SER A 266 
A 3 ILE A 54 ? SER A 56 ? ILE A 255 SER A 257 
B 1 LEU C 24 ? ASN C 25 ? LEU C 225 ASN C 226 
B 2 HIS C 62 ? SER C 65 ? HIS C 263 SER C 266 
B 3 ILE C 54 ? SER C 56 ? ILE C 255 SER C 257 
# 
loop_
_pdbx_struct_sheet_hbond.sheet_id 
_pdbx_struct_sheet_hbond.range_id_1 
_pdbx_struct_sheet_hbond.range_id_2 
_pdbx_struct_sheet_hbond.range_1_label_atom_id 
_pdbx_struct_sheet_hbond.range_1_label_comp_id 
_pdbx_struct_sheet_hbond.range_1_label_asym_id 
_pdbx_struct_sheet_hbond.range_1_label_seq_id 
_pdbx_struct_sheet_hbond.range_1_PDB_ins_code 
_pdbx_struct_sheet_hbond.range_1_auth_atom_id 
_pdbx_struct_sheet_hbond.range_1_auth_comp_id 
_pdbx_struct_sheet_hbond.range_1_auth_asym_id 
_pdbx_struct_sheet_hbond.range_1_auth_seq_id 
_pdbx_struct_sheet_hbond.range_2_label_atom_id 
_pdbx_struct_sheet_hbond.range_2_label_comp_id 
_pdbx_struct_sheet_hbond.range_2_label_asym_id 
_pdbx_struct_sheet_hbond.range_2_label_seq_id 
_pdbx_struct_sheet_hbond.range_2_PDB_ins_code 
_pdbx_struct_sheet_hbond.range_2_auth_atom_id 
_pdbx_struct_sheet_hbond.range_2_auth_comp_id 
_pdbx_struct_sheet_hbond.range_2_auth_asym_id 
_pdbx_struct_sheet_hbond.range_2_auth_seq_id 
A 1 2 N LEU A 24 ? N LEU A 225 O PHE A 63 ? O PHE A 264 
A 2 3 O LYS A 64 ? O LYS A 265 N TYR A 55 ? N TYR A 256 
B 1 2 N LEU C 24 ? N LEU C 225 O PHE C 63 ? O PHE C 264 
B 2 3 O LYS C 64 ? O LYS C 265 N TYR C 55 ? N TYR C 256 
# 
_pdbx_entry_details.entry_id                   4MQV 
_pdbx_entry_details.compound_details           ? 
_pdbx_entry_details.source_details             ? 
_pdbx_entry_details.nonpolymer_details         ? 
_pdbx_entry_details.sequence_details           ? 
_pdbx_entry_details.has_ligand_of_interest     ? 
_pdbx_entry_details.has_protein_modification   Y 
# 
loop_
_pdbx_validate_rmsd_angle.id 
_pdbx_validate_rmsd_angle.PDB_model_num 
_pdbx_validate_rmsd_angle.auth_atom_id_1 
_pdbx_validate_rmsd_angle.auth_asym_id_1 
_pdbx_validate_rmsd_angle.auth_comp_id_1 
_pdbx_validate_rmsd_angle.auth_seq_id_1 
_pdbx_validate_rmsd_angle.PDB_ins_code_1 
_pdbx_validate_rmsd_angle.label_alt_id_1 
_pdbx_validate_rmsd_angle.auth_atom_id_2 
_pdbx_validate_rmsd_angle.auth_asym_id_2 
_pdbx_validate_rmsd_angle.auth_comp_id_2 
_pdbx_validate_rmsd_angle.auth_seq_id_2 
_pdbx_validate_rmsd_angle.PDB_ins_code_2 
_pdbx_validate_rmsd_angle.label_alt_id_2 
_pdbx_validate_rmsd_angle.auth_atom_id_3 
_pdbx_validate_rmsd_angle.auth_asym_id_3 
_pdbx_validate_rmsd_angle.auth_comp_id_3 
_pdbx_validate_rmsd_angle.auth_seq_id_3 
_pdbx_validate_rmsd_angle.PDB_ins_code_3 
_pdbx_validate_rmsd_angle.label_alt_id_3 
_pdbx_validate_rmsd_angle.angle_value 
_pdbx_validate_rmsd_angle.angle_target_value 
_pdbx_validate_rmsd_angle.angle_deviation 
_pdbx_validate_rmsd_angle.angle_standard_deviation 
_pdbx_validate_rmsd_angle.linker_flag 
1 1 NE B ARG 17 ? A CZ B ARG 17 ? A NH2 B ARG 17 ? A 116.53 120.30 -3.77 0.50 N 
2 1 NE B ARG 23 ? ? CZ B ARG 23 ? ? NH1 B ARG 23 ? ? 112.73 120.30 -7.57 0.50 N 
3 1 NE B ARG 23 ? ? CZ B ARG 23 ? ? NH2 B ARG 23 ? ? 127.54 120.30 7.24  0.50 N 
# 
loop_
_pdbx_validate_torsion.id 
_pdbx_validate_torsion.PDB_model_num 
_pdbx_validate_torsion.auth_comp_id 
_pdbx_validate_torsion.auth_asym_id 
_pdbx_validate_torsion.auth_seq_id 
_pdbx_validate_torsion.PDB_ins_code 
_pdbx_validate_torsion.label_alt_id 
_pdbx_validate_torsion.phi 
_pdbx_validate_torsion.psi 
1 1 LEU A 234 ? ? -91.25  59.70  
2 1 THR A 258 ? ? -117.21 -96.54 
3 1 CYS C 219 ? ? 36.92   58.67  
4 1 LEU C 234 ? ? -112.29 50.60  
5 1 THR C 258 ? ? -113.36 -97.62 
# 
_pdbx_struct_special_symmetry.id              1 
_pdbx_struct_special_symmetry.PDB_model_num   1 
_pdbx_struct_special_symmetry.auth_asym_id    B 
_pdbx_struct_special_symmetry.auth_comp_id    HOH 
_pdbx_struct_special_symmetry.auth_seq_id     116 
_pdbx_struct_special_symmetry.PDB_ins_code    ? 
_pdbx_struct_special_symmetry.label_asym_id   F 
_pdbx_struct_special_symmetry.label_comp_id   HOH 
_pdbx_struct_special_symmetry.label_seq_id    . 
# 
loop_
_pdbx_unobs_or_zero_occ_residues.id 
_pdbx_unobs_or_zero_occ_residues.PDB_model_num 
_pdbx_unobs_or_zero_occ_residues.polymer_flag 
_pdbx_unobs_or_zero_occ_residues.occupancy_flag 
_pdbx_unobs_or_zero_occ_residues.auth_asym_id 
_pdbx_unobs_or_zero_occ_residues.auth_comp_id 
_pdbx_unobs_or_zero_occ_residues.auth_seq_id 
_pdbx_unobs_or_zero_occ_residues.PDB_ins_code 
_pdbx_unobs_or_zero_occ_residues.label_asym_id 
_pdbx_unobs_or_zero_occ_residues.label_comp_id 
_pdbx_unobs_or_zero_occ_residues.label_seq_id 
1 1 Y 1 A ALA 202 ? A ALA 1  
2 1 Y 1 A ASN 203 ? A ASN 2  
3 1 Y 1 A ALA 269 ? A ALA 68 
4 1 Y 1 A GLU 270 ? A GLU 69 
5 1 Y 1 C ALA 202 ? C ALA 1  
6 1 Y 1 C ASN 203 ? C ASN 2  
7 1 Y 1 C ALA 269 ? C ALA 68 
8 1 Y 1 C GLU 270 ? C GLU 69 
# 
loop_
_chem_comp_atom.comp_id 
_chem_comp_atom.atom_id 
_chem_comp_atom.type_symbol 
_chem_comp_atom.pdbx_aromatic_flag 
_chem_comp_atom.pdbx_stereo_config 
_chem_comp_atom.pdbx_ordinal 
ALA N    N N N 1   
ALA CA   C N S 2   
ALA C    C N N 3   
ALA O    O N N 4   
ALA CB   C N N 5   
ALA OXT  O N N 6   
ALA H    H N N 7   
ALA H2   H N N 8   
ALA HA   H N N 9   
ALA HB1  H N N 10  
ALA HB2  H N N 11  
ALA HB3  H N N 12  
ALA HXT  H N N 13  
ARG N    N N N 14  
ARG CA   C N S 15  
ARG C    C N N 16  
ARG O    O N N 17  
ARG CB   C N N 18  
ARG CG   C N N 19  
ARG CD   C N N 20  
ARG NE   N N N 21  
ARG CZ   C N N 22  
ARG NH1  N N N 23  
ARG NH2  N N N 24  
ARG OXT  O N N 25  
ARG H    H N N 26  
ARG H2   H N N 27  
ARG HA   H N N 28  
ARG HB2  H N N 29  
ARG HB3  H N N 30  
ARG HG2  H N N 31  
ARG HG3  H N N 32  
ARG HD2  H N N 33  
ARG HD3  H N N 34  
ARG HE   H N N 35  
ARG HH11 H N N 36  
ARG HH12 H N N 37  
ARG HH21 H N N 38  
ARG HH22 H N N 39  
ARG HXT  H N N 40  
ASN N    N N N 41  
ASN CA   C N S 42  
ASN C    C N N 43  
ASN O    O N N 44  
ASN CB   C N N 45  
ASN CG   C N N 46  
ASN OD1  O N N 47  
ASN ND2  N N N 48  
ASN OXT  O N N 49  
ASN H    H N N 50  
ASN H2   H N N 51  
ASN HA   H N N 52  
ASN HB2  H N N 53  
ASN HB3  H N N 54  
ASN HD21 H N N 55  
ASN HD22 H N N 56  
ASN HXT  H N N 57  
ASP N    N N N 58  
ASP CA   C N S 59  
ASP C    C N N 60  
ASP O    O N N 61  
ASP CB   C N N 62  
ASP CG   C N N 63  
ASP OD1  O N N 64  
ASP OD2  O N N 65  
ASP OXT  O N N 66  
ASP H    H N N 67  
ASP H2   H N N 68  
ASP HA   H N N 69  
ASP HB2  H N N 70  
ASP HB3  H N N 71  
ASP HD2  H N N 72  
ASP HXT  H N N 73  
CYS N    N N N 74  
CYS CA   C N R 75  
CYS C    C N N 76  
CYS O    O N N 77  
CYS CB   C N N 78  
CYS SG   S N N 79  
CYS OXT  O N N 80  
CYS H    H N N 81  
CYS H2   H N N 82  
CYS HA   H N N 83  
CYS HB2  H N N 84  
CYS HB3  H N N 85  
CYS HG   H N N 86  
CYS HXT  H N N 87  
GLN N    N N N 88  
GLN CA   C N S 89  
GLN C    C N N 90  
GLN O    O N N 91  
GLN CB   C N N 92  
GLN CG   C N N 93  
GLN CD   C N N 94  
GLN OE1  O N N 95  
GLN NE2  N N N 96  
GLN OXT  O N N 97  
GLN H    H N N 98  
GLN H2   H N N 99  
GLN HA   H N N 100 
GLN HB2  H N N 101 
GLN HB3  H N N 102 
GLN HG2  H N N 103 
GLN HG3  H N N 104 
GLN HE21 H N N 105 
GLN HE22 H N N 106 
GLN HXT  H N N 107 
GLU N    N N N 108 
GLU CA   C N S 109 
GLU C    C N N 110 
GLU O    O N N 111 
GLU CB   C N N 112 
GLU CG   C N N 113 
GLU CD   C N N 114 
GLU OE1  O N N 115 
GLU OE2  O N N 116 
GLU OXT  O N N 117 
GLU H    H N N 118 
GLU H2   H N N 119 
GLU HA   H N N 120 
GLU HB2  H N N 121 
GLU HB3  H N N 122 
GLU HG2  H N N 123 
GLU HG3  H N N 124 
GLU HE2  H N N 125 
GLU HXT  H N N 126 
GLY N    N N N 127 
GLY CA   C N N 128 
GLY C    C N N 129 
GLY O    O N N 130 
GLY OXT  O N N 131 
GLY H    H N N 132 
GLY H2   H N N 133 
GLY HA2  H N N 134 
GLY HA3  H N N 135 
GLY HXT  H N N 136 
HIS N    N N N 137 
HIS CA   C N S 138 
HIS C    C N N 139 
HIS O    O N N 140 
HIS CB   C N N 141 
HIS CG   C Y N 142 
HIS ND1  N Y N 143 
HIS CD2  C Y N 144 
HIS CE1  C Y N 145 
HIS NE2  N Y N 146 
HIS OXT  O N N 147 
HIS H    H N N 148 
HIS H2   H N N 149 
HIS HA   H N N 150 
HIS HB2  H N N 151 
HIS HB3  H N N 152 
HIS HD1  H N N 153 
HIS HD2  H N N 154 
HIS HE1  H N N 155 
HIS HE2  H N N 156 
HIS HXT  H N N 157 
HOH O    O N N 158 
HOH H1   H N N 159 
HOH H2   H N N 160 
ILE N    N N N 161 
ILE CA   C N S 162 
ILE C    C N N 163 
ILE O    O N N 164 
ILE CB   C N S 165 
ILE CG1  C N N 166 
ILE CG2  C N N 167 
ILE CD1  C N N 168 
ILE OXT  O N N 169 
ILE H    H N N 170 
ILE H2   H N N 171 
ILE HA   H N N 172 
ILE HB   H N N 173 
ILE HG12 H N N 174 
ILE HG13 H N N 175 
ILE HG21 H N N 176 
ILE HG22 H N N 177 
ILE HG23 H N N 178 
ILE HD11 H N N 179 
ILE HD12 H N N 180 
ILE HD13 H N N 181 
ILE HXT  H N N 182 
LEU N    N N N 183 
LEU CA   C N S 184 
LEU C    C N N 185 
LEU O    O N N 186 
LEU CB   C N N 187 
LEU CG   C N N 188 
LEU CD1  C N N 189 
LEU CD2  C N N 190 
LEU OXT  O N N 191 
LEU H    H N N 192 
LEU H2   H N N 193 
LEU HA   H N N 194 
LEU HB2  H N N 195 
LEU HB3  H N N 196 
LEU HG   H N N 197 
LEU HD11 H N N 198 
LEU HD12 H N N 199 
LEU HD13 H N N 200 
LEU HD21 H N N 201 
LEU HD22 H N N 202 
LEU HD23 H N N 203 
LEU HXT  H N N 204 
LYS N    N N N 205 
LYS CA   C N S 206 
LYS C    C N N 207 
LYS O    O N N 208 
LYS CB   C N N 209 
LYS CG   C N N 210 
LYS CD   C N N 211 
LYS CE   C N N 212 
LYS NZ   N N N 213 
LYS OXT  O N N 214 
LYS H    H N N 215 
LYS H2   H N N 216 
LYS HA   H N N 217 
LYS HB2  H N N 218 
LYS HB3  H N N 219 
LYS HG2  H N N 220 
LYS HG3  H N N 221 
LYS HD2  H N N 222 
LYS HD3  H N N 223 
LYS HE2  H N N 224 
LYS HE3  H N N 225 
LYS HZ1  H N N 226 
LYS HZ2  H N N 227 
LYS HZ3  H N N 228 
LYS HXT  H N N 229 
MET N    N N N 230 
MET CA   C N S 231 
MET C    C N N 232 
MET O    O N N 233 
MET CB   C N N 234 
MET CG   C N N 235 
MET SD   S N N 236 
MET CE   C N N 237 
MET OXT  O N N 238 
MET H    H N N 239 
MET H2   H N N 240 
MET HA   H N N 241 
MET HB2  H N N 242 
MET HB3  H N N 243 
MET HG2  H N N 244 
MET HG3  H N N 245 
MET HE1  H N N 246 
MET HE2  H N N 247 
MET HE3  H N N 248 
MET HXT  H N N 249 
PHE N    N N N 250 
PHE CA   C N S 251 
PHE C    C N N 252 
PHE O    O N N 253 
PHE CB   C N N 254 
PHE CG   C Y N 255 
PHE CD1  C Y N 256 
PHE CD2  C Y N 257 
PHE CE1  C Y N 258 
PHE CE2  C Y N 259 
PHE CZ   C Y N 260 
PHE OXT  O N N 261 
PHE H    H N N 262 
PHE H2   H N N 263 
PHE HA   H N N 264 
PHE HB2  H N N 265 
PHE HB3  H N N 266 
PHE HD1  H N N 267 
PHE HD2  H N N 268 
PHE HE1  H N N 269 
PHE HE2  H N N 270 
PHE HZ   H N N 271 
PHE HXT  H N N 272 
PRO N    N N N 273 
PRO CA   C N S 274 
PRO C    C N N 275 
PRO O    O N N 276 
PRO CB   C N N 277 
PRO CG   C N N 278 
PRO CD   C N N 279 
PRO OXT  O N N 280 
PRO H    H N N 281 
PRO HA   H N N 282 
PRO HB2  H N N 283 
PRO HB3  H N N 284 
PRO HG2  H N N 285 
PRO HG3  H N N 286 
PRO HD2  H N N 287 
PRO HD3  H N N 288 
PRO HXT  H N N 289 
SER N    N N N 290 
SER CA   C N S 291 
SER C    C N N 292 
SER O    O N N 293 
SER CB   C N N 294 
SER OG   O N N 295 
SER OXT  O N N 296 
SER H    H N N 297 
SER H2   H N N 298 
SER HA   H N N 299 
SER HB2  H N N 300 
SER HB3  H N N 301 
SER HG   H N N 302 
SER HXT  H N N 303 
THR N    N N N 304 
THR CA   C N S 305 
THR C    C N N 306 
THR O    O N N 307 
THR CB   C N R 308 
THR OG1  O N N 309 
THR CG2  C N N 310 
THR OXT  O N N 311 
THR H    H N N 312 
THR H2   H N N 313 
THR HA   H N N 314 
THR HB   H N N 315 
THR HG1  H N N 316 
THR HG21 H N N 317 
THR HG22 H N N 318 
THR HG23 H N N 319 
THR HXT  H N N 320 
TYR N    N N N 321 
TYR CA   C N S 322 
TYR C    C N N 323 
TYR O    O N N 324 
TYR CB   C N N 325 
TYR CG   C Y N 326 
TYR CD1  C Y N 327 
TYR CD2  C Y N 328 
TYR CE1  C Y N 329 
TYR CE2  C Y N 330 
TYR CZ   C Y N 331 
TYR OH   O N N 332 
TYR OXT  O N N 333 
TYR H    H N N 334 
TYR H2   H N N 335 
TYR HA   H N N 336 
TYR HB2  H N N 337 
TYR HB3  H N N 338 
TYR HD1  H N N 339 
TYR HD2  H N N 340 
TYR HE1  H N N 341 
TYR HE2  H N N 342 
TYR HH   H N N 343 
TYR HXT  H N N 344 
VAL N    N N N 345 
VAL CA   C N S 346 
VAL C    C N N 347 
VAL O    O N N 348 
VAL CB   C N N 349 
VAL CG1  C N N 350 
VAL CG2  C N N 351 
VAL OXT  O N N 352 
VAL H    H N N 353 
VAL H2   H N N 354 
VAL HA   H N N 355 
VAL HB   H N N 356 
VAL HG11 H N N 357 
VAL HG12 H N N 358 
VAL HG13 H N N 359 
VAL HG21 H N N 360 
VAL HG22 H N N 361 
VAL HG23 H N N 362 
VAL HXT  H N N 363 
# 
loop_
_chem_comp_bond.comp_id 
_chem_comp_bond.atom_id_1 
_chem_comp_bond.atom_id_2 
_chem_comp_bond.value_order 
_chem_comp_bond.pdbx_aromatic_flag 
_chem_comp_bond.pdbx_stereo_config 
_chem_comp_bond.pdbx_ordinal 
ALA N   CA   sing N N 1   
ALA N   H    sing N N 2   
ALA N   H2   sing N N 3   
ALA CA  C    sing N N 4   
ALA CA  CB   sing N N 5   
ALA CA  HA   sing N N 6   
ALA C   O    doub N N 7   
ALA C   OXT  sing N N 8   
ALA CB  HB1  sing N N 9   
ALA CB  HB2  sing N N 10  
ALA CB  HB3  sing N N 11  
ALA OXT HXT  sing N N 12  
ARG N   CA   sing N N 13  
ARG N   H    sing N N 14  
ARG N   H2   sing N N 15  
ARG CA  C    sing N N 16  
ARG CA  CB   sing N N 17  
ARG CA  HA   sing N N 18  
ARG C   O    doub N N 19  
ARG C   OXT  sing N N 20  
ARG CB  CG   sing N N 21  
ARG CB  HB2  sing N N 22  
ARG CB  HB3  sing N N 23  
ARG CG  CD   sing N N 24  
ARG CG  HG2  sing N N 25  
ARG CG  HG3  sing N N 26  
ARG CD  NE   sing N N 27  
ARG CD  HD2  sing N N 28  
ARG CD  HD3  sing N N 29  
ARG NE  CZ   sing N N 30  
ARG NE  HE   sing N N 31  
ARG CZ  NH1  sing N N 32  
ARG CZ  NH2  doub N N 33  
ARG NH1 HH11 sing N N 34  
ARG NH1 HH12 sing N N 35  
ARG NH2 HH21 sing N N 36  
ARG NH2 HH22 sing N N 37  
ARG OXT HXT  sing N N 38  
ASN N   CA   sing N N 39  
ASN N   H    sing N N 40  
ASN N   H2   sing N N 41  
ASN CA  C    sing N N 42  
ASN CA  CB   sing N N 43  
ASN CA  HA   sing N N 44  
ASN C   O    doub N N 45  
ASN C   OXT  sing N N 46  
ASN CB  CG   sing N N 47  
ASN CB  HB2  sing N N 48  
ASN CB  HB3  sing N N 49  
ASN CG  OD1  doub N N 50  
ASN CG  ND2  sing N N 51  
ASN ND2 HD21 sing N N 52  
ASN ND2 HD22 sing N N 53  
ASN OXT HXT  sing N N 54  
ASP N   CA   sing N N 55  
ASP N   H    sing N N 56  
ASP N   H2   sing N N 57  
ASP CA  C    sing N N 58  
ASP CA  CB   sing N N 59  
ASP CA  HA   sing N N 60  
ASP C   O    doub N N 61  
ASP C   OXT  sing N N 62  
ASP CB  CG   sing N N 63  
ASP CB  HB2  sing N N 64  
ASP CB  HB3  sing N N 65  
ASP CG  OD1  doub N N 66  
ASP CG  OD2  sing N N 67  
ASP OD2 HD2  sing N N 68  
ASP OXT HXT  sing N N 69  
CYS N   CA   sing N N 70  
CYS N   H    sing N N 71  
CYS N   H2   sing N N 72  
CYS CA  C    sing N N 73  
CYS CA  CB   sing N N 74  
CYS CA  HA   sing N N 75  
CYS C   O    doub N N 76  
CYS C   OXT  sing N N 77  
CYS CB  SG   sing N N 78  
CYS CB  HB2  sing N N 79  
CYS CB  HB3  sing N N 80  
CYS SG  HG   sing N N 81  
CYS OXT HXT  sing N N 82  
GLN N   CA   sing N N 83  
GLN N   H    sing N N 84  
GLN N   H2   sing N N 85  
GLN CA  C    sing N N 86  
GLN CA  CB   sing N N 87  
GLN CA  HA   sing N N 88  
GLN C   O    doub N N 89  
GLN C   OXT  sing N N 90  
GLN CB  CG   sing N N 91  
GLN CB  HB2  sing N N 92  
GLN CB  HB3  sing N N 93  
GLN CG  CD   sing N N 94  
GLN CG  HG2  sing N N 95  
GLN CG  HG3  sing N N 96  
GLN CD  OE1  doub N N 97  
GLN CD  NE2  sing N N 98  
GLN NE2 HE21 sing N N 99  
GLN NE2 HE22 sing N N 100 
GLN OXT HXT  sing N N 101 
GLU N   CA   sing N N 102 
GLU N   H    sing N N 103 
GLU N   H2   sing N N 104 
GLU CA  C    sing N N 105 
GLU CA  CB   sing N N 106 
GLU CA  HA   sing N N 107 
GLU C   O    doub N N 108 
GLU C   OXT  sing N N 109 
GLU CB  CG   sing N N 110 
GLU CB  HB2  sing N N 111 
GLU CB  HB3  sing N N 112 
GLU CG  CD   sing N N 113 
GLU CG  HG2  sing N N 114 
GLU CG  HG3  sing N N 115 
GLU CD  OE1  doub N N 116 
GLU CD  OE2  sing N N 117 
GLU OE2 HE2  sing N N 118 
GLU OXT HXT  sing N N 119 
GLY N   CA   sing N N 120 
GLY N   H    sing N N 121 
GLY N   H2   sing N N 122 
GLY CA  C    sing N N 123 
GLY CA  HA2  sing N N 124 
GLY CA  HA3  sing N N 125 
GLY C   O    doub N N 126 
GLY C   OXT  sing N N 127 
GLY OXT HXT  sing N N 128 
HIS N   CA   sing N N 129 
HIS N   H    sing N N 130 
HIS N   H2   sing N N 131 
HIS CA  C    sing N N 132 
HIS CA  CB   sing N N 133 
HIS CA  HA   sing N N 134 
HIS C   O    doub N N 135 
HIS C   OXT  sing N N 136 
HIS CB  CG   sing N N 137 
HIS CB  HB2  sing N N 138 
HIS CB  HB3  sing N N 139 
HIS CG  ND1  sing Y N 140 
HIS CG  CD2  doub Y N 141 
HIS ND1 CE1  doub Y N 142 
HIS ND1 HD1  sing N N 143 
HIS CD2 NE2  sing Y N 144 
HIS CD2 HD2  sing N N 145 
HIS CE1 NE2  sing Y N 146 
HIS CE1 HE1  sing N N 147 
HIS NE2 HE2  sing N N 148 
HIS OXT HXT  sing N N 149 
HOH O   H1   sing N N 150 
HOH O   H2   sing N N 151 
ILE N   CA   sing N N 152 
ILE N   H    sing N N 153 
ILE N   H2   sing N N 154 
ILE CA  C    sing N N 155 
ILE CA  CB   sing N N 156 
ILE CA  HA   sing N N 157 
ILE C   O    doub N N 158 
ILE C   OXT  sing N N 159 
ILE CB  CG1  sing N N 160 
ILE CB  CG2  sing N N 161 
ILE CB  HB   sing N N 162 
ILE CG1 CD1  sing N N 163 
ILE CG1 HG12 sing N N 164 
ILE CG1 HG13 sing N N 165 
ILE CG2 HG21 sing N N 166 
ILE CG2 HG22 sing N N 167 
ILE CG2 HG23 sing N N 168 
ILE CD1 HD11 sing N N 169 
ILE CD1 HD12 sing N N 170 
ILE CD1 HD13 sing N N 171 
ILE OXT HXT  sing N N 172 
LEU N   CA   sing N N 173 
LEU N   H    sing N N 174 
LEU N   H2   sing N N 175 
LEU CA  C    sing N N 176 
LEU CA  CB   sing N N 177 
LEU CA  HA   sing N N 178 
LEU C   O    doub N N 179 
LEU C   OXT  sing N N 180 
LEU CB  CG   sing N N 181 
LEU CB  HB2  sing N N 182 
LEU CB  HB3  sing N N 183 
LEU CG  CD1  sing N N 184 
LEU CG  CD2  sing N N 185 
LEU CG  HG   sing N N 186 
LEU CD1 HD11 sing N N 187 
LEU CD1 HD12 sing N N 188 
LEU CD1 HD13 sing N N 189 
LEU CD2 HD21 sing N N 190 
LEU CD2 HD22 sing N N 191 
LEU CD2 HD23 sing N N 192 
LEU OXT HXT  sing N N 193 
LYS N   CA   sing N N 194 
LYS N   H    sing N N 195 
LYS N   H2   sing N N 196 
LYS CA  C    sing N N 197 
LYS CA  CB   sing N N 198 
LYS CA  HA   sing N N 199 
LYS C   O    doub N N 200 
LYS C   OXT  sing N N 201 
LYS CB  CG   sing N N 202 
LYS CB  HB2  sing N N 203 
LYS CB  HB3  sing N N 204 
LYS CG  CD   sing N N 205 
LYS CG  HG2  sing N N 206 
LYS CG  HG3  sing N N 207 
LYS CD  CE   sing N N 208 
LYS CD  HD2  sing N N 209 
LYS CD  HD3  sing N N 210 
LYS CE  NZ   sing N N 211 
LYS CE  HE2  sing N N 212 
LYS CE  HE3  sing N N 213 
LYS NZ  HZ1  sing N N 214 
LYS NZ  HZ2  sing N N 215 
LYS NZ  HZ3  sing N N 216 
LYS OXT HXT  sing N N 217 
MET N   CA   sing N N 218 
MET N   H    sing N N 219 
MET N   H2   sing N N 220 
MET CA  C    sing N N 221 
MET CA  CB   sing N N 222 
MET CA  HA   sing N N 223 
MET C   O    doub N N 224 
MET C   OXT  sing N N 225 
MET CB  CG   sing N N 226 
MET CB  HB2  sing N N 227 
MET CB  HB3  sing N N 228 
MET CG  SD   sing N N 229 
MET CG  HG2  sing N N 230 
MET CG  HG3  sing N N 231 
MET SD  CE   sing N N 232 
MET CE  HE1  sing N N 233 
MET CE  HE2  sing N N 234 
MET CE  HE3  sing N N 235 
MET OXT HXT  sing N N 236 
PHE N   CA   sing N N 237 
PHE N   H    sing N N 238 
PHE N   H2   sing N N 239 
PHE CA  C    sing N N 240 
PHE CA  CB   sing N N 241 
PHE CA  HA   sing N N 242 
PHE C   O    doub N N 243 
PHE C   OXT  sing N N 244 
PHE CB  CG   sing N N 245 
PHE CB  HB2  sing N N 246 
PHE CB  HB3  sing N N 247 
PHE CG  CD1  doub Y N 248 
PHE CG  CD2  sing Y N 249 
PHE CD1 CE1  sing Y N 250 
PHE CD1 HD1  sing N N 251 
PHE CD2 CE2  doub Y N 252 
PHE CD2 HD2  sing N N 253 
PHE CE1 CZ   doub Y N 254 
PHE CE1 HE1  sing N N 255 
PHE CE2 CZ   sing Y N 256 
PHE CE2 HE2  sing N N 257 
PHE CZ  HZ   sing N N 258 
PHE OXT HXT  sing N N 259 
PRO N   CA   sing N N 260 
PRO N   CD   sing N N 261 
PRO N   H    sing N N 262 
PRO CA  C    sing N N 263 
PRO CA  CB   sing N N 264 
PRO CA  HA   sing N N 265 
PRO C   O    doub N N 266 
PRO C   OXT  sing N N 267 
PRO CB  CG   sing N N 268 
PRO CB  HB2  sing N N 269 
PRO CB  HB3  sing N N 270 
PRO CG  CD   sing N N 271 
PRO CG  HG2  sing N N 272 
PRO CG  HG3  sing N N 273 
PRO CD  HD2  sing N N 274 
PRO CD  HD3  sing N N 275 
PRO OXT HXT  sing N N 276 
SER N   CA   sing N N 277 
SER N   H    sing N N 278 
SER N   H2   sing N N 279 
SER CA  C    sing N N 280 
SER CA  CB   sing N N 281 
SER CA  HA   sing N N 282 
SER C   O    doub N N 283 
SER C   OXT  sing N N 284 
SER CB  OG   sing N N 285 
SER CB  HB2  sing N N 286 
SER CB  HB3  sing N N 287 
SER OG  HG   sing N N 288 
SER OXT HXT  sing N N 289 
THR N   CA   sing N N 290 
THR N   H    sing N N 291 
THR N   H2   sing N N 292 
THR CA  C    sing N N 293 
THR CA  CB   sing N N 294 
THR CA  HA   sing N N 295 
THR C   O    doub N N 296 
THR C   OXT  sing N N 297 
THR CB  OG1  sing N N 298 
THR CB  CG2  sing N N 299 
THR CB  HB   sing N N 300 
THR OG1 HG1  sing N N 301 
THR CG2 HG21 sing N N 302 
THR CG2 HG22 sing N N 303 
THR CG2 HG23 sing N N 304 
THR OXT HXT  sing N N 305 
TYR N   CA   sing N N 306 
TYR N   H    sing N N 307 
TYR N   H2   sing N N 308 
TYR CA  C    sing N N 309 
TYR CA  CB   sing N N 310 
TYR CA  HA   sing N N 311 
TYR C   O    doub N N 312 
TYR C   OXT  sing N N 313 
TYR CB  CG   sing N N 314 
TYR CB  HB2  sing N N 315 
TYR CB  HB3  sing N N 316 
TYR CG  CD1  doub Y N 317 
TYR CG  CD2  sing Y N 318 
TYR CD1 CE1  sing Y N 319 
TYR CD1 HD1  sing N N 320 
TYR CD2 CE2  doub Y N 321 
TYR CD2 HD2  sing N N 322 
TYR CE1 CZ   doub Y N 323 
TYR CE1 HE1  sing N N 324 
TYR CE2 CZ   sing Y N 325 
TYR CE2 HE2  sing N N 326 
TYR CZ  OH   sing N N 327 
TYR OH  HH   sing N N 328 
TYR OXT HXT  sing N N 329 
VAL N   CA   sing N N 330 
VAL N   H    sing N N 331 
VAL N   H2   sing N N 332 
VAL CA  C    sing N N 333 
VAL CA  CB   sing N N 334 
VAL CA  HA   sing N N 335 
VAL C   O    doub N N 336 
VAL C   OXT  sing N N 337 
VAL CB  CG1  sing N N 338 
VAL CB  CG2  sing N N 339 
VAL CB  HB   sing N N 340 
VAL CG1 HG11 sing N N 341 
VAL CG1 HG12 sing N N 342 
VAL CG1 HG13 sing N N 343 
VAL CG2 HG21 sing N N 344 
VAL CG2 HG22 sing N N 345 
VAL CG2 HG23 sing N N 346 
VAL OXT HXT  sing N N 347 
# 
_atom_sites.entry_id                    4MQV 
_atom_sites.fract_transf_matrix[1][1]   -0.00727120 
_atom_sites.fract_transf_matrix[1][2]   -0.00266611 
_atom_sites.fract_transf_matrix[1][3]   0.00007378 
_atom_sites.fract_transf_matrix[2][1]   -0.00374190 
_atom_sites.fract_transf_matrix[2][2]   -0.00085969 
_atom_sites.fract_transf_matrix[2][3]   0.00672638 
_atom_sites.fract_transf_matrix[3][1]   -0.00746949 
_atom_sites.fract_transf_matrix[3][2]   0.02032821 
_atom_sites.fract_transf_matrix[3][3]   -0.00155718 
_atom_sites.fract_transf_vector[1]      -0.464888 
_atom_sites.fract_transf_vector[2]      -0.340159 
_atom_sites.fract_transf_vector[3]      -0.147380 
# 
loop_
_atom_type.symbol 
C 
N 
O 
S 
# 
loop_
_atom_site.group_PDB 
_atom_site.id 
_atom_site.type_symbol 
_atom_site.label_atom_id 
_atom_site.label_alt_id 
_atom_site.label_comp_id 
_atom_site.label_asym_id 
_atom_site.label_entity_id 
_atom_site.label_seq_id 
_atom_site.pdbx_PDB_ins_code 
_atom_site.Cartn_x 
_atom_site.Cartn_y 
_atom_site.Cartn_z 
_atom_site.occupancy 
_atom_site.B_iso_or_equiv 
_atom_site.pdbx_formal_charge 
_atom_site.auth_seq_id 
_atom_site.auth_comp_id 
_atom_site.auth_asym_id 
_atom_site.auth_atom_id 
_atom_site.pdbx_PDB_model_num 
ATOM   1    N N   . GLY A 1 3  ? -5.702  -22.190 3.982   1.00 48.39 ? 204 GLY A N   1 
ATOM   2    C CA  . GLY A 1 3  ? -5.101  -22.906 5.166   1.00 47.05 ? 204 GLY A CA  1 
ATOM   3    C C   . GLY A 1 3  ? -3.983  -22.100 5.812   1.00 45.81 ? 204 GLY A C   1 
ATOM   4    O O   . GLY A 1 3  ? -2.907  -22.637 6.134   1.00 47.01 ? 204 GLY A O   1 
ATOM   5    N N   . LEU A 1 4  ? -4.230  -20.802 6.012   1.00 43.30 ? 205 LEU A N   1 
ATOM   6    C CA  . LEU A 1 4  ? -3.167  -19.940 6.526   1.00 39.72 ? 205 LEU A CA  1 
ATOM   7    C C   . LEU A 1 4  ? -3.201  -19.930 8.030   1.00 37.26 ? 205 LEU A C   1 
ATOM   8    O O   . LEU A 1 4  ? -4.274  -19.930 8.599   1.00 36.30 ? 205 LEU A O   1 
ATOM   9    C CB  . LEU A 1 4  ? -3.324  -18.510 5.967   1.00 39.22 ? 205 LEU A CB  1 
ATOM   10   C CG  . LEU A 1 4  ? -2.655  -18.271 4.602   1.00 39.74 ? 205 LEU A CG  1 
ATOM   11   C CD1 . LEU A 1 4  ? -3.245  -19.139 3.482   1.00 38.73 ? 205 LEU A CD1 1 
ATOM   12   C CD2 . LEU A 1 4  ? -2.782  -16.784 4.235   1.00 37.93 ? 205 LEU A CD2 1 
ATOM   13   N N   . THR A 1 5  ? -2.042  -19.888 8.673   1.00 34.76 ? 206 THR A N   1 
ATOM   14   C CA  . THR A 1 5  ? -1.998  -19.614 10.108  1.00 32.72 ? 206 THR A CA  1 
ATOM   15   C C   . THR A 1 5  ? -2.446  -18.158 10.362  1.00 31.90 ? 206 THR A C   1 
ATOM   16   O O   . THR A 1 5  ? -2.536  -17.329 9.413   1.00 29.43 ? 206 THR A O   1 
ATOM   17   C CB  . THR A 1 5  ? -0.595  -19.797 10.667  1.00 33.26 ? 206 THR A CB  1 
ATOM   18   O OG1 . THR A 1 5  ? 0.267   -18.767 10.165  1.00 30.80 ? 206 THR A OG1 1 
ATOM   19   C CG2 . THR A 1 5  ? -0.031  -21.186 10.307  1.00 34.69 ? 206 THR A CG2 1 
ATOM   20   N N   . VAL A 1 6  ? -2.708  -17.823 11.623  1.00 30.25 ? 207 VAL A N   1 
ATOM   21   C CA  . VAL A 1 6  ? -2.981  -16.442 11.951  1.00 30.41 ? 207 VAL A CA  1 
ATOM   22   C C   . VAL A 1 6  ? -1.848  -15.528 11.462  1.00 28.58 ? 207 VAL A C   1 
ATOM   23   O O   . VAL A 1 6  ? -2.095  -14.542 10.772  1.00 28.41 ? 207 VAL A O   1 
ATOM   24   C CB  . VAL A 1 6  ? -3.273  -16.253 13.472  1.00 31.08 ? 207 VAL A CB  1 
ATOM   25   C CG1 . VAL A 1 6  ? -3.194  -14.749 13.840  1.00 32.11 ? 207 VAL A CG1 1 
ATOM   26   C CG2 . VAL A 1 6  ? -4.678  -16.859 13.830  1.00 32.81 ? 207 VAL A CG2 1 
ATOM   27   N N   . ALA A 1 7  ? -0.613  -15.881 11.782  1.00 28.49 ? 208 ALA A N   1 
ATOM   28   C CA  . ALA A 1 7  ? 0.523   -15.044 11.412  1.00 28.52 ? 208 ALA A CA  1 
ATOM   29   C C   . ALA A 1 7  ? 0.693   -14.914 9.860   1.00 27.62 ? 208 ALA A C   1 
ATOM   30   O O   . ALA A 1 7  ? 1.030   -13.860 9.369   1.00 26.41 ? 208 ALA A O   1 
ATOM   31   C CB  . ALA A 1 7  ? 1.779   -15.584 12.037  1.00 28.86 ? 208 ALA A CB  1 
ATOM   32   N N   . GLN A 1 8  ? 0.467   -15.991 9.112   1.00 26.11 ? 209 GLN A N   1 
ATOM   33   C CA  . GLN A 1 8  ? 0.567   -15.911 7.642   1.00 25.98 ? 209 GLN A CA  1 
ATOM   34   C C   . GLN A 1 8  ? -0.499  -14.998 7.081   1.00 24.90 ? 209 GLN A C   1 
ATOM   35   O O   . GLN A 1 8  ? -0.223  -14.206 6.185   1.00 25.71 ? 209 GLN A O   1 
ATOM   36   C CB  . GLN A 1 8  ? 0.502   -17.323 7.033   1.00 25.89 ? 209 GLN A CB  1 
ATOM   37   C CG  . GLN A 1 8  ? 1.804   -18.154 7.412   1.00 28.27 ? 209 GLN A CG  1 
ATOM   38   C CD  . GLN A 1 8  ? 1.640   -19.657 7.191   1.00 33.06 ? 209 GLN A CD  1 
ATOM   39   O OE1 . GLN A 1 8  ? 0.534   -20.146 6.995   1.00 31.28 ? 209 GLN A OE1 1 
ATOM   40   N NE2 . GLN A 1 8  ? 2.759   -20.383 7.200   1.00 33.18 ? 209 GLN A NE2 1 
ATOM   41   N N   . ASN A 1 9  ? -1.698  -15.067 7.642   1.00 24.52 ? 210 ASN A N   1 
ATOM   42   C CA  . ASN A 1 9  ? -2.771  -14.166 7.233   1.00 26.20 ? 210 ASN A CA  1 
ATOM   43   C C   . ASN A 1 9  ? -2.417  -12.715 7.540   1.00 24.32 ? 210 ASN A C   1 
ATOM   44   O O   . ASN A 1 9  ? -2.695  -11.828 6.747   1.00 24.59 ? 210 ASN A O   1 
ATOM   45   C CB  . ASN A 1 9  ? -4.087  -14.533 7.902   1.00 27.40 ? 210 ASN A CB  1 
ATOM   46   C CG  . ASN A 1 9  ? -5.224  -14.604 6.920   1.00 37.15 ? 210 ASN A CG  1 
ATOM   47   O OD1 . ASN A 1 9  ? -5.256  -15.479 6.058   1.00 41.83 ? 210 ASN A OD1 1 
ATOM   48   N ND2 . ASN A 1 9  ? -6.175  -13.668 7.032   1.00 46.02 ? 210 ASN A ND2 1 
ATOM   49   N N   . GLN A 1 10 ? -1.773  -12.478 8.687   1.00 23.93 ? 211 GLN A N   1 
ATOM   50   C CA  . GLN A 1 10 ? -1.393  -11.087 9.041   1.00 24.08 ? 211 GLN A CA  1 
ATOM   51   C C   . GLN A 1 10 ? -0.350  -10.523 8.077   1.00 23.51 ? 211 GLN A C   1 
ATOM   52   O O   . GLN A 1 10 ? -0.421  -9.346  7.632   1.00 22.31 ? 211 GLN A O   1 
ATOM   53   C CB  . GLN A 1 10 ? -0.854  -11.013 10.470  1.00 24.23 ? 211 GLN A CB  1 
ATOM   54   C CG  . GLN A 1 10 ? -1.951  -11.312 11.475  1.00 26.31 ? 211 GLN A CG  1 
ATOM   55   C CD  . GLN A 1 10 ? -1.426  -11.385 12.907  1.00 28.56 ? 211 GLN A CD  1 
ATOM   56   O OE1 . GLN A 1 10 ? -0.403  -12.016 13.174  1.00 26.17 ? 211 GLN A OE1 1 
ATOM   57   N NE2 . GLN A 1 10 ? -2.159  -10.758 13.841  1.00 31.55 ? 211 GLN A NE2 1 
ATOM   58   N N   . VAL A 1 11 ? 0.619   -11.364 7.753   1.00 22.06 ? 212 VAL A N   1 
ATOM   59   C CA  . VAL A 1 11 ? 1.637   -10.982 6.778   1.00 21.81 ? 212 VAL A CA  1 
ATOM   60   C C   . VAL A 1 11 ? 0.968   -10.695 5.457   1.00 21.53 ? 212 VAL A C   1 
ATOM   61   O O   . VAL A 1 11 ? 1.269   -9.689  4.821   1.00 20.87 ? 212 VAL A O   1 
ATOM   62   C CB  . VAL A 1 11 ? 2.723   -12.106 6.586   1.00 21.87 ? 212 VAL A CB  1 
ATOM   63   C CG1 . VAL A 1 11 ? 3.678   -11.746 5.438   1.00 21.29 ? 212 VAL A CG1 1 
ATOM   64   C CG2 . VAL A 1 11 ? 3.540   -12.290 7.884   1.00 21.04 ? 212 VAL A CG2 1 
ATOM   65   N N   . LEU A 1 12 ? 0.111   -11.608 5.011   1.00 22.20 ? 213 LEU A N   1 
ATOM   66   C CA  . LEU A 1 12 ? -0.532  -11.456 3.698   1.00 22.66 ? 213 LEU A CA  1 
ATOM   67   C C   . LEU A 1 12 ? -1.388  -10.167 3.632   1.00 23.74 ? 213 LEU A C   1 
ATOM   68   O O   . LEU A 1 12 ? -1.335  -9.439  2.634   1.00 22.68 ? 213 LEU A O   1 
ATOM   69   C CB  . LEU A 1 12 ? -1.378  -12.671 3.351   1.00 21.91 ? 213 LEU A CB  1 
ATOM   70   C CG  . LEU A 1 12 ? -2.094  -12.581 1.991   1.00 23.18 ? 213 LEU A CG  1 
ATOM   71   C CD1 . LEU A 1 12 ? -1.131  -12.359 0.819   1.00 22.07 ? 213 LEU A CD1 1 
ATOM   72   C CD2 . LEU A 1 12 ? -2.925  -13.818 1.784   1.00 23.03 ? 213 LEU A CD2 1 
ATOM   73   N N   . ASN A 1 13 ? -2.131  -9.894  4.704   1.00 23.74 ? 214 ASN A N   1 
ATOM   74   C CA  . ASN A 1 13 ? -2.979  -8.690  4.762   1.00 24.49 ? 214 ASN A CA  1 
ATOM   75   C C   . ASN A 1 13 ? -2.175  -7.422  4.641   1.00 23.81 ? 214 ASN A C   1 
ATOM   76   O O   . ASN A 1 13 ? -2.625  -6.479  3.974   1.00 24.71 ? 214 ASN A O   1 
ATOM   77   C CB  . ASN A 1 13 ? -3.882  -8.697  6.012   1.00 24.24 ? 214 ASN A CB  1 
ATOM   78   C CG  . ASN A 1 13 ? -5.016  -9.689  5.853   1.00 29.92 ? 214 ASN A CG  1 
ATOM   79   O OD1 . ASN A 1 13 ? -5.360  -10.037 4.733   1.00 32.26 ? 214 ASN A OD1 1 
ATOM   80   N ND2 . ASN A 1 13 ? -5.610  -10.131 6.947   1.00 30.34 ? 214 ASN A ND2 1 
ATOM   81   N N   . LEU A 1 14 ? -0.988  -7.387  5.240   1.00 23.12 ? 215 LEU A N   1 
ATOM   82   C CA  . LEU A 1 14 ? -0.127  -6.219  5.104   1.00 23.24 ? 215 LEU A CA  1 
ATOM   83   C C   . LEU A 1 14 ? 0.357   -6.054  3.677   1.00 23.78 ? 215 LEU A C   1 
ATOM   84   O O   . LEU A 1 14 ? 0.480   -4.930  3.171   1.00 22.62 ? 215 LEU A O   1 
ATOM   85   C CB  . LEU A 1 14 ? 1.108   -6.326  5.971   1.00 24.46 ? 215 LEU A CB  1 
ATOM   86   C CG  . LEU A 1 14 ? 0.937   -6.060  7.455   1.00 27.38 ? 215 LEU A CG  1 
ATOM   87   C CD1 . LEU A 1 14 ? 2.306   -6.298  8.122   1.00 27.72 ? 215 LEU A CD1 1 
ATOM   88   C CD2 . LEU A 1 14 ? 0.439   -4.601  7.725   1.00 31.66 ? 215 LEU A CD2 1 
ATOM   89   N N   . ILE A 1 15 ? 0.698   -7.184  3.051   1.00 22.56 ? 216 ILE A N   1 
ATOM   90   C CA  . ILE A 1 15 ? 1.184   -7.125  1.652   1.00 22.42 ? 216 ILE A CA  1 
ATOM   91   C C   . ILE A 1 15 ? 0.023   -6.674  0.737   1.00 22.66 ? 216 ILE A C   1 
ATOM   92   O O   . ILE A 1 15 ? 0.225   -5.836  -0.166  1.00 23.44 ? 216 ILE A O   1 
ATOM   93   C CB  . ILE A 1 15 ? 1.820   -8.486  1.227   1.00 21.52 ? 216 ILE A CB  1 
ATOM   94   C CG1 . ILE A 1 15 ? 3.101   -8.757  2.074   1.00 19.56 ? 216 ILE A CG1 1 
ATOM   95   C CG2 . ILE A 1 15 ? 2.143   -8.452  -0.325  1.00 20.30 ? 216 ILE A CG2 1 
ATOM   96   C CD1 . ILE A 1 15 ? 3.728   -10.253 2.000   1.00 20.19 ? 216 ILE A CD1 1 
ATOM   97   N N   . LYS A 1 16 ? -1.177  -7.200  0.987   1.00 22.66 ? 217 LYS A N   1 
ATOM   98   C CA  . LYS A 1 16 ? -2.357  -6.828  0.175   1.00 24.90 ? 217 LYS A CA  1 
ATOM   99   C C   . LYS A 1 16 ? -2.675  -5.347  0.260   1.00 26.13 ? 217 LYS A C   1 
ATOM   100  O O   . LYS A 1 16 ? -3.139  -4.745  -0.712  1.00 26.13 ? 217 LYS A O   1 
ATOM   101  C CB  . LYS A 1 16 ? -3.607  -7.602  0.600   1.00 24.98 ? 217 LYS A CB  1 
ATOM   102  C CG  . LYS A 1 16 ? -3.640  -9.052  0.091   1.00 25.14 ? 217 LYS A CG  1 
ATOM   103  C CD  . LYS A 1 16 ? -4.853  -9.768  0.639   1.00 28.60 ? 217 LYS A CD  1 
ATOM   104  C CE  . LYS A 1 16 ? -4.991  -11.115 -0.043  1.00 34.37 ? 217 LYS A CE  1 
ATOM   105  N NZ  . LYS A 1 16 ? -6.071  -11.879 0.641   1.00 36.50 ? 217 LYS A NZ  1 
ATOM   106  N N   . ALA A 1 17 ? -2.387  -4.760  1.414   1.00 26.61 ? 218 ALA A N   1 
ATOM   107  C CA  . ALA A 1 17 ? -2.770  -3.374  1.673   1.00 26.98 ? 218 ALA A CA  1 
ATOM   108  C C   . ALA A 1 17 ? -1.784  -2.379  1.051   1.00 27.82 ? 218 ALA A C   1 
ATOM   109  O O   . ALA A 1 17 ? -2.115  -1.192  0.943   1.00 29.28 ? 218 ALA A O   1 
ATOM   110  C CB  . ALA A 1 17 ? -2.887  -3.137  3.200   1.00 26.41 ? 218 ALA A CB  1 
ATOM   111  N N   . CYS A 1 18 ? -0.569  -2.806  0.666   1.00 26.70 ? 219 CYS A N   1 
ATOM   112  C CA  . CYS A 1 18 ? 0.384   -1.854  0.065   1.00 26.20 ? 219 CYS A CA  1 
ATOM   113  C C   . CYS A 1 18 ? 0.169   -1.782  -1.441  1.00 26.85 ? 219 CYS A C   1 
ATOM   114  O O   . CYS A 1 18 ? 0.322   -2.807  -2.128  1.00 25.29 ? 219 CYS A O   1 
ATOM   115  C CB  . CYS A 1 18 ? 1.834   -2.284  0.308   1.00 26.60 ? 219 CYS A CB  1 
ATOM   116  S SG  . CYS A 1 18 ? 3.035   -1.136  -0.364  1.00 27.15 ? 219 CYS A SG  1 
ATOM   117  N N   . PRO A 1 19 ? -0.205  -0.590  -1.964  1.00 25.57 ? 220 PRO A N   1 
ATOM   118  C CA  . PRO A 1 19 ? -0.546  -0.414  -3.368  1.00 25.53 ? 220 PRO A CA  1 
ATOM   119  C C   . PRO A 1 19 ? 0.596   0.052   -4.262  1.00 25.07 ? 220 PRO A C   1 
ATOM   120  O O   . PRO A 1 19 ? 0.383   0.270   -5.483  1.00 25.01 ? 220 PRO A O   1 
ATOM   121  C CB  . PRO A 1 19 ? -1.653  0.672   -3.311  1.00 27.08 ? 220 PRO A CB  1 
ATOM   122  C CG  . PRO A 1 19 ? -1.378  1.419   -2.082  1.00 26.09 ? 220 PRO A CG  1 
ATOM   123  C CD  . PRO A 1 19 ? -0.697  0.520   -1.130  1.00 27.01 ? 220 PRO A CD  1 
ATOM   124  N N   . ARG A 1 20 ? 1.796   0.202   -3.699  1.00 23.06 ? 221 ARG A N   1 
ATOM   125  C CA  . ARG A 1 20 ? 2.944   0.642   -4.469  1.00 23.36 ? 221 ARG A CA  1 
ATOM   126  C C   . ARG A 1 20 ? 3.251   -0.398  -5.530  1.00 24.69 ? 221 ARG A C   1 
ATOM   127  O O   . ARG A 1 20 ? 3.059   -1.592  -5.269  1.00 24.23 ? 221 ARG A O   1 
ATOM   128  C CB  . ARG A 1 20 ? 4.169   0.771   -3.569  1.00 22.52 ? 221 ARG A CB  1 
ATOM   129  C CG  . ARG A 1 20 ? 4.020   1.885   -2.471  1.00 24.70 ? 221 ARG A CG  1 
ATOM   130  C CD  . ARG A 1 20 ? 5.388   2.210   -1.812  1.00 22.05 ? 221 ARG A CD  1 
ATOM   131  N NE  . ARG A 1 20 ? 6.136   3.059   -2.735  1.00 26.31 ? 221 ARG A NE  1 
ATOM   132  C CZ  . ARG A 1 20 ? 5.898   4.356   -2.911  1.00 28.33 ? 221 ARG A CZ  1 
ATOM   133  N NH1 . ARG A 1 20 ? 4.937   4.958   -2.214  1.00 27.01 ? 221 ARG A NH1 1 
ATOM   134  N NH2 . ARG A 1 20 ? 6.627   5.054   -3.786  1.00 27.01 ? 221 ARG A NH2 1 
ATOM   135  N N   . PRO A 1 21 ? 3.744   0.031   -6.707  1.00 25.25 ? 222 PRO A N   1 
ATOM   136  C CA  . PRO A 1 21 ? 3.877   -0.988  -7.764  1.00 26.08 ? 222 PRO A CA  1 
ATOM   137  C C   . PRO A 1 21 ? 4.985   -2.032  -7.431  1.00 27.01 ? 222 PRO A C   1 
ATOM   138  O O   . PRO A 1 21 ? 4.903   -3.185  -7.885  1.00 26.42 ? 222 PRO A O   1 
ATOM   139  C CB  . PRO A 1 21 ? 4.238   -0.171  -9.019  1.00 26.72 ? 222 PRO A CB  1 
ATOM   140  C CG  . PRO A 1 21 ? 4.881   1.166   -8.442  1.00 26.82 ? 222 PRO A CG  1 
ATOM   141  C CD  . PRO A 1 21 ? 4.085   1.397   -7.159  1.00 25.83 ? 222 PRO A CD  1 
ATOM   142  N N   . GLU A 1 22 ? 5.990   -1.620  -6.656  1.00 26.24 ? 223 GLU A N   1 
ATOM   143  C CA  . GLU A 1 22 ? 7.017   -2.542  -6.187  1.00 26.65 ? 223 GLU A CA  1 
ATOM   144  C C   . GLU A 1 22 ? 6.582   -3.299  -4.930  1.00 26.12 ? 223 GLU A C   1 
ATOM   145  O O   . GLU A 1 22 ? 7.330   -4.138  -4.396  1.00 27.14 ? 223 GLU A O   1 
ATOM   146  C CB  . GLU A 1 22 ? 8.331   -1.781  -5.915  1.00 26.19 ? 223 GLU A CB  1 
ATOM   147  C CG  . GLU A 1 22 ? 8.369   -0.999  -4.591  1.00 27.88 ? 223 GLU A CG  1 
ATOM   148  C CD  . GLU A 1 22 ? 7.768   0.412   -4.697  1.00 29.73 ? 223 GLU A CD  1 
ATOM   149  O OE1 . GLU A 1 22 ? 7.091   0.704   -5.703  1.00 26.65 ? 223 GLU A OE1 1 
ATOM   150  O OE2 . GLU A 1 22 ? 7.942   1.211   -3.746  1.00 28.89 ? 223 GLU A OE2 1 
ATOM   151  N N   . GLY A 1 23 ? 5.371   -3.025  -4.465  1.00 25.20 ? 224 GLY A N   1 
ATOM   152  C CA  . GLY A 1 23 ? 4.842   -3.665  -3.248  1.00 24.17 ? 224 GLY A CA  1 
ATOM   153  C C   . GLY A 1 23 ? 5.544   -3.132  -1.985  1.00 25.36 ? 224 GLY A C   1 
ATOM   154  O O   . GLY A 1 23 ? 6.273   -2.116  -2.026  1.00 26.55 ? 224 GLY A O   1 
ATOM   155  N N   . LEU A 1 24 ? 5.366   -3.814  -0.858  1.00 24.80 ? 225 LEU A N   1 
ATOM   156  C CA  . LEU A 1 24 ? 6.034   -3.370  0.371   1.00 25.52 ? 225 LEU A CA  1 
ATOM   157  C C   . LEU A 1 24 ? 7.389   -4.025  0.508   1.00 26.14 ? 225 LEU A C   1 
ATOM   158  O O   . LEU A 1 24 ? 7.727   -4.930  -0.255  1.00 25.94 ? 225 LEU A O   1 
ATOM   159  C CB  . LEU A 1 24 ? 5.156   -3.614  1.621   1.00 24.57 ? 225 LEU A CB  1 
ATOM   160  C CG  . LEU A 1 24 ? 4.650   -5.029  1.944   1.00 25.79 ? 225 LEU A CG  1 
ATOM   161  C CD1 . LEU A 1 24 ? 5.849   -6.014  2.182   1.00 28.51 ? 225 LEU A CD1 1 
ATOM   162  C CD2 . LEU A 1 24 ? 3.800   -5.005  3.217   1.00 25.43 ? 225 LEU A CD2 1 
ATOM   163  N N   . ASN A 1 25 ? 8.189   -3.611  1.484   1.00 26.25 ? 226 ASN A N   1 
ATOM   164  C CA  . ASN A 1 25 ? 9.415   -4.374  1.662   1.00 27.59 ? 226 ASN A CA  1 
ATOM   165  C C   . ASN A 1 25 ? 9.562   -5.021  3.005   1.00 27.03 ? 226 ASN A C   1 
ATOM   166  O O   . ASN A 1 25 ? 8.693   -4.839  3.890   1.00 26.19 ? 226 ASN A O   1 
ATOM   167  C CB  . ASN A 1 25 ? 10.645  -3.597  1.265   1.00 28.57 ? 226 ASN A CB  1 
ATOM   168  C CG  . ASN A 1 25 ? 10.880  -2.403  2.130   1.00 34.68 ? 226 ASN A CG  1 
ATOM   169  O OD1 . ASN A 1 25 ? 10.554  -2.397  3.324   1.00 39.96 ? 226 ASN A OD1 1 
ATOM   170  N ND2 . ASN A 1 25 ? 11.439  -1.354  1.530   1.00 41.82 ? 226 ASN A ND2 1 
ATOM   171  N N   . PHE A 1 26 ? 10.628  -5.796  3.151   1.00 25.74 ? 227 PHE A N   1 
ATOM   172  C CA  . PHE A 1 26 ? 10.760  -6.575  4.356   1.00 27.53 ? 227 PHE A CA  1 
ATOM   173  C C   . PHE A 1 26 ? 10.798  -5.687  5.617   1.00 27.99 ? 227 PHE A C   1 
ATOM   174  O O   . PHE A 1 26 ? 10.271  -6.055  6.666   1.00 28.60 ? 227 PHE A O   1 
ATOM   175  C CB  . PHE A 1 26 ? 12.006  -7.467  4.270   1.00 27.49 ? 227 PHE A CB  1 
ATOM   176  C CG  . PHE A 1 26 ? 11.970  -8.584  5.257   1.00 30.66 ? 227 PHE A CG  1 
ATOM   177  C CD1 . PHE A 1 26 ? 12.635  -8.461  6.475   1.00 34.70 ? 227 PHE A CD1 1 
ATOM   178  C CD2 . PHE A 1 26 ? 11.197  -9.726  5.019   1.00 31.79 ? 227 PHE A CD2 1 
ATOM   179  C CE1 . PHE A 1 26 ? 12.573  -9.502  7.447   1.00 34.98 ? 227 PHE A CE1 1 
ATOM   180  C CE2 . PHE A 1 26 ? 11.135  -10.774 5.970   1.00 33.72 ? 227 PHE A CE2 1 
ATOM   181  C CZ  . PHE A 1 26 ? 11.819  -10.655 7.180   1.00 34.03 ? 227 PHE A CZ  1 
ATOM   182  N N   . GLN A 1 27 ? 11.408  -4.514  5.517   1.00 28.21 ? 228 GLN A N   1 
ATOM   183  C CA  . GLN A 1 27 ? 11.335  -3.555  6.635   1.00 28.23 ? 228 GLN A CA  1 
ATOM   184  C C   . GLN A 1 27 ? 9.917   -3.140  7.000   1.00 28.17 ? 228 GLN A C   1 
ATOM   185  O O   . GLN A 1 27 ? 9.609   -2.969  8.206   1.00 27.43 ? 228 GLN A O   1 
ATOM   186  C CB  . GLN A 1 27 ? 12.159  -2.316  6.352   1.00 29.59 ? 228 GLN A CB  1 
ATOM   187  C CG  . GLN A 1 27 ? 12.483  -1.503  7.622   1.00 31.90 ? 228 GLN A CG  1 
ATOM   188  C CD  . GLN A 1 27 ? 13.247  -2.351  8.644   1.00 36.82 ? 228 GLN A CD  1 
ATOM   189  O OE1 . GLN A 1 27 ? 14.256  -2.983  8.321   1.00 38.53 ? 228 GLN A OE1 1 
ATOM   190  N NE2 . GLN A 1 27 ? 12.742  -2.384  9.871   1.00 39.39 ? 228 GLN A NE2 1 
ATOM   191  N N   . ASP A 1 28 ? 9.038   -2.966  6.008   1.00 25.76 ? 229 ASP A N   1 
ATOM   192  C CA  . ASP A 1 28 ? 7.639   -2.644  6.333   1.00 27.12 ? 229 ASP A CA  1 
ATOM   193  C C   . ASP A 1 28 ? 7.021   -3.779  7.188   1.00 26.44 ? 229 ASP A C   1 
ATOM   194  O O   . ASP A 1 28 ? 6.237   -3.521  8.118   1.00 25.32 ? 229 ASP A O   1 
ATOM   195  C CB  . ASP A 1 28 ? 6.766   -2.454  5.070   1.00 27.22 ? 229 ASP A CB  1 
ATOM   196  C CG  . ASP A 1 28 ? 7.189   -1.262  4.225   1.00 31.50 ? 229 ASP A CG  1 
ATOM   197  O OD1 . ASP A 1 28 ? 7.455   -1.466  3.008   1.00 31.25 ? 229 ASP A OD1 1 
ATOM   198  O OD2 . ASP A 1 28 ? 7.259   -0.121  4.760   1.00 31.37 ? 229 ASP A OD2 1 
ATOM   199  N N   . LEU A 1 29 ? 7.336   -5.034  6.835   1.00 24.75 ? 230 LEU A N   1 
ATOM   200  C CA  . LEU A 1 29 ? 6.822   -6.157  7.600   1.00 24.03 ? 230 LEU A CA  1 
ATOM   201  C C   . LEU A 1 29 ? 7.363   -6.124  9.032   1.00 25.15 ? 230 LEU A C   1 
ATOM   202  O O   . LEU A 1 29 ? 6.582   -6.210  9.939   1.00 25.08 ? 230 LEU A O   1 
ATOM   203  C CB  . LEU A 1 29 ? 7.207   -7.501  6.933   1.00 23.87 ? 230 LEU A CB  1 
ATOM   204  C CG  . LEU A 1 29 ? 6.614   -7.712  5.546   1.00 22.09 ? 230 LEU A CG  1 
ATOM   205  C CD1 . LEU A 1 29 ? 7.115   -9.112  4.987   1.00 22.33 ? 230 LEU A CD1 1 
ATOM   206  C CD2 . LEU A 1 29 ? 5.107   -7.647  5.581   1.00 21.39 ? 230 LEU A CD2 1 
ATOM   207  N N   . LYS A 1 30 ? 8.668   -5.965  9.205   1.00 26.50 ? 231 LYS A N   1 
ATOM   208  C CA  . LYS A 1 30 ? 9.265   -5.867  10.554  1.00 30.20 ? 231 LYS A CA  1 
ATOM   209  C C   . LYS A 1 30 ? 8.680   -4.716  11.375  1.00 30.91 ? 231 LYS A C   1 
ATOM   210  O O   . LYS A 1 30 ? 8.371   -4.882  12.553  1.00 31.07 ? 231 LYS A O   1 
ATOM   211  C CB  . LYS A 1 30 ? 10.768  -5.692  10.476  1.00 30.17 ? 231 LYS A CB  1 
ATOM   212  C CG  . LYS A 1 30 ? 11.510  -6.966  10.071  1.00 34.04 ? 231 LYS A CG  1 
ATOM   213  C CD  . LYS A 1 30 ? 13.014  -6.657  9.896   1.00 41.51 ? 231 LYS A CD  1 
ATOM   214  C CE  . LYS A 1 30 ? 13.689  -6.510  11.254  1.00 47.21 ? 231 LYS A CE  1 
ATOM   215  N NZ  . LYS A 1 30 ? 15.143  -6.205  11.067  1.00 51.35 ? 231 LYS A NZ  1 
ATOM   216  N N   . ASN A 1 31 ? 8.514   -3.559  10.749  1.00 30.89 ? 232 ASN A N   1 
ATOM   217  C CA  . ASN A 1 31 ? 7.861   -2.434  11.414  1.00 31.10 ? 232 ASN A CA  1 
ATOM   218  C C   . ASN A 1 31 ? 6.492   -2.716  11.975  1.00 31.03 ? 232 ASN A C   1 
ATOM   219  O O   . ASN A 1 31 ? 6.119   -2.184  13.046  1.00 30.77 ? 232 ASN A O   1 
ATOM   220  C CB  . ASN A 1 31 ? 7.780   -1.214  10.476  1.00 30.41 ? 232 ASN A CB  1 
ATOM   221  C CG  . ASN A 1 31 ? 9.140   -0.599  10.201  1.00 33.98 ? 232 ASN A CG  1 
ATOM   222  O OD1 . ASN A 1 31 ? 10.129  -0.940  10.843  1.00 35.84 ? 232 ASN A OD1 1 
ATOM   223  N ND2 . ASN A 1 31 ? 9.205   0.296   9.193   1.00 34.52 ? 232 ASN A ND2 1 
ATOM   224  N N   . GLN A 1 32 ? 5.692   -3.483  11.244  1.00 29.43 ? 233 GLN A N   1 
ATOM   225  C CA  . GLN A 1 32 ? 4.316   -3.723  11.640  1.00 29.39 ? 233 GLN A CA  1 
ATOM   226  C C   . GLN A 1 32 ? 4.158   -4.972  12.493  1.00 28.21 ? 233 GLN A C   1 
ATOM   227  O O   . GLN A 1 32 ? 3.347   -4.975  13.418  1.00 28.98 ? 233 GLN A O   1 
ATOM   228  C CB  . GLN A 1 32 ? 3.414   -3.844  10.388  1.00 31.06 ? 233 GLN A CB  1 
ATOM   229  C CG  . GLN A 1 32 ? 3.315   -2.557  9.618   1.00 36.76 ? 233 GLN A CG  1 
ATOM   230  C CD  . GLN A 1 32 ? 2.523   -1.571  10.380  1.00 45.18 ? 233 GLN A CD  1 
ATOM   231  O OE1 . GLN A 1 32 ? 1.319   -1.780  10.614  1.00 48.26 ? 233 GLN A OE1 1 
ATOM   232  N NE2 . GLN A 1 32 ? 3.181   -0.480  10.805  1.00 46.96 ? 233 GLN A NE2 1 
ATOM   233  N N   . LEU A 1 33 ? 4.903   -6.039  12.161  1.00 25.94 ? 234 LEU A N   1 
ATOM   234  C CA  . LEU A 1 33 ? 4.694   -7.365  12.785  1.00 23.77 ? 234 LEU A CA  1 
ATOM   235  C C   . LEU A 1 33 ? 5.594   -7.479  14.007  1.00 22.97 ? 234 LEU A C   1 
ATOM   236  O O   . LEU A 1 33 ? 6.454   -8.371  14.124  1.00 22.21 ? 234 LEU A O   1 
ATOM   237  C CB  . LEU A 1 33 ? 5.037   -8.502  11.776  1.00 23.07 ? 234 LEU A CB  1 
ATOM   238  C CG  . LEU A 1 33 ? 4.167   -8.417  10.512  1.00 22.79 ? 234 LEU A CG  1 
ATOM   239  C CD1 . LEU A 1 33 ? 4.800   -9.294  9.446   1.00 22.43 ? 234 LEU A CD1 1 
ATOM   240  C CD2 . LEU A 1 33 ? 2.713   -8.819  10.772  1.00 23.87 ? 234 LEU A CD2 1 
ATOM   241  N N   . LYS A 1 34 ? 5.394   -6.568  14.959  1.00 21.57 ? 235 LYS A N   1 
ATOM   242  C CA  . LYS A 1 34 ? 6.331   -6.465  16.067  1.00 22.65 ? 235 LYS A CA  1 
ATOM   243  C C   . LYS A 1 34 ? 6.193   -7.617  17.063  1.00 22.32 ? 235 LYS A C   1 
ATOM   244  O O   . LYS A 1 34 ? 7.030   -7.760  17.965  1.00 21.63 ? 235 LYS A O   1 
ATOM   245  C CB  . LYS A 1 34 ? 6.138   -5.089  16.763  1.00 23.34 ? 235 LYS A CB  1 
ATOM   246  C CG  . LYS A 1 34 ? 6.929   -3.986  15.994  1.00 25.33 ? 235 LYS A CG  1 
ATOM   247  C CD  . LYS A 1 34 ? 6.542   -2.579  16.409  1.00 32.50 ? 235 LYS A CD  1 
ATOM   248  C CE  . LYS A 1 34 ? 7.529   -1.470  15.843  1.00 26.82 ? 235 LYS A CE  1 
ATOM   249  N NZ  . LYS A 1 34 ? 8.980   -1.755  16.197  1.00 32.20 ? 235 LYS A NZ  1 
ATOM   250  N N   . HIS A 1 35 ? 5.122   -8.389  16.945  1.00 21.97 ? 236 HIS A N   1 
ATOM   251  C CA  . HIS A 1 35 ? 4.971   -9.603  17.780  1.00 22.03 ? 236 HIS A CA  1 
ATOM   252  C C   . HIS A 1 35 ? 5.708   -10.847 17.280  1.00 23.42 ? 236 HIS A C   1 
ATOM   253  O O   . HIS A 1 35 ? 5.770   -11.837 17.995  1.00 22.88 ? 236 HIS A O   1 
ATOM   254  C CB  . HIS A 1 35 ? 3.505   -9.949  17.879  1.00 23.25 ? 236 HIS A CB  1 
ATOM   255  C CG  . HIS A 1 35 ? 2.839   -10.225 16.555  1.00 24.51 ? 236 HIS A CG  1 
ATOM   256  N ND1 . HIS A 1 35 ? 2.901   -9.345  15.490  1.00 22.50 ? 236 HIS A ND1 1 
ATOM   257  C CD2 . HIS A 1 35 ? 2.017   -11.230 16.163  1.00 25.74 ? 236 HIS A CD2 1 
ATOM   258  C CE1 . HIS A 1 35 ? 2.179   -9.814  14.489  1.00 25.72 ? 236 HIS A CE1 1 
ATOM   259  N NE2 . HIS A 1 35 ? 1.615   -10.949 14.873  1.00 27.60 ? 236 HIS A NE2 1 
ATOM   260  N N   . MET A 1 36 ? 6.187   -10.820 16.035  1.00 22.70 ? 237 MET A N   1 
ATOM   261  C CA  . MET A 1 36 ? 6.742   -12.032 15.367  1.00 22.88 ? 237 MET A CA  1 
ATOM   262  C C   . MET A 1 36 ? 8.250   -12.023 15.333  1.00 22.03 ? 237 MET A C   1 
ATOM   263  O O   . MET A 1 36 ? 8.852   -10.974 15.118  1.00 21.54 ? 237 MET A O   1 
ATOM   264  C CB  . MET A 1 36 ? 6.214   -12.092 13.890  1.00 21.83 ? 237 MET A CB  1 
ATOM   265  C CG  . MET A 1 36 ? 4.721   -12.307 13.804  1.00 22.79 ? 237 MET A CG  1 
ATOM   266  S SD  . MET A 1 36 ? 4.101   -12.330 12.062  1.00 24.82 ? 237 MET A SD  1 
ATOM   267  C CE  . MET A 1 36 ? 5.007   -13.771 11.446  1.00 25.94 ? 237 MET A CE  1 
ATOM   268  N N   . SER A 1 37 ? 8.879   -13.200 15.454  1.00 20.94 ? 238 SER A N   1 
ATOM   269  C CA  . SER A 1 37 ? 10.306  -13.289 15.220  1.00 20.06 ? 238 SER A CA  1 
ATOM   270  C C   . SER A 1 37 ? 10.617  -13.051 13.736  1.00 21.28 ? 238 SER A C   1 
ATOM   271  O O   . SER A 1 37 ? 9.757   -13.249 12.868  1.00 18.92 ? 238 SER A O   1 
ATOM   272  C CB  . SER A 1 37 ? 10.831  -14.701 15.596  1.00 20.81 ? 238 SER A CB  1 
ATOM   273  O OG  . SER A 1 37 ? 10.256  -15.698 14.720  1.00 21.54 ? 238 SER A OG  1 
ATOM   274  N N   . VAL A 1 38 ? 11.856  -12.697 13.448  1.00 20.64 ? 239 VAL A N   1 
ATOM   275  C CA  . VAL A 1 38 ? 12.283  -12.545 12.049  1.00 22.98 ? 239 VAL A CA  1 
ATOM   276  C C   . VAL A 1 38 ? 12.134  -13.897 11.287  1.00 22.47 ? 239 VAL A C   1 
ATOM   277  O O   . VAL A 1 38 ? 11.620  -13.918 10.159  1.00 23.12 ? 239 VAL A O   1 
ATOM   278  C CB  . VAL A 1 38 ? 13.735  -12.000 11.991  1.00 23.21 ? 239 VAL A CB  1 
ATOM   279  C CG1 . VAL A 1 38 ? 14.380  -12.173 10.543  1.00 26.90 ? 239 VAL A CG1 1 
ATOM   280  C CG2 . VAL A 1 38 ? 13.782  -10.505 12.395  1.00 25.60 ? 239 VAL A CG2 1 
ATOM   281  N N   . SER A 1 39 ? 12.520  -15.007 11.916  1.00 21.60 ? 240 SER A N   1 
ATOM   282  C CA  . SER A 1 39 ? 12.309  -16.340 11.324  1.00 22.78 ? 240 SER A CA  1 
ATOM   283  C C   . SER A 1 39 ? 10.862  -16.655 10.982  1.00 23.01 ? 240 SER A C   1 
ATOM   284  O O   . SER A 1 39 ? 10.584  -17.256 9.915   1.00 21.27 ? 240 SER A O   1 
ATOM   285  C CB  . SER A 1 39 ? 12.880  -17.442 12.231  1.00 22.41 ? 240 SER A CB  1 
ATOM   286  O OG  . SER A 1 39 ? 14.279  -17.333 12.212  1.00 24.09 ? 240 SER A OG  1 
ATOM   287  N N   . SER A 1 40 ? 9.929   -16.313 11.879  1.00 21.88 ? 241 SER A N   1 
ATOM   288  C CA  . SER A 1 40 ? 8.516   -16.473 11.546  1.00 22.72 ? 241 SER A CA  1 
ATOM   289  C C   . SER A 1 40 ? 8.065   -15.597 10.366  1.00 23.00 ? 241 SER A C   1 
ATOM   290  O O   . SER A 1 40 ? 7.265   -16.058 9.561   1.00 23.08 ? 241 SER A O   1 
ATOM   291  C CB  . SER A 1 40 ? 7.561   -16.233 12.744  1.00 21.91 ? 241 SER A CB  1 
ATOM   292  O OG  . SER A 1 40 ? 7.620   -17.330 13.650  1.00 30.34 ? 241 SER A OG  1 
ATOM   293  N N   . ILE A 1 41 ? 8.512   -14.348 10.304  1.00 21.03 ? 242 ILE A N   1 
ATOM   294  C CA  . ILE A 1 41 ? 8.149   -13.493 9.166   1.00 21.21 ? 242 ILE A CA  1 
ATOM   295  C C   . ILE A 1 41 ? 8.701   -14.096 7.852   1.00 22.14 ? 242 ILE A C   1 
ATOM   296  O O   . ILE A 1 41 ? 7.954   -14.252 6.880   1.00 20.79 ? 242 ILE A O   1 
ATOM   297  C CB  . ILE A 1 41 ? 8.672   -12.064 9.350   1.00 20.32 ? 242 ILE A CB  1 
ATOM   298  C CG1 . ILE A 1 41 ? 8.038   -11.435 10.635  1.00 19.68 ? 242 ILE A CG1 1 
ATOM   299  C CG2 . ILE A 1 41 ? 8.236   -11.207 8.180   1.00 23.50 ? 242 ILE A CG2 1 
ATOM   300  C CD1 . ILE A 1 41 ? 8.621   -9.981  10.929  1.00 19.09 ? 242 ILE A CD1 1 
ATOM   301  N N   . LYS A 1 42 ? 9.967   -14.465 7.871   1.00 21.23 ? 243 LYS A N   1 
ATOM   302  C CA  . LYS A 1 42 ? 10.598  -15.116 6.702   1.00 22.75 ? 243 LYS A CA  1 
ATOM   303  C C   . LYS A 1 42 ? 9.892   -16.410 6.281   1.00 22.44 ? 243 LYS A C   1 
ATOM   304  O O   . LYS A 1 42 ? 9.681   -16.661 5.073   1.00 22.92 ? 243 LYS A O   1 
ATOM   305  C CB  . LYS A 1 42 ? 12.070  -15.359 7.003   1.00 22.61 ? 243 LYS A CB  1 
ATOM   306  C CG  . LYS A 1 42 ? 12.861  -14.065 7.073   1.00 26.31 ? 243 LYS A CG  1 
ATOM   307  C CD  . LYS A 1 42 ? 14.349  -14.425 7.274   1.00 34.88 ? 243 LYS A CD  1 
ATOM   308  C CE  . LYS A 1 42 ? 15.314  -13.284 7.027   1.00 39.90 ? 243 LYS A CE  1 
ATOM   309  N NZ  . LYS A 1 42 ? 16.700  -13.760 7.473   1.00 44.90 ? 243 LYS A NZ  1 
ATOM   310  N N   . GLN A 1 43 ? 9.495   -17.224 7.256   1.00 22.28 ? 244 GLN A N   1 
ATOM   311  C CA  . GLN A 1 43 ? 8.816   -18.492 6.952   1.00 23.14 ? 244 GLN A CA  1 
ATOM   312  C C   . GLN A 1 43 ? 7.457   -18.205 6.305   1.00 23.67 ? 244 GLN A C   1 
ATOM   313  O O   . GLN A 1 43 ? 7.002   -18.894 5.350   1.00 23.17 ? 244 GLN A O   1 
ATOM   314  C CB  . GLN A 1 43 ? 8.663   -19.349 8.219   1.00 23.19 ? 244 GLN A CB  1 
ATOM   315  C CG  . GLN A 1 43 ? 8.103   -20.783 7.985   1.00 25.61 ? 244 GLN A CG  1 
ATOM   316  C CD  . GLN A 1 43 ? 6.615   -20.909 7.605   1.00 31.55 ? 244 GLN A CD  1 
ATOM   317  O OE1 . GLN A 1 43 ? 5.746   -20.081 7.991   1.00 29.38 ? 244 GLN A OE1 1 
ATOM   318  N NE2 . GLN A 1 43 ? 6.285   -22.022 6.865   1.00 27.07 ? 244 GLN A NE2 1 
ATOM   319  N N   . ALA A 1 44 ? 6.801   -17.167 6.791   1.00 22.54 ? 245 ALA A N   1 
ATOM   320  C CA  . ALA A 1 44 ? 5.494   -16.837 6.268   1.00 22.51 ? 245 ALA A CA  1 
ATOM   321  C C   . ALA A 1 44 ? 5.648   -16.339 4.835   1.00 22.19 ? 245 ALA A C   1 
ATOM   322  O O   . ALA A 1 44 ? 4.812   -16.677 4.016   1.00 22.41 ? 245 ALA A O   1 
ATOM   323  C CB  . ALA A 1 44 ? 4.801   -15.746 7.149   1.00 23.58 ? 245 ALA A CB  1 
ATOM   324  N N   . VAL A 1 45 ? 6.649   -15.502 4.581   1.00 21.71 ? 246 VAL A N   1 
ATOM   325  C CA  . VAL A 1 45 ? 6.939   -15.035 3.212   1.00 22.49 ? 246 VAL A CA  1 
ATOM   326  C C   . VAL A 1 45 ? 7.238   -16.237 2.262   1.00 22.70 ? 246 VAL A C   1 
ATOM   327  O O   . VAL A 1 45 ? 6.684   -16.301 1.138   1.00 21.47 ? 246 VAL A O   1 
ATOM   328  C CB  . VAL A 1 45 ? 8.072   -13.999 3.192   1.00 23.04 ? 246 VAL A CB  1 
ATOM   329  C CG1 . VAL A 1 45 ? 8.539   -13.761 1.789   1.00 25.54 ? 246 VAL A CG1 1 
ATOM   330  C CG2 . VAL A 1 45 ? 7.582   -12.675 3.861   1.00 22.73 ? 246 VAL A CG2 1 
ATOM   331  N N   . ASP A 1 46 ? 8.031   -17.190 2.740   1.00 22.30 ? 247 ASP A N   1 
ATOM   332  C CA  . ASP A 1 46 ? 8.288   -18.421 1.952   1.00 24.14 ? 247 ASP A CA  1 
ATOM   333  C C   . ASP A 1 46 ? 7.011   -19.168 1.661   1.00 23.62 ? 247 ASP A C   1 
ATOM   334  O O   . ASP A 1 46 ? 6.805   -19.636 0.518   1.00 24.24 ? 247 ASP A O   1 
ATOM   335  C CB  . ASP A 1 46 ? 9.224   -19.374 2.699   1.00 23.72 ? 247 ASP A CB  1 
ATOM   336  C CG  . ASP A 1 46 ? 10.664  -18.900 2.699   1.00 27.91 ? 247 ASP A CG  1 
ATOM   337  O OD1 . ASP A 1 46 ? 11.496  -19.497 3.427   1.00 35.37 ? 247 ASP A OD1 1 
ATOM   338  O OD2 . ASP A 1 46 ? 11.000  -17.954 1.979   1.00 28.68 ? 247 ASP A OD2 1 
ATOM   339  N N   . PHE A 1 47 ? 6.163   -19.360 2.679   1.00 22.76 ? 248 PHE A N   1 
ATOM   340  C CA  . PHE A 1 47 ? 4.922   -20.101 2.477   1.00 22.62 ? 248 PHE A CA  1 
ATOM   341  C C   . PHE A 1 47 ? 4.012   -19.381 1.484   1.00 22.57 ? 248 PHE A C   1 
ATOM   342  O O   . PHE A 1 47 ? 3.470   -19.995 0.517   1.00 21.68 ? 248 PHE A O   1 
ATOM   343  C CB  . PHE A 1 47 ? 4.206   -20.360 3.817   1.00 23.06 ? 248 PHE A CB  1 
ATOM   344  C CG  . PHE A 1 47 ? 2.794   -20.795 3.671   1.00 26.76 ? 248 PHE A CG  1 
ATOM   345  C CD1 . PHE A 1 47 ? 2.487   -22.143 3.458   1.00 30.57 ? 248 PHE A CD1 1 
ATOM   346  C CD2 . PHE A 1 47 ? 1.772   -19.864 3.673   1.00 31.02 ? 248 PHE A CD2 1 
ATOM   347  C CE1 . PHE A 1 47 ? 1.151   -22.573 3.304   1.00 33.83 ? 248 PHE A CE1 1 
ATOM   348  C CE2 . PHE A 1 47 ? 0.442   -20.274 3.505   1.00 33.12 ? 248 PHE A CE2 1 
ATOM   349  C CZ  . PHE A 1 47 ? 0.134   -21.637 3.355   1.00 34.53 ? 248 PHE A CZ  1 
ATOM   350  N N   . LEU A 1 48 ? 3.863   -18.064 1.701   1.00 20.85 ? 249 LEU A N   1 
ATOM   351  C CA  . LEU A 1 48 ? 2.990   -17.295 0.841   1.00 21.93 ? 249 LEU A CA  1 
ATOM   352  C C   . LEU A 1 48 ? 3.500   -17.279 -0.585  1.00 21.90 ? 249 LEU A C   1 
ATOM   353  O O   . LEU A 1 48 ? 2.687   -17.337 -1.553  1.00 22.63 ? 249 LEU A O   1 
ATOM   354  C CB  . LEU A 1 48 ? 2.802   -15.855 1.366   1.00 20.74 ? 249 LEU A CB  1 
ATOM   355  C CG  . LEU A 1 48 ? 2.037   -15.779 2.682   1.00 22.93 ? 249 LEU A CG  1 
ATOM   356  C CD1 . LEU A 1 48 ? 2.225   -14.361 3.228   1.00 22.13 ? 249 LEU A CD1 1 
ATOM   357  C CD2 . LEU A 1 48 ? 0.576   -16.091 2.547   1.00 22.60 ? 249 LEU A CD2 1 
ATOM   358  N N   . SER A 1 49 ? 4.821   -17.188 -0.739  1.00 21.77 ? 250 SER A N   1 
ATOM   359  C CA  . SER A 1 49 ? 5.371   -17.227 -2.075  1.00 24.52 ? 250 SER A CA  1 
ATOM   360  C C   . SER A 1 49 ? 5.187   -18.613 -2.749  1.00 25.32 ? 250 SER A C   1 
ATOM   361  O O   . SER A 1 49 ? 4.738   -18.699 -3.908  1.00 25.36 ? 250 SER A O   1 
ATOM   362  C CB  . SER A 1 49 ? 6.824   -16.772 -2.068  1.00 24.38 ? 250 SER A CB  1 
ATOM   363  O OG  . SER A 1 49 ? 7.343   -16.962 -3.376  1.00 32.11 ? 250 SER A OG  1 
ATOM   364  N N   . ASN A 1 50 ? 5.503   -19.693 -2.038  1.00 25.86 ? 251 ASN A N   1 
ATOM   365  C CA  . ASN A 1 50 ? 5.275   -21.037 -2.581  1.00 25.99 ? 251 ASN A CA  1 
ATOM   366  C C   . ASN A 1 50 ? 3.812   -21.331 -2.961  1.00 27.15 ? 251 ASN A C   1 
ATOM   367  O O   . ASN A 1 50 ? 3.539   -22.028 -3.955  1.00 26.38 ? 251 ASN A O   1 
ATOM   368  C CB  . ASN A 1 50 ? 5.811   -22.120 -1.642  1.00 27.13 ? 251 ASN A CB  1 
ATOM   369  C CG  . ASN A 1 50 ? 6.093   -23.438 -2.402  0.60 29.96 ? 251 ASN A CG  1 
ATOM   370  O OD1 . ASN A 1 50 ? 6.881   -23.471 -3.351  0.71 34.54 ? 251 ASN A OD1 1 
ATOM   371  N ND2 . ASN A 1 50 ? 5.422   -24.503 -2.006  0.85 35.42 ? 251 ASN A ND2 1 
ATOM   372  N N   . GLU A 1 51 ? 2.866   -20.787 -2.200  1.00 24.96 ? 252 GLU A N   1 
ATOM   373  C CA  . GLU A 1 51 ? 1.468   -20.988 -2.478  1.00 25.75 ? 252 GLU A CA  1 
ATOM   374  C C   . GLU A 1 51 ? 0.915   -20.064 -3.555  1.00 24.49 ? 252 GLU A C   1 
ATOM   375  O O   . GLU A 1 51 ? -0.244  -20.202 -3.911  1.00 25.61 ? 252 GLU A O   1 
ATOM   376  C CB  . GLU A 1 51 ? 0.654   -20.819 -1.207  1.00 25.37 ? 252 GLU A CB  1 
ATOM   377  C CG  . GLU A 1 51 ? 0.985   -21.894 -0.165  1.00 29.13 ? 252 GLU A CG  1 
ATOM   378  C CD  . GLU A 1 51 ? 0.342   -23.247 -0.472  1.00 35.25 ? 252 GLU A CD  1 
ATOM   379  O OE1 . GLU A 1 51 ? -0.889  -23.271 -0.721  1.00 36.61 ? 252 GLU A OE1 1 
ATOM   380  O OE2 . GLU A 1 51 ? 1.071   -24.264 -0.459  1.00 37.83 ? 252 GLU A OE2 1 
ATOM   381  N N   . GLY A 1 52 ? 1.719   -19.110 -4.009  1.00 22.93 ? 253 GLY A N   1 
ATOM   382  C CA  . GLY A 1 52 ? 1.281   -18.178 -5.055  1.00 23.15 ? 253 GLY A CA  1 
ATOM   383  C C   . GLY A 1 52 ? 0.463   -16.988 -4.558  1.00 22.61 ? 253 GLY A C   1 
ATOM   384  O O   . GLY A 1 52 ? -0.160  -16.280 -5.362  1.00 23.00 ? 253 GLY A O   1 
ATOM   385  N N   . HIS A 1 53 ? 0.436   -16.751 -3.239  1.00 21.66 ? 254 HIS A N   1 
ATOM   386  C CA  . HIS A 1 53 ? -0.267  -15.543 -2.715  1.00 21.03 ? 254 HIS A CA  1 
ATOM   387  C C   . HIS A 1 53 ? 0.504   -14.258 -2.958  1.00 21.52 ? 254 HIS A C   1 
ATOM   388  O O   . HIS A 1 53 ? -0.098  -13.175 -3.040  1.00 22.82 ? 254 HIS A O   1 
ATOM   389  C CB  . HIS A 1 53 ? -0.553  -15.668 -1.198  1.00 19.97 ? 254 HIS A CB  1 
ATOM   390  C CG  . HIS A 1 53 ? -1.469  -16.794 -0.873  1.00 23.48 ? 254 HIS A CG  1 
ATOM   391  N ND1 . HIS A 1 53 ? -2.807  -16.764 -1.176  1.00 25.52 ? 254 HIS A ND1 1 
ATOM   392  C CD2 . HIS A 1 53 ? -1.228  -18.008 -0.325  1.00 25.32 ? 254 HIS A CD2 1 
ATOM   393  C CE1 . HIS A 1 53 ? -3.359  -17.911 -0.821  1.00 28.93 ? 254 HIS A CE1 1 
ATOM   394  N NE2 . HIS A 1 53 ? -2.424  -18.683 -0.300  1.00 28.57 ? 254 HIS A NE2 1 
ATOM   395  N N   . ILE A 1 54 ? 1.822   -14.345 -3.019  1.00 20.07 ? 255 ILE A N   1 
ATOM   396  C CA  . ILE A 1 54 ? 2.638   -13.173 -3.218  1.00 21.71 ? 255 ILE A CA  1 
ATOM   397  C C   . ILE A 1 54 ? 3.766   -13.491 -4.165  1.00 21.80 ? 255 ILE A C   1 
ATOM   398  O O   . ILE A 1 54 ? 4.017   -14.679 -4.422  1.00 21.92 ? 255 ILE A O   1 
ATOM   399  C CB  . ILE A 1 54 ? 3.271   -12.682 -1.859  1.00 20.46 ? 255 ILE A CB  1 
ATOM   400  C CG1 . ILE A 1 54 ? 4.317   -13.701 -1.331  1.00 21.68 ? 255 ILE A CG1 1 
ATOM   401  C CG2 . ILE A 1 54 ? 2.145   -12.449 -0.829  1.00 20.22 ? 255 ILE A CG2 1 
ATOM   402  C CD1 . ILE A 1 54 ? 5.101   -13.191 -0.017  1.00 24.05 ? 255 ILE A CD1 1 
ATOM   403  N N   . TYR A 1 55 ? 4.459   -12.459 -4.617  1.00 19.93 ? 256 TYR A N   1 
ATOM   404  C CA  . TYR A 1 55 ? 5.676   -12.599 -5.389  1.00 21.38 ? 256 TYR A CA  1 
ATOM   405  C C   . TYR A 1 55 ? 6.605   -11.496 -5.034  1.00 21.89 ? 256 TYR A C   1 
ATOM   406  O O   . TYR A 1 55 ? 6.153   -10.438 -4.637  1.00 21.87 ? 256 TYR A O   1 
ATOM   407  C CB  . TYR A 1 55 ? 5.363   -12.490 -6.930  1.00 20.51 ? 256 TYR A CB  1 
ATOM   408  C CG  . TYR A 1 55 ? 4.458   -11.331 -7.377  1.00 22.06 ? 256 TYR A CG  1 
ATOM   409  C CD1 . TYR A 1 55 ? 3.059   -11.382 -7.221  1.00 20.25 ? 256 TYR A CD1 1 
ATOM   410  C CD2 . TYR A 1 55 ? 5.011   -10.211 -7.994  1.00 19.59 ? 256 TYR A CD2 1 
ATOM   411  C CE1 . TYR A 1 55 ? 2.244   -10.352 -7.669  1.00 22.63 ? 256 TYR A CE1 1 
ATOM   412  C CE2 . TYR A 1 55 ? 4.201   -9.162  -8.470  1.00 23.51 ? 256 TYR A CE2 1 
ATOM   413  C CZ  . TYR A 1 55 ? 2.821   -9.245  -8.303  1.00 23.72 ? 256 TYR A CZ  1 
ATOM   414  O OH  . TYR A 1 55 ? 2.051   -8.208  -8.774  1.00 25.75 ? 256 TYR A OH  1 
ATOM   415  N N   . SER A 1 56 ? 7.901   -11.703 -5.259  1.00 22.33 ? 257 SER A N   1 
ATOM   416  C CA  . SER A 1 56 ? 8.883   -10.636 -5.130  1.00 23.52 ? 257 SER A CA  1 
ATOM   417  C C   . SER A 1 56 ? 8.875   -9.767  -6.377  1.00 24.09 ? 257 SER A C   1 
ATOM   418  O O   . SER A 1 56 ? 8.463   -10.198 -7.480  1.00 23.58 ? 257 SER A O   1 
ATOM   419  C CB  . SER A 1 56 ? 10.283  -11.207 -4.811  1.00 24.96 ? 257 SER A CB  1 
ATOM   420  O OG  . SER A 1 56 ? 10.735  -11.928 -5.912  1.00 26.39 ? 257 SER A OG  1 
ATOM   421  N N   . THR A 1 57 ? 9.306   -8.522  -6.228  1.00 23.54 ? 258 THR A N   1 
ATOM   422  C CA  . THR A 1 57 ? 9.157   -7.561  -7.316  1.00 23.47 ? 258 THR A CA  1 
ATOM   423  C C   . THR A 1 57 ? 10.524  -7.083  -7.809  1.00 24.96 ? 258 THR A C   1 
ATOM   424  O O   . THR A 1 57 ? 11.131  -7.751  -8.629  1.00 24.60 ? 258 THR A O   1 
ATOM   425  C CB  . THR A 1 57 ? 8.237   -6.382  -6.909  1.00 24.61 ? 258 THR A CB  1 
ATOM   426  O OG1 . THR A 1 57 ? 8.821   -5.725  -5.779  1.00 23.16 ? 258 THR A OG1 1 
ATOM   427  C CG2 . THR A 1 57 ? 6.836   -6.934  -6.497  1.00 21.01 ? 258 THR A CG2 1 
ATOM   428  N N   . VAL A 1 58 ? 10.998  -5.933  -7.325  1.00 25.34 ? 259 VAL A N   1 
ATOM   429  C CA  . VAL A 1 58 ? 12.266  -5.365  -7.760  1.00 27.09 ? 259 VAL A CA  1 
ATOM   430  C C   . VAL A 1 58 ? 13.498  -6.128  -7.271  1.00 27.79 ? 259 VAL A C   1 
ATOM   431  O O   . VAL A 1 58 ? 14.547  -5.999  -7.882  1.00 28.79 ? 259 VAL A O   1 
ATOM   432  C CB  . VAL A 1 58 ? 12.419  -3.884  -7.397  1.00 27.01 ? 259 VAL A CB  1 
ATOM   433  C CG1 . VAL A 1 58 ? 11.327  -3.059  -8.118  1.00 27.47 ? 259 VAL A CG1 1 
ATOM   434  C CG2 . VAL A 1 58 ? 12.380  -3.658  -5.873  1.00 27.06 ? 259 VAL A CG2 1 
ATOM   435  N N   . ASP A 1 59 ? 13.367  -6.865  -6.174  1.00 28.04 ? 260 ASP A N   1 
ATOM   436  C CA  . ASP A 1 59 ? 14.428  -7.714  -5.632  1.00 29.44 ? 260 ASP A CA  1 
ATOM   437  C C   . ASP A 1 59 ? 13.788  -8.681  -4.645  1.00 28.98 ? 260 ASP A C   1 
ATOM   438  O O   . ASP A 1 59 ? 12.557  -8.621  -4.443  1.00 27.03 ? 260 ASP A O   1 
ATOM   439  C CB  . ASP A 1 59 ? 15.530  -6.873  -4.967  1.00 29.79 ? 260 ASP A CB  1 
ATOM   440  C CG  . ASP A 1 59 ? 15.013  -5.994  -3.814  1.00 32.03 ? 260 ASP A CG  1 
ATOM   441  O OD1 . ASP A 1 59 ? 15.617  -4.944  -3.603  1.00 32.68 ? 260 ASP A OD1 1 
ATOM   442  O OD2 . ASP A 1 59 ? 14.023  -6.326  -3.103  1.00 30.46 ? 260 ASP A OD2 1 
ATOM   443  N N   . ASP A 1 60 ? 14.596  -9.531  -4.008  1.00 29.30 ? 261 ASP A N   1 
ATOM   444  C CA  . ASP A 1 60 ? 14.050  -10.499 -3.045  1.00 31.21 ? 261 ASP A CA  1 
ATOM   445  C C   . ASP A 1 60 ? 13.514  -9.894  -1.757  1.00 30.09 ? 261 ASP A C   1 
ATOM   446  O O   . ASP A 1 60 ? 13.065  -10.633 -0.919  1.00 30.49 ? 261 ASP A O   1 
ATOM   447  C CB  . ASP A 1 60 ? 15.081  -11.568 -2.630  1.00 32.67 ? 261 ASP A CB  1 
ATOM   448  C CG  . ASP A 1 60 ? 15.720  -12.273 -3.818  1.00 38.46 ? 261 ASP A CG  1 
ATOM   449  O OD1 . ASP A 1 60 ? 16.864  -12.763 -3.650  1.00 45.58 ? 261 ASP A OD1 1 
ATOM   450  O OD2 . ASP A 1 60 ? 15.114  -12.349 -4.912  1.00 40.31 ? 261 ASP A OD2 1 
ATOM   451  N N   . ASP A 1 61 ? 13.574  -8.583  -1.570  1.00 28.74 ? 262 ASP A N   1 
ATOM   452  C CA  . ASP A 1 61 ? 13.087  -8.027  -0.296  1.00 29.56 ? 262 ASP A CA  1 
ATOM   453  C C   . ASP A 1 61 ? 11.801  -7.242  -0.470  1.00 28.39 ? 262 ASP A C   1 
ATOM   454  O O   . ASP A 1 61 ? 11.367  -6.587  0.485   1.00 27.67 ? 262 ASP A O   1 
ATOM   455  C CB  . ASP A 1 61 ? 14.093  -7.034  0.291   1.00 30.54 ? 262 ASP A CB  1 
ATOM   456  C CG  . ASP A 1 61 ? 15.461  -7.622  0.480   1.00 35.46 ? 262 ASP A CG  1 
ATOM   457  O OD1 . ASP A 1 61 ? 15.534  -8.755  0.971   1.00 38.11 ? 262 ASP A OD1 1 
ATOM   458  O OD2 . ASP A 1 61 ? 16.455  -6.933  0.129   1.00 43.56 ? 262 ASP A OD2 1 
ATOM   459  N N   . HIS A 1 62 ? 11.219  -7.254  -1.668  1.00 25.46 ? 263 HIS A N   1 
ATOM   460  C CA  . HIS A 1 62 ? 9.978   -6.503  -1.874  1.00 24.31 ? 263 HIS A CA  1 
ATOM   461  C C   . HIS A 1 62 ? 8.949   -7.464  -2.399  1.00 23.39 ? 263 HIS A C   1 
ATOM   462  O O   . HIS A 1 62 ? 9.284   -8.315  -3.249  1.00 22.27 ? 263 HIS A O   1 
ATOM   463  C CB  . HIS A 1 62 ? 10.175  -5.381  -2.920  1.00 23.67 ? 263 HIS A CB  1 
ATOM   464  C CG  . HIS A 1 62 ? 10.987  -4.208  -2.443  1.00 26.57 ? 263 HIS A CG  1 
ATOM   465  N ND1 . HIS A 1 62 ? 12.366  -4.239  -2.359  1.00 28.15 ? 263 HIS A ND1 1 
ATOM   466  C CD2 . HIS A 1 62 ? 10.622  -2.940  -2.116  1.00 26.80 ? 263 HIS A CD2 1 
ATOM   467  C CE1 . HIS A 1 62 ? 12.816  -3.052  -1.974  1.00 28.91 ? 263 HIS A CE1 1 
ATOM   468  N NE2 . HIS A 1 62 ? 11.776  -2.244  -1.823  1.00 29.90 ? 263 HIS A NE2 1 
ATOM   469  N N   . PHE A 1 63 ? 7.702   -7.302  -1.960  1.00 23.04 ? 264 PHE A N   1 
ATOM   470  C CA  . PHE A 1 63 ? 6.625   -8.288  -2.187  1.00 23.29 ? 264 PHE A CA  1 
ATOM   471  C C   . PHE A 1 63 ? 5.307   -7.647  -2.539  1.00 24.17 ? 264 PHE A C   1 
ATOM   472  O O   . PHE A 1 63 ? 4.924   -6.640  -1.952  1.00 24.43 ? 264 PHE A O   1 
ATOM   473  C CB  . PHE A 1 63 ? 6.406   -9.139  -0.932  1.00 22.92 ? 264 PHE A CB  1 
ATOM   474  C CG  . PHE A 1 63 ? 7.672   -9.759  -0.459  1.00 27.04 ? 264 PHE A CG  1 
ATOM   475  C CD1 . PHE A 1 63 ? 8.206   -10.850 -1.131  1.00 27.99 ? 264 PHE A CD1 1 
ATOM   476  C CD2 . PHE A 1 63 ? 8.379   -9.193  0.599   1.00 32.29 ? 264 PHE A CD2 1 
ATOM   477  C CE1 . PHE A 1 63 ? 9.441   -11.386 -0.719  1.00 34.75 ? 264 PHE A CE1 1 
ATOM   478  C CE2 . PHE A 1 63 ? 9.600   -9.747  1.011   1.00 32.03 ? 264 PHE A CE2 1 
ATOM   479  C CZ  . PHE A 1 63 ? 10.118  -10.813 0.346   1.00 33.88 ? 264 PHE A CZ  1 
ATOM   480  N N   . LYS A 1 64 ? 4.588   -8.265  -3.462  1.00 23.16 ? 265 LYS A N   1 
ATOM   481  C CA  . LYS A 1 64 ? 3.273   -7.799  -3.837  1.00 23.36 ? 265 LYS A CA  1 
ATOM   482  C C   . LYS A 1 64 ? 2.342   -8.997  -3.832  1.00 22.60 ? 265 LYS A C   1 
ATOM   483  O O   . LYS A 1 64 ? 2.788   -10.161 -4.036  1.00 22.06 ? 265 LYS A O   1 
ATOM   484  C CB  . LYS A 1 64 ? 3.408   -7.094  -5.199  1.00 24.00 ? 265 LYS A CB  1 
ATOM   485  C CG  . LYS A 1 64 ? 2.143   -6.451  -5.732  1.00 28.98 ? 265 LYS A CG  1 
ATOM   486  C CD  . LYS A 1 64 ? 2.490   -5.332  -6.752  1.00 32.75 ? 265 LYS A CD  1 
ATOM   487  C CE  . LYS A 1 64 ? 1.269   -4.955  -7.600  1.00 33.68 ? 265 LYS A CE  1 
ATOM   488  N NZ  . LYS A 1 64 ? 0.055   -4.599  -6.737  1.00 35.99 ? 265 LYS A NZ  1 
ATOM   489  N N   . SER A 1 65 ? 1.054   -8.764  -3.582  1.00 22.98 ? 266 SER A N   1 
ATOM   490  C CA  . SER A 1 65 ? 0.107   -9.864  -3.540  1.00 22.95 ? 266 SER A CA  1 
ATOM   491  C C   . SER A 1 65 ? -0.519  -10.125 -4.924  1.00 25.04 ? 266 SER A C   1 
ATOM   492  O O   . SER A 1 65 ? -0.653  -9.206  -5.761  1.00 22.24 ? 266 SER A O   1 
ATOM   493  C CB  . SER A 1 65 ? -1.005  -9.585  -2.531  1.00 24.09 ? 266 SER A CB  1 
ATOM   494  O OG  . SER A 1 65 ? -1.701  -8.404  -2.923  1.00 26.03 ? 266 SER A OG  1 
ATOM   495  N N   . THR A 1 66 ? -0.866  -11.393 -5.176  1.00 25.95 ? 267 THR A N   1 
ATOM   496  C CA  . THR A 1 66 ? -1.544  -11.740 -6.429  1.00 28.80 ? 267 THR A CA  1 
ATOM   497  C C   . THR A 1 66 ? -3.044  -11.434 -6.355  1.00 31.69 ? 267 THR A C   1 
ATOM   498  O O   . THR A 1 66 ? -3.642  -11.202 -7.376  1.00 32.55 ? 267 THR A O   1 
ATOM   499  C CB  . THR A 1 66 ? -1.399  -13.238 -6.758  1.00 28.33 ? 267 THR A CB  1 
ATOM   500  O OG1 . THR A 1 66 ? -1.818  -14.017 -5.631  1.00 29.77 ? 267 THR A OG1 1 
ATOM   501  C CG2 . THR A 1 66 ? 0.056   -13.570 -7.045  1.00 27.52 ? 267 THR A CG2 1 
ATOM   502  N N   . ASP A 1 67 ? -3.614  -11.478 -5.148  1.00 36.04 ? 268 ASP A N   1 
ATOM   503  C CA  . ASP A 1 67 ? -5.083  -11.640 -4.820  1.00 40.81 ? 268 ASP A CA  1 
ATOM   504  C C   . ASP A 1 67 ? -6.193  -11.517 -5.879  1.00 43.63 ? 268 ASP A C   1 
ATOM   505  O O   . ASP A 1 67 ? -7.417  -11.416 -5.516  1.00 46.24 ? 268 ASP A O   1 
ATOM   506  C CB  . ASP A 1 67 ? -5.412  -10.640 -3.750  1.00 42.60 ? 268 ASP A CB  1 
ATOM   507  C CG  . ASP A 1 67 ? -5.011  -9.280  -4.158  1.00 44.57 ? 268 ASP A CG  1 
ATOM   508  O OD1 . ASP A 1 67 ? -4.022  -8.778  -3.598  1.00 45.17 ? 268 ASP A OD1 1 
ATOM   509  O OD2 . ASP A 1 67 ? -5.634  -8.772  -5.112  1.00 50.35 ? 268 ASP A OD2 1 
ATOM   510  N N   . LEU B 2 1  ? 9.305   3.123   -11.749 1.00 32.67 ? 5   LEU B N   1 
ATOM   511  C CA  . LEU B 2 1  ? 10.066  1.872   -12.027 1.00 31.21 ? 5   LEU B CA  1 
ATOM   512  C C   . LEU B 2 1  ? 10.548  1.921   -13.457 1.00 30.85 ? 5   LEU B C   1 
ATOM   513  O O   . LEU B 2 1  ? 9.886   2.525   -14.309 1.00 31.07 ? 5   LEU B O   1 
ATOM   514  C CB  . LEU B 2 1  ? 9.158   0.643   -11.818 1.00 30.48 ? 5   LEU B CB  1 
ATOM   515  C CG  . LEU B 2 1  ? 8.568   0.479   -10.398 1.00 32.13 ? 5   LEU B CG  1 
ATOM   516  C CD1 . LEU B 2 1  ? 7.708   -0.734  -10.300 1.00 33.71 ? 5   LEU B CD1 1 
ATOM   517  C CD2 . LEU B 2 1  ? 9.636   0.390   -9.310  1.00 35.01 ? 5   LEU B CD2 1 
ATOM   518  N N   . THR B 2 2  ? 11.680  1.275   -13.721 1.00 29.63 ? 6   THR B N   1 
ATOM   519  C CA  . THR B 2 2  ? 12.254  1.246   -15.047 1.00 29.36 ? 6   THR B CA  1 
ATOM   520  C C   . THR B 2 2  ? 11.467  0.220   -15.886 1.00 29.79 ? 6   THR B C   1 
ATOM   521  O O   . THR B 2 2  ? 10.767  -0.644  -15.317 1.00 27.85 ? 6   THR B O   1 
ATOM   522  C CB  . THR B 2 2  ? 13.705  0.837   -15.017 1.00 29.39 ? 6   THR B CB  1 
ATOM   523  O OG1 . THR B 2 2  ? 13.811  -0.553  -14.692 1.00 28.98 ? 6   THR B OG1 1 
ATOM   524  C CG2 . THR B 2 2  ? 14.470  1.654   -13.983 1.00 29.98 ? 6   THR B CG2 1 
ATOM   525  N N   A GLU B 2 3  ? 11.575  0.348   -17.210 0.50 29.11 ? 7   GLU B N   1 
ATOM   526  N N   B GLU B 2 3  ? 11.542  0.293   -17.216 0.50 29.29 ? 7   GLU B N   1 
ATOM   527  C CA  A GLU B 2 3  ? 11.064  -0.666  -18.124 0.50 29.65 ? 7   GLU B CA  1 
ATOM   528  C CA  B GLU B 2 3  ? 10.874  -0.750  -18.016 0.50 29.69 ? 7   GLU B CA  1 
ATOM   529  C C   A GLU B 2 3  ? 11.483  -2.077  -17.698 0.50 28.93 ? 7   GLU B C   1 
ATOM   530  C C   B GLU B 2 3  ? 11.474  -2.158  -17.738 0.50 29.00 ? 7   GLU B C   1 
ATOM   531  O O   A GLU B 2 3  ? 10.660  -2.972  -17.583 0.50 29.01 ? 7   GLU B O   1 
ATOM   532  O O   B GLU B 2 3  ? 10.753  -3.149  -17.747 0.50 28.79 ? 7   GLU B O   1 
ATOM   533  C CB  A GLU B 2 3  ? 11.568  -0.382  -19.548 0.50 30.22 ? 7   GLU B CB  1 
ATOM   534  C CB  B GLU B 2 3  ? 10.845  -0.379  -19.520 0.50 30.85 ? 7   GLU B CB  1 
ATOM   535  C CG  A GLU B 2 3  ? 10.860  0.768   -20.232 0.50 31.97 ? 7   GLU B CG  1 
ATOM   536  C CG  B GLU B 2 3  ? 10.088  -1.355  -20.446 0.50 32.20 ? 7   GLU B CG  1 
ATOM   537  C CD  A GLU B 2 3  ? 11.179  0.817   -21.726 0.50 35.96 ? 7   GLU B CD  1 
ATOM   538  C CD  B GLU B 2 3  ? 8.746   -1.852  -19.876 0.50 34.73 ? 7   GLU B CD  1 
ATOM   539  O OE1 A GLU B 2 3  ? 11.848  -0.117  -22.231 0.50 36.56 ? 7   GLU B OE1 1 
ATOM   540  O OE1 B GLU B 2 3  ? 8.636   -3.073  -19.554 0.50 28.77 ? 7   GLU B OE1 1 
ATOM   541  O OE2 A GLU B 2 3  ? 10.767  1.794   -22.385 0.50 37.13 ? 7   GLU B OE2 1 
ATOM   542  O OE2 B GLU B 2 3  ? 7.804   -1.020  -19.758 0.50 37.85 ? 7   GLU B OE2 1 
ATOM   543  N N   . GLU B 2 4  ? 12.771  -2.263  -17.457 1.00 28.59 ? 8   GLU B N   1 
ATOM   544  C CA  . GLU B 2 4  ? 13.312  -3.574  -17.115 1.00 28.74 ? 8   GLU B CA  1 
ATOM   545  C C   . GLU B 2 4  ? 12.688  -4.084  -15.806 1.00 28.38 ? 8   GLU B C   1 
ATOM   546  O O   . GLU B 2 4  ? 12.367  -5.256  -15.705 1.00 27.82 ? 8   GLU B O   1 
ATOM   547  C CB  . GLU B 2 4  ? 14.856  -3.602  -17.030 1.00 29.82 ? 8   GLU B CB  1 
ATOM   548  N N   . GLN B 2 5  ? 12.543  -3.206  -14.813 1.00 26.97 ? 9   GLN B N   1 
ATOM   549  C CA  . GLN B 2 5  ? 11.903  -3.605  -13.541 1.00 25.97 ? 9   GLN B CA  1 
ATOM   550  C C   . GLN B 2 5  ? 10.435  -4.011  -13.756 1.00 25.75 ? 9   GLN B C   1 
ATOM   551  O O   . GLN B 2 5  ? 9.972   -5.009  -13.214 1.00 24.68 ? 9   GLN B O   1 
ATOM   552  C CB  . GLN B 2 5  ? 11.958  -2.432  -12.587 1.00 25.47 ? 9   GLN B CB  1 
ATOM   553  C CG  . GLN B 2 5  ? 13.384  -2.224  -12.007 1.00 23.57 ? 9   GLN B CG  1 
ATOM   554  C CD  . GLN B 2 5  ? 13.389  -1.074  -11.025 1.00 26.46 ? 9   GLN B CD  1 
ATOM   555  O OE1 . GLN B 2 5  ? 12.804  -0.030  -11.280 1.00 25.29 ? 9   GLN B OE1 1 
ATOM   556  N NE2 . GLN B 2 5  ? 14.033  -1.279  -9.876  1.00 25.53 ? 9   GLN B NE2 1 
ATOM   557  N N   . ARG B 2 6  ? 9.700   -3.234  -14.549 1.00 25.12 ? 10  ARG B N   1 
ATOM   558  C CA  . ARG B 2 6  ? 8.300   -3.610  -14.826 1.00 25.43 ? 10  ARG B CA  1 
ATOM   559  C C   . ARG B 2 6  ? 8.215   -4.960  -15.553 1.00 24.30 ? 10  ARG B C   1 
ATOM   560  O O   . ARG B 2 6  ? 7.304   -5.764  -15.306 1.00 24.25 ? 10  ARG B O   1 
ATOM   561  C CB  . ARG B 2 6  ? 7.591   -2.534  -15.664 1.00 26.80 ? 10  ARG B CB  1 
ATOM   562  C CG  . ARG B 2 6  ? 7.330   -1.262  -14.829 1.00 30.43 ? 10  ARG B CG  1 
ATOM   563  C CD  . ARG B 2 6  ? 6.238   -0.372  -15.424 1.00 39.30 ? 10  ARG B CD  1 
ATOM   564  N NE  . ARG B 2 6  ? 6.623   0.071   -16.755 1.00 45.51 ? 10  ARG B NE  1 
ATOM   565  C CZ  . ARG B 2 6  ? 7.368   1.144   -16.991 1.00 49.52 ? 10  ARG B CZ  1 
ATOM   566  N NH1 . ARG B 2 6  ? 7.774   1.899   -15.976 1.00 49.10 ? 10  ARG B NH1 1 
ATOM   567  N NH2 . ARG B 2 6  ? 7.686   1.472   -18.244 1.00 51.87 ? 10  ARG B NH2 1 
ATOM   568  N N   . LYS B 2 7  ? 9.168   -5.223  -16.430 1.00 24.50 ? 11  LYS B N   1 
ATOM   569  C CA  . LYS B 2 7  ? 9.154   -6.495  -17.184 1.00 24.27 ? 11  LYS B CA  1 
ATOM   570  C C   . LYS B 2 7  ? 9.368   -7.637  -16.198 1.00 24.04 ? 11  LYS B C   1 
ATOM   571  O O   . LYS B 2 7  ? 8.610   -8.612  -16.173 1.00 23.38 ? 11  LYS B O   1 
ATOM   572  C CB  . LYS B 2 7  ? 10.249  -6.477  -18.251 1.00 24.92 ? 11  LYS B CB  1 
ATOM   573  C CG  . LYS B 2 7  ? 10.439  -7.806  -19.042 1.00 27.76 ? 11  LYS B CG  1 
ATOM   574  C CD  . LYS B 2 7  ? 11.568  -7.657  -20.166 1.00 31.60 ? 11  LYS B CD  1 
ATOM   575  C CE  . LYS B 2 7  ? 11.712  -8.946  -21.035 1.00 35.03 ? 11  LYS B CE  1 
ATOM   576  N NZ  . LYS B 2 7  ? 12.297  -10.054 -20.216 1.00 38.29 ? 11  LYS B NZ  1 
ATOM   577  N N   . LYS B 2 8  ? 10.371  -7.490  -15.341 1.00 24.77 ? 12  LYS B N   1 
ATOM   578  C CA  . LYS B 2 8  ? 10.632  -8.509  -14.309 1.00 24.84 ? 12  LYS B CA  1 
ATOM   579  C C   . LYS B 2 8  ? 9.435   -8.685  -13.348 1.00 23.40 ? 12  LYS B C   1 
ATOM   580  O O   . LYS B 2 8  ? 9.088   -9.808  -12.950 1.00 21.97 ? 12  LYS B O   1 
ATOM   581  C CB  . LYS B 2 8  ? 11.906  -8.112  -13.513 1.00 25.81 ? 12  LYS B CB  1 
ATOM   582  C CG  . LYS B 2 8  ? 12.372  -9.085  -12.379 1.00 31.87 ? 12  LYS B CG  1 
ATOM   583  C CD  . LYS B 2 8  ? 13.492  -8.329  -11.527 1.00 40.37 ? 12  LYS B CD  1 
ATOM   584  C CE  . LYS B 2 8  ? 14.024  -9.155  -10.321 1.00 45.35 ? 12  LYS B CE  1 
ATOM   585  N NZ  . LYS B 2 8  ? 15.276  -8.559  -9.689  1.00 47.69 ? 12  LYS B NZ  1 
ATOM   586  N N   . ILE B 2 9  ? 8.823   -7.589  -12.905 1.00 21.63 ? 13  ILE B N   1 
ATOM   587  C CA  . ILE B 2 9  ? 7.691   -7.733  -11.981 1.00 20.74 ? 13  ILE B CA  1 
ATOM   588  C C   . ILE B 2 9  ? 6.525   -8.512  -12.603 1.00 21.45 ? 13  ILE B C   1 
ATOM   589  O O   . ILE B 2 9  ? 5.855   -9.343  -11.948 1.00 20.13 ? 13  ILE B O   1 
ATOM   590  C CB  . ILE B 2 9  ? 7.210   -6.323  -11.500 1.00 21.78 ? 13  ILE B CB  1 
ATOM   591  C CG1 . ILE B 2 9  ? 8.274   -5.742  -10.552 1.00 23.89 ? 13  ILE B CG1 1 
ATOM   592  C CG2 . ILE B 2 9  ? 5.877   -6.397  -10.843 1.00 22.59 ? 13  ILE B CG2 1 
ATOM   593  C CD1 . ILE B 2 9  ? 8.145   -4.184  -10.292 1.00 26.34 ? 13  ILE B CD1 1 
ATOM   594  N N   . GLU B 2 10 ? 6.270   -8.218  -13.884 1.00 21.12 ? 14  GLU B N   1 
ATOM   595  C CA  . GLU B 2 10 ? 5.157   -8.869  -14.567 1.00 22.47 ? 14  GLU B CA  1 
ATOM   596  C C   . GLU B 2 10 ? 5.449   -10.373 -14.757 1.00 21.31 ? 14  GLU B C   1 
ATOM   597  O O   . GLU B 2 10 ? 4.545   -11.198 -14.632 1.00 21.81 ? 14  GLU B O   1 
ATOM   598  C CB  . GLU B 2 10 ? 4.857   -8.152  -15.897 1.00 22.94 ? 14  GLU B CB  1 
ATOM   599  C CG  . GLU B 2 10 ? 3.732   -8.870  -16.755 1.00 26.69 ? 14  GLU B CG  1 
ATOM   600  C CD  . GLU B 2 10 ? 2.323   -8.865  -16.092 1.00 31.89 ? 14  GLU B CD  1 
ATOM   601  O OE1 . GLU B 2 10 ? 1.465   -9.686  -16.524 1.00 34.50 ? 14  GLU B OE1 1 
ATOM   602  O OE2 . GLU B 2 10 ? 2.050   -8.060  -15.149 1.00 32.47 ? 14  GLU B OE2 1 
ATOM   603  N N   . GLU B 2 11 ? 6.713   -10.722 -14.999 1.00 23.39 ? 15  GLU B N   1 
ATOM   604  C CA  . GLU B 2 11 ? 7.085   -12.120 -15.103 1.00 23.51 ? 15  GLU B CA  1 
ATOM   605  C C   . GLU B 2 11 ? 6.850   -12.753 -13.752 1.00 23.02 ? 15  GLU B C   1 
ATOM   606  O O   . GLU B 2 11 ? 6.358   -13.879 -13.683 1.00 21.80 ? 15  GLU B O   1 
ATOM   607  C CB  . GLU B 2 11 ? 8.545   -12.265 -15.488 1.00 24.85 ? 15  GLU B CB  1 
ATOM   608  C CG  . GLU B 2 11 ? 8.743   -11.914 -16.977 1.00 28.42 ? 15  GLU B CG  1 
ATOM   609  C CD  . GLU B 2 11 ? 10.192  -11.659 -17.383 1.00 34.30 ? 15  GLU B CD  1 
ATOM   610  O OE1 . GLU B 2 11 ? 11.141  -11.749 -16.555 1.00 35.56 ? 15  GLU B OE1 1 
ATOM   611  O OE2 . GLU B 2 11 ? 10.388  -11.325 -18.578 1.00 38.33 ? 15  GLU B OE2 1 
ATOM   612  N N   . ASN B 2 12 ? 7.255   -12.060 -12.675 1.00 22.20 ? 16  ASN B N   1 
ATOM   613  C CA  . ASN B 2 12 ? 7.043   -12.638 -11.315 1.00 22.34 ? 16  ASN B CA  1 
ATOM   614  C C   . ASN B 2 12 ? 5.600   -12.800 -10.919 1.00 21.20 ? 16  ASN B C   1 
ATOM   615  O O   . ASN B 2 12 ? 5.229   -13.779 -10.224 1.00 20.32 ? 16  ASN B O   1 
ATOM   616  C CB  . ASN B 2 12 ? 7.809   -11.844 -10.228 1.00 20.28 ? 16  ASN B CB  1 
ATOM   617  C CG  . ASN B 2 12 ? 9.303   -11.969 -10.391 1.00 26.34 ? 16  ASN B CG  1 
ATOM   618  O OD1 . ASN B 2 12 ? 9.776   -12.844 -11.132 1.00 25.12 ? 16  ASN B OD1 1 
ATOM   619  N ND2 . ASN B 2 12 ? 10.062  -11.066 -9.751  1.00 26.47 ? 16  ASN B ND2 1 
ATOM   620  N N   . ARG B 2 13 ? 4.785   -11.819 -11.315 1.00 20.86 ? 17  ARG B N   1 
ATOM   621  C CA  A ARG B 2 13 ? 3.356   -11.845 -11.060 0.55 21.01 ? 17  ARG B CA  1 
ATOM   622  C CA  B ARG B 2 13 ? 3.339   -11.859 -11.047 0.45 20.83 ? 17  ARG B CA  1 
ATOM   623  C C   . ARG B 2 13 ? 2.727   -13.072 -11.745 1.00 20.72 ? 17  ARG B C   1 
ATOM   624  O O   . ARG B 2 13 ? 1.929   -13.804 -11.156 1.00 18.76 ? 17  ARG B O   1 
ATOM   625  C CB  A ARG B 2 13 ? 2.716   -10.548 -11.598 0.55 21.68 ? 17  ARG B CB  1 
ATOM   626  C CB  B ARG B 2 13 ? 2.609   -10.579 -11.529 0.45 21.37 ? 17  ARG B CB  1 
ATOM   627  C CG  A ARG B 2 13 ? 1.195   -10.600 -11.706 0.55 23.92 ? 17  ARG B CG  1 
ATOM   628  C CG  B ARG B 2 13 ? 1.066   -10.541 -11.210 0.45 22.47 ? 17  ARG B CG  1 
ATOM   629  C CD  A ARG B 2 13 ? 0.486   -9.223  -11.611 0.55 26.93 ? 17  ARG B CD  1 
ATOM   630  C CD  B ARG B 2 13 ? 0.286   -9.334  -11.877 0.45 24.08 ? 17  ARG B CD  1 
ATOM   631  N NE  A ARG B 2 13 ? -0.906  -9.517  -11.295 0.55 27.18 ? 17  ARG B NE  1 
ATOM   632  N NE  B ARG B 2 13 ? 0.093   -9.493  -13.318 0.45 24.20 ? 17  ARG B NE  1 
ATOM   633  C CZ  A ARG B 2 13 ? -1.463  -9.462  -10.081 0.55 28.05 ? 17  ARG B CZ  1 
ATOM   634  C CZ  B ARG B 2 13 ? -1.016  -9.943  -13.912 0.45 24.08 ? 17  ARG B CZ  1 
ATOM   635  N NH1 A ARG B 2 13 ? -0.810  -8.963  -8.989  0.55 21.55 ? 17  ARG B NH1 1 
ATOM   636  N NH1 B ARG B 2 13 ? -2.096  -10.247 -13.214 0.45 25.59 ? 17  ARG B NH1 1 
ATOM   637  N NH2 A ARG B 2 13 ? -2.733  -9.847  -9.993  0.55 23.79 ? 17  ARG B NH2 1 
ATOM   638  N NH2 B ARG B 2 13 ? -1.041  -10.068 -15.218 0.45 25.27 ? 17  ARG B NH2 1 
ATOM   639  N N   . GLN B 2 14 ? 3.095   -13.277 -12.996 1.00 22.00 ? 18  GLN B N   1 
ATOM   640  C CA  . GLN B 2 14 ? 2.565   -14.436 -13.725 1.00 23.30 ? 18  GLN B CA  1 
ATOM   641  C C   . GLN B 2 14 ? 3.045   -15.750 -13.128 1.00 22.25 ? 18  GLN B C   1 
ATOM   642  O O   . GLN B 2 14 ? 2.247   -16.657 -12.996 1.00 22.44 ? 18  GLN B O   1 
ATOM   643  C CB  . GLN B 2 14 ? 2.887   -14.318 -15.209 1.00 23.88 ? 18  GLN B CB  1 
ATOM   644  C CG  . GLN B 2 14 ? 2.042   -13.196 -15.850 1.00 29.57 ? 18  GLN B CG  1 
ATOM   645  C CD  . GLN B 2 14 ? 1.977   -13.264 -17.385 1.00 35.26 ? 18  GLN B CD  1 
ATOM   646  O OE1 . GLN B 2 14 ? 2.249   -14.315 -18.002 1.00 35.23 ? 18  GLN B OE1 1 
ATOM   647  N NE2 . GLN B 2 14 ? 1.672   -12.116 -18.002 1.00 35.76 ? 18  GLN B NE2 1 
ATOM   648  N N   . LYS B 2 15 ? 4.305   -15.834 -12.693 1.00 23.29 ? 19  LYS B N   1 
ATOM   649  C CA  . LYS B 2 15 ? 4.776   -17.067 -12.067 1.00 24.24 ? 19  LYS B CA  1 
ATOM   650  C C   . LYS B 2 15 ? 3.971   -17.380 -10.814 1.00 23.57 ? 19  LYS B C   1 
ATOM   651  O O   . LYS B 2 15 ? 3.602   -18.544 -10.561 1.00 22.16 ? 19  LYS B O   1 
ATOM   652  C CB  . LYS B 2 15 ? 6.271   -17.020 -11.740 1.00 25.49 ? 19  LYS B CB  1 
ATOM   653  C CG  . LYS B 2 15 ? 7.161   -17.184 -12.981 1.00 33.50 ? 19  LYS B CG  1 
ATOM   654  C CD  . LYS B 2 15 ? 8.662   -16.989 -12.673 1.00 41.88 ? 19  LYS B CD  1 
ATOM   655  C CE  . LYS B 2 15 ? 9.392   -16.433 -13.916 1.00 46.48 ? 19  LYS B CE  1 
ATOM   656  N NZ  . LYS B 2 15 ? 10.239  -15.277 -13.459 1.00 48.94 ? 19  LYS B NZ  1 
ATOM   657  N N   . ALA B 2 16 ? 3.684   -16.348 -10.012 1.00 22.57 ? 20  ALA B N   1 
ATOM   658  C CA  . ALA B 2 16 ? 2.954   -16.560 -8.759  1.00 21.34 ? 20  ALA B CA  1 
ATOM   659  C C   . ALA B 2 16 ? 1.493   -16.957 -9.031  1.00 21.98 ? 20  ALA B C   1 
ATOM   660  O O   . ALA B 2 16 ? 0.913   -17.804 -8.354  1.00 22.92 ? 20  ALA B O   1 
ATOM   661  C CB  . ALA B 2 16 ? 2.993   -15.249 -7.898  1.00 20.70 ? 20  ALA B CB  1 
ATOM   662  N N   . LEU B 2 17 ? 0.867   -16.278 -9.977  1.00 21.51 ? 21  LEU B N   1 
ATOM   663  C CA  . LEU B 2 17 ? -0.518  -16.624 -10.297 1.00 22.86 ? 21  LEU B CA  1 
ATOM   664  C C   . LEU B 2 17 ? -0.560  -18.073 -10.799 1.00 22.04 ? 21  LEU B C   1 
ATOM   665  O O   . LEU B 2 17 ? -1.489  -18.810 -10.454 1.00 22.10 ? 21  LEU B O   1 
ATOM   666  C CB  . LEU B 2 17 ? -1.059  -15.701 -11.373 1.00 22.90 ? 21  LEU B CB  1 
ATOM   667  C CG  . LEU B 2 17 ? -1.489  -14.296 -10.888 1.00 24.26 ? 21  LEU B CG  1 
ATOM   668  C CD1 . LEU B 2 17 ? -1.600  -13.383 -12.107 1.00 26.82 ? 21  LEU B CD1 1 
ATOM   669  C CD2 . LEU B 2 17 ? -2.816  -14.376 -10.139 1.00 25.39 ? 21  LEU B CD2 1 
ATOM   670  N N   . ALA B 2 18 ? 0.437   -18.440 -11.603 1.00 22.19 ? 22  ALA B N   1 
ATOM   671  C CA  . ALA B 2 18 ? 0.566   -19.848 -12.038 1.00 23.51 ? 22  ALA B CA  1 
ATOM   672  C C   . ALA B 2 18 ? 0.641   -20.815 -10.854 1.00 24.57 ? 22  ALA B C   1 
ATOM   673  O O   . ALA B 2 18 ? -0.074  -21.852 -10.840 1.00 24.81 ? 22  ALA B O   1 
ATOM   674  C CB  . ALA B 2 18 ? 1.761   -20.017 -12.990 1.00 22.99 ? 22  ALA B CB  1 
ATOM   675  N N   . ARG B 2 19 ? 1.463   -20.499 -9.837  1.00 24.65 ? 23  ARG B N   1 
ATOM   676  C CA  . ARG B 2 19 ? 1.555   -21.379 -8.659  1.00 24.54 ? 23  ARG B CA  1 
ATOM   677  C C   . ARG B 2 19 ? 0.244   -21.445 -7.942  1.00 25.10 ? 23  ARG B C   1 
ATOM   678  O O   . ARG B 2 19 ? -0.122  -22.511 -7.456  1.00 25.11 ? 23  ARG B O   1 
ATOM   679  C CB  . ARG B 2 19 ? 2.582   -20.946 -7.600  1.00 25.45 ? 23  ARG B CB  1 
ATOM   680  C CG  . ARG B 2 19 ? 3.976   -20.832 -8.026  1.00 29.23 ? 23  ARG B CG  1 
ATOM   681  C CD  . ARG B 2 19 ? 4.840   -20.309 -6.822  0.80 33.64 ? 23  ARG B CD  1 
ATOM   682  N NE  . ARG B 2 19 ? 5.722   -19.291 -7.349  0.51 36.99 ? 23  ARG B NE  1 
ATOM   683  C CZ  . ARG B 2 19 ? 5.770   -17.995 -7.058  0.33 35.11 ? 23  ARG B CZ  1 
ATOM   684  N NH1 . ARG B 2 19 ? 6.639   -17.356 -7.771  1.00 37.53 ? 23  ARG B NH1 1 
ATOM   685  N NH2 . ARG B 2 19 ? 5.055   -17.328 -6.104  0.97 35.29 ? 23  ARG B NH2 1 
ATOM   686  N N   A ARG B 2 20 ? -0.459  -20.316 -7.865  0.70 24.79 ? 24  ARG B N   1 
ATOM   687  N N   B ARG B 2 20 ? -0.459  -20.309 -7.878  0.30 25.18 ? 24  ARG B N   1 
ATOM   688  C CA  A ARG B 2 20 ? -1.754  -20.264 -7.207  0.70 26.76 ? 24  ARG B CA  1 
ATOM   689  C CA  B ARG B 2 20 ? -1.769  -20.193 -7.226  0.30 26.24 ? 24  ARG B CA  1 
ATOM   690  C C   A ARG B 2 20 ? -2.770  -21.168 -7.921  0.70 27.56 ? 24  ARG B C   1 
ATOM   691  C C   B ARG B 2 20 ? -2.837  -21.049 -7.914  0.30 27.13 ? 24  ARG B C   1 
ATOM   692  O O   A ARG B 2 20 ? -3.495  -21.965 -7.283  0.70 27.25 ? 24  ARG B O   1 
ATOM   693  O O   B ARG B 2 20 ? -3.662  -21.691 -7.247  0.30 27.03 ? 24  ARG B O   1 
ATOM   694  C CB  A ARG B 2 20 ? -2.230  -18.804 -7.152  0.70 27.02 ? 24  ARG B CB  1 
ATOM   695  C CB  B ARG B 2 20 ? -2.205  -18.719 -7.194  0.30 26.07 ? 24  ARG B CB  1 
ATOM   696  C CG  A ARG B 2 20 ? -3.522  -18.587 -6.422  0.70 30.59 ? 24  ARG B CG  1 
ATOM   697  C CG  B ARG B 2 20 ? -3.481  -18.441 -6.414  0.30 26.50 ? 24  ARG B CG  1 
ATOM   698  C CD  A ARG B 2 20 ? -3.353  -18.442 -4.904  0.70 33.46 ? 24  ARG B CD  1 
ATOM   699  C CD  B ARG B 2 20 ? -3.205  -18.242 -4.920  0.30 25.09 ? 24  ARG B CD  1 
ATOM   700  N NE  A ARG B 2 20 ? -4.546  -17.797 -4.378  0.70 34.77 ? 24  ARG B NE  1 
ATOM   701  N NE  B ARG B 2 20 ? -2.585  -19.409 -4.300  0.30 23.79 ? 24  ARG B NE  1 
ATOM   702  C CZ  A ARG B 2 20 ? -5.479  -18.395 -3.648  0.70 36.67 ? 24  ARG B CZ  1 
ATOM   703  C CZ  B ARG B 2 20 ? -3.224  -20.265 -3.510  0.30 20.08 ? 24  ARG B CZ  1 
ATOM   704  N NH1 A ARG B 2 20 ? -5.349  -19.668 -3.291  0.70 37.41 ? 24  ARG B NH1 1 
ATOM   705  N NH1 B ARG B 2 20 ? -2.578  -21.294 -2.980  0.30 14.60 ? 24  ARG B NH1 1 
ATOM   706  N NH2 A ARG B 2 20 ? -6.537  -17.697 -3.259  0.70 34.50 ? 24  ARG B NH2 1 
ATOM   707  N NH2 B ARG B 2 20 ? -4.503  -20.074 -3.242  0.30 21.92 ? 24  ARG B NH2 1 
ATOM   708  N N   . ALA B 2 21 ? -2.823  -21.048 -9.246  1.00 27.60 ? 25  ALA B N   1 
ATOM   709  C CA  . ALA B 2 21 ? -3.734  -21.912 -10.040 1.00 29.54 ? 25  ALA B CA  1 
ATOM   710  C C   . ALA B 2 21 ? -3.443  -23.401 -9.790  1.00 31.24 ? 25  ALA B C   1 
ATOM   711  O O   . ALA B 2 21 ? -4.385  -24.192 -9.594  1.00 32.26 ? 25  ALA B O   1 
ATOM   712  C CB  . ALA B 2 21 ? -3.618  -21.572 -11.554 1.00 28.28 ? 25  ALA B CB  1 
ATOM   713  N N   . GLU B 2 22 ? -2.171  -23.777 -9.779  1.00 32.63 ? 26  GLU B N   1 
ATOM   714  C CA  . GLU B 2 22 ? -1.779  -25.157 -9.510  1.00 36.78 ? 26  GLU B CA  1 
ATOM   715  C C   . GLU B 2 22 ? -2.303  -25.602 -8.151  1.00 38.17 ? 26  GLU B C   1 
ATOM   716  O O   . GLU B 2 22 ? -2.904  -26.675 -8.029  1.00 38.91 ? 26  GLU B O   1 
ATOM   717  C CB  . GLU B 2 22 ? -0.268  -25.331 -9.541  1.00 36.44 ? 26  GLU B CB  1 
ATOM   718  C CG  . GLU B 2 22 ? 0.335   -25.391 -10.927 1.00 40.59 ? 26  GLU B CG  1 
ATOM   719  C CD  . GLU B 2 22 ? 1.870   -25.496 -10.909 1.00 46.00 ? 26  GLU B CD  1 
ATOM   720  O OE1 . GLU B 2 22 ? 2.542   -24.968 -9.980  1.00 45.92 ? 26  GLU B OE1 1 
ATOM   721  O OE2 . GLU B 2 22 ? 2.420   -26.105 -11.849 1.00 49.36 ? 26  GLU B OE2 1 
ATOM   722  N N   . LYS B 2 23 ? -2.089  -24.776 -7.129  1.00 39.03 ? 27  LYS B N   1 
ATOM   723  C CA  . LYS B 2 23 ? -2.602  -25.095 -5.780  1.00 40.99 ? 27  LYS B CA  1 
ATOM   724  C C   . LYS B 2 23 ? -4.137  -25.200 -5.735  1.00 42.38 ? 27  LYS B C   1 
ATOM   725  O O   . LYS B 2 23 ? -4.694  -26.105 -5.103  1.00 42.15 ? 27  LYS B O   1 
ATOM   726  C CB  . LYS B 2 23 ? -2.104  -24.065 -4.739  1.00 40.55 ? 27  LYS B CB  1 
ATOM   727  C CG  . LYS B 2 23 ? -0.564  -23.977 -4.609  1.00 39.70 ? 27  LYS B CG  1 
ATOM   728  C CD  . LYS B 2 23 ? -0.044  -25.266 -3.998  1.00 42.12 ? 27  LYS B CD  1 
ATOM   729  C CE  . LYS B 2 23 ? 1.477   -25.327 -3.930  1.00 43.54 ? 27  LYS B CE  1 
ATOM   730  N NZ  . LYS B 2 23 ? 1.760   -26.285 -2.806  1.00 45.75 ? 27  LYS B NZ  1 
ATOM   731  N N   . LEU B 2 24 ? -4.821  -24.269 -6.399  1.00 44.21 ? 28  LEU B N   1 
ATOM   732  C CA  . LEU B 2 24 ? -6.286  -24.281 -6.419  1.00 45.64 ? 28  LEU B CA  1 
ATOM   733  C C   . LEU B 2 24 ? -6.814  -25.501 -7.183  1.00 47.29 ? 28  LEU B C   1 
ATOM   734  O O   . LEU B 2 24 ? -7.920  -25.971 -6.920  1.00 47.45 ? 28  LEU B O   1 
ATOM   735  C CB  . LEU B 2 24 ? -6.858  -22.987 -7.004  1.00 44.91 ? 28  LEU B CB  1 
ATOM   736  C CG  . LEU B 2 24 ? -6.718  -21.695 -6.202  1.00 44.81 ? 28  LEU B CG  1 
ATOM   737  C CD1 . LEU B 2 24 ? -7.050  -20.449 -7.070  1.00 43.58 ? 28  LEU B CD1 1 
ATOM   738  C CD2 . LEU B 2 24 ? -7.535  -21.724 -4.922  1.00 43.27 ? 28  LEU B CD2 1 
ATOM   739  N N   . LEU B 2 25 ? -6.007  -26.024 -8.102  1.00 49.11 ? 29  LEU B N   1 
ATOM   740  C CA  . LEU B 2 25 ? -6.431  -27.137 -8.949  1.00 51.28 ? 29  LEU B CA  1 
ATOM   741  C C   . LEU B 2 25 ? -6.118  -28.544 -8.406  1.00 52.28 ? 29  LEU B C   1 
ATOM   742  O O   . LEU B 2 25 ? -6.787  -29.493 -8.795  1.00 52.68 ? 29  LEU B O   1 
ATOM   743  C CB  . LEU B 2 25 ? -5.864  -26.997 -10.385 1.00 51.11 ? 29  LEU B CB  1 
ATOM   744  C CG  . LEU B 2 25 ? -6.297  -25.811 -11.280 1.00 52.29 ? 29  LEU B CG  1 
ATOM   745  C CD1 . LEU B 2 25 ? -5.578  -25.869 -12.654 1.00 52.24 ? 29  LEU B CD1 1 
ATOM   746  C CD2 . LEU B 2 25 ? -7.826  -25.646 -11.431 1.00 52.63 ? 29  LEU B CD2 1 
ATOM   747  N N   . ALA B 2 26 ? -5.104  -28.683 -7.546  1.00 53.70 ? 30  ALA B N   1 
ATOM   748  C CA  . ALA B 2 26 ? -4.570  -30.007 -7.137  1.00 54.37 ? 30  ALA B CA  1 
ATOM   749  C C   . ALA B 2 26 ? -5.615  -31.041 -6.668  1.00 54.94 ? 30  ALA B C   1 
ATOM   750  O O   . ALA B 2 26 ? -6.691  -30.676 -6.155  1.00 55.40 ? 30  ALA B O   1 
ATOM   751  C CB  . ALA B 2 26 ? -3.457  -29.843 -6.092  1.00 54.51 ? 30  ALA B CB  1 
ATOM   752  N N   . GLY C 1 3  ? -16.675 7.132   11.263  1.00 51.78 ? 204 GLY C N   1 
ATOM   753  C CA  . GLY C 1 3  ? -17.776 7.654   10.405  1.00 51.21 ? 204 GLY C CA  1 
ATOM   754  C C   . GLY C 1 3  ? -17.516 7.491   8.914   1.00 51.05 ? 204 GLY C C   1 
ATOM   755  O O   . GLY C 1 3  ? -18.293 8.004   8.084   1.00 52.26 ? 204 GLY C O   1 
ATOM   756  N N   . LEU C 1 4  ? -16.427 6.794   8.559   1.00 49.23 ? 205 LEU C N   1 
ATOM   757  C CA  . LEU C 1 4  ? -16.107 6.501   7.143   1.00 47.36 ? 205 LEU C CA  1 
ATOM   758  C C   . LEU C 1 4  ? -16.898 5.320   6.613   1.00 46.42 ? 205 LEU C C   1 
ATOM   759  O O   . LEU C 1 4  ? -17.087 4.335   7.316   1.00 46.66 ? 205 LEU C O   1 
ATOM   760  C CB  . LEU C 1 4  ? -14.612 6.209   6.961   1.00 46.29 ? 205 LEU C CB  1 
ATOM   761  C CG  . LEU C 1 4  ? -13.581 7.305   7.208   1.00 45.37 ? 205 LEU C CG  1 
ATOM   762  C CD1 . LEU C 1 4  ? -12.176 6.737   7.033   1.00 43.49 ? 205 LEU C CD1 1 
ATOM   763  C CD2 . LEU C 1 4  ? -13.774 8.464   6.271   1.00 42.63 ? 205 LEU C CD2 1 
ATOM   764  N N   . THR C 1 5  ? -17.335 5.420   5.364   1.00 45.38 ? 206 THR C N   1 
ATOM   765  C CA  . THR C 1 5  ? -17.935 4.290   4.655   1.00 44.86 ? 206 THR C CA  1 
ATOM   766  C C   . THR C 1 5  ? -16.889 3.203   4.376   1.00 44.84 ? 206 THR C C   1 
ATOM   767  O O   . THR C 1 5  ? -15.683 3.426   4.588   1.00 43.18 ? 206 THR C O   1 
ATOM   768  C CB  . THR C 1 5  ? -18.547 4.728   3.323   1.00 45.06 ? 206 THR C CB  1 
ATOM   769  O OG1 . THR C 1 5  ? -17.499 5.025   2.382   1.00 45.92 ? 206 THR C OG1 1 
ATOM   770  C CG2 . THR C 1 5  ? -19.446 5.959   3.526   1.00 44.16 ? 206 THR C CG2 1 
ATOM   771  N N   . VAL C 1 6  ? -17.340 2.024   3.923   1.00 43.72 ? 207 VAL C N   1 
ATOM   772  C CA  . VAL C 1 6  ? -16.417 0.915   3.690   1.00 42.85 ? 207 VAL C CA  1 
ATOM   773  C C   . VAL C 1 6  ? -15.390 1.318   2.651   1.00 40.97 ? 207 VAL C C   1 
ATOM   774  O O   . VAL C 1 6  ? -14.194 1.079   2.834   1.00 41.42 ? 207 VAL C O   1 
ATOM   775  C CB  . VAL C 1 6  ? -17.123 -0.429  3.279   1.00 43.67 ? 207 VAL C CB  1 
ATOM   776  C CG1 . VAL C 1 6  ? -16.101 -1.600  3.198   1.00 44.12 ? 207 VAL C CG1 1 
ATOM   777  C CG2 . VAL C 1 6  ? -18.227 -0.773  4.258   1.00 44.29 ? 207 VAL C CG2 1 
ATOM   778  N N   . ALA C 1 7  ? -15.869 1.933   1.582   1.00 39.31 ? 208 ALA C N   1 
ATOM   779  C CA  . ALA C 1 7  ? -15.038 2.376   0.480   1.00 38.20 ? 208 ALA C CA  1 
ATOM   780  C C   . ALA C 1 7  ? -13.968 3.393   0.929   1.00 37.39 ? 208 ALA C C   1 
ATOM   781  O O   . ALA C 1 7  ? -12.778 3.263   0.591   1.00 36.29 ? 208 ALA C O   1 
ATOM   782  C CB  . ALA C 1 7  ? -15.914 2.992   -0.617  1.00 38.39 ? 208 ALA C CB  1 
ATOM   783  N N   . GLN C 1 8  ? -14.416 4.431   1.639   1.00 35.90 ? 209 GLN C N   1 
ATOM   784  C CA  . GLN C 1 8  ? -13.518 5.492   2.086   1.00 34.07 ? 209 GLN C CA  1 
ATOM   785  C C   . GLN C 1 8  ? -12.442 4.901   2.981   1.00 33.54 ? 209 GLN C C   1 
ATOM   786  O O   . GLN C 1 8  ? -11.267 5.261   2.874   1.00 31.73 ? 209 GLN C O   1 
ATOM   787  C CB  . GLN C 1 8  ? -14.291 6.577   2.842   1.00 34.50 ? 209 GLN C CB  1 
ATOM   788  C CG  . GLN C 1 8  ? -15.088 7.506   1.921   1.00 34.69 ? 209 GLN C CG  1 
ATOM   789  C CD  . GLN C 1 8  ? -16.278 8.138   2.649   1.00 35.91 ? 209 GLN C CD  1 
ATOM   790  O OE1 . GLN C 1 8  ? -16.499 7.905   3.839   1.00 36.09 ? 209 GLN C OE1 1 
ATOM   791  N NE2 . GLN C 1 8  ? -17.026 8.954   1.933   1.00 36.66 ? 209 GLN C NE2 1 
ATOM   792  N N   . ASN C 1 9  ? -12.845 3.989   3.863   1.00 32.76 ? 210 ASN C N   1 
ATOM   793  C CA  . ASN C 1 9  ? -11.913 3.342   4.772   1.00 33.74 ? 210 ASN C CA  1 
ATOM   794  C C   . ASN C 1 9  ? -10.903 2.461   4.019   1.00 32.93 ? 210 ASN C C   1 
ATOM   795  O O   . ASN C 1 9  ? -9.734  2.394   4.396   1.00 31.87 ? 210 ASN C O   1 
ATOM   796  C CB  . ASN C 1 9  ? -12.662 2.503   5.804   1.00 35.14 ? 210 ASN C CB  1 
ATOM   797  C CG  . ASN C 1 9  ? -11.780 2.092   6.962   1.00 39.24 ? 210 ASN C CG  1 
ATOM   798  O OD1 . ASN C 1 9  ? -11.568 0.894   7.197   1.00 46.02 ? 210 ASN C OD1 1 
ATOM   799  N ND2 . ASN C 1 9  ? -11.219 3.073   7.667   1.00 42.37 ? 210 ASN C ND2 1 
ATOM   800  N N   . GLN C 1 10 ? -11.351 1.805   2.946   1.00 31.88 ? 211 GLN C N   1 
ATOM   801  C CA  . GLN C 1 10 ? -10.431 0.978   2.161   1.00 31.22 ? 211 GLN C CA  1 
ATOM   802  C C   . GLN C 1 10 ? -9.410  1.852   1.453   1.00 28.67 ? 211 GLN C C   1 
ATOM   803  O O   . GLN C 1 10 ? -8.219  1.544   1.438   1.00 27.91 ? 211 GLN C O   1 
ATOM   804  C CB  . GLN C 1 10 ? -11.189 0.144   1.130   1.00 32.49 ? 211 GLN C CB  1 
ATOM   805  C CG  . GLN C 1 10 ? -10.253 -0.776  0.309   1.00 38.81 ? 211 GLN C CG  1 
ATOM   806  C CD  . GLN C 1 10 ? -11.019 -1.718  -0.603  1.00 44.51 ? 211 GLN C CD  1 
ATOM   807  O OE1 . GLN C 1 10 ? -12.204 -1.509  -0.875  1.00 49.26 ? 211 GLN C OE1 1 
ATOM   808  N NE2 . GLN C 1 10 ? -10.344 -2.774  -1.068  1.00 47.73 ? 211 GLN C NE2 1 
ATOM   809  N N   . VAL C 1 11 ? -9.867  2.933   0.838   1.00 27.13 ? 212 VAL C N   1 
ATOM   810  C CA  . VAL C 1 11 ? -8.931  3.885   0.223   1.00 25.65 ? 212 VAL C CA  1 
ATOM   811  C C   . VAL C 1 11 ? -7.936  4.394   1.262   1.00 25.15 ? 212 VAL C C   1 
ATOM   812  O O   . VAL C 1 11 ? -6.709  4.440   1.026   1.00 23.19 ? 212 VAL C O   1 
ATOM   813  C CB  . VAL C 1 11 ? -9.684  5.058   -0.455  1.00 26.36 ? 212 VAL C CB  1 
ATOM   814  C CG1 . VAL C 1 11 ? -8.711  6.121   -0.988  1.00 22.85 ? 212 VAL C CG1 1 
ATOM   815  C CG2 . VAL C 1 11 ? -10.552 4.522   -1.596  1.00 28.27 ? 212 VAL C CG2 1 
ATOM   816  N N   . LEU C 1 12 ? -8.460  4.786   2.428   1.00 23.83 ? 213 LEU C N   1 
ATOM   817  C CA  . LEU C 1 12 ? -7.555  5.317   3.458   1.00 24.03 ? 213 LEU C CA  1 
ATOM   818  C C   . LEU C 1 12 ? -6.522  4.305   3.880   1.00 23.81 ? 213 LEU C C   1 
ATOM   819  O O   . LEU C 1 12 ? -5.347  4.670   4.096   1.00 23.10 ? 213 LEU C O   1 
ATOM   820  C CB  . LEU C 1 12 ? -8.328  5.850   4.698   1.00 22.95 ? 213 LEU C CB  1 
ATOM   821  C CG  . LEU C 1 12 ? -7.491  6.486   5.821   1.00 22.18 ? 213 LEU C CG  1 
ATOM   822  C CD1 . LEU C 1 12 ? -6.722  7.681   5.268   1.00 21.90 ? 213 LEU C CD1 1 
ATOM   823  C CD2 . LEU C 1 12 ? -8.440  6.942   6.886   1.00 25.41 ? 213 LEU C CD2 1 
ATOM   824  N N   . ASN C 1 13 ? -6.943  3.038   4.032   1.00 24.15 ? 214 ASN C N   1 
ATOM   825  C CA  . ASN C 1 13 ? -5.982  2.003   4.473   1.00 25.35 ? 214 ASN C CA  1 
ATOM   826  C C   . ASN C 1 13 ? -4.858  1.852   3.466   1.00 24.19 ? 214 ASN C C   1 
ATOM   827  O O   . ASN C 1 13 ? -3.709  1.637   3.859   1.00 23.35 ? 214 ASN C O   1 
ATOM   828  C CB  . ASN C 1 13 ? -6.653  0.624   4.694   1.00 26.60 ? 214 ASN C CB  1 
ATOM   829  C CG  . ASN C 1 13 ? -7.484  0.583   5.966   1.00 32.23 ? 214 ASN C CG  1 
ATOM   830  O OD1 . ASN C 1 13 ? -7.272  1.375   6.890   1.00 36.51 ? 214 ASN C OD1 1 
ATOM   831  N ND2 . ASN C 1 13 ? -8.435  -0.343  6.021   1.00 36.64 ? 214 ASN C ND2 1 
ATOM   832  N N   . LEU C 1 14 ? -5.191  1.957   2.182   1.00 23.13 ? 215 LEU C N   1 
ATOM   833  C CA  . LEU C 1 14 ? -4.151  1.848   1.152   1.00 24.33 ? 215 LEU C CA  1 
ATOM   834  C C   . LEU C 1 14 ? -3.190  3.032   1.183   1.00 23.30 ? 215 LEU C C   1 
ATOM   835  O O   . LEU C 1 14 ? -2.015  2.868   0.907   1.00 25.07 ? 215 LEU C O   1 
ATOM   836  C CB  . LEU C 1 14 ? -4.771  1.743   -0.265  1.00 23.95 ? 215 LEU C CB  1 
ATOM   837  C CG  . LEU C 1 14 ? -5.669  0.540   -0.608  1.00 31.41 ? 215 LEU C CG  1 
ATOM   838  C CD1 . LEU C 1 14 ? -5.837  0.406   -2.092  1.00 32.99 ? 215 LEU C CD1 1 
ATOM   839  C CD2 . LEU C 1 14 ? -5.205  -0.752  -0.001  1.00 32.29 ? 215 LEU C CD2 1 
ATOM   840  N N   . ILE C 1 15 ? -3.698  4.236   1.458   1.00 22.19 ? 216 ILE C N   1 
ATOM   841  C CA  . ILE C 1 15 ? -2.829  5.397   1.594   1.00 20.89 ? 216 ILE C CA  1 
ATOM   842  C C   . ILE C 1 15 ? -1.994  5.334   2.889   1.00 22.59 ? 216 ILE C C   1 
ATOM   843  O O   . ILE C 1 15 ? -0.855  5.833   2.921   1.00 21.96 ? 216 ILE C O   1 
ATOM   844  C CB  . ILE C 1 15 ? -3.678  6.704   1.537   1.00 21.38 ? 216 ILE C CB  1 
ATOM   845  C CG1 . ILE C 1 15 ? -4.336  6.799   0.133   1.00 20.82 ? 216 ILE C CG1 1 
ATOM   846  C CG2 . ILE C 1 15 ? -2.779  7.951   1.790   1.00 21.19 ? 216 ILE C CG2 1 
ATOM   847  C CD1 . ILE C 1 15 ? -5.400  7.903   -0.010  1.00 19.67 ? 216 ILE C CD1 1 
ATOM   848  N N   . LYS C 1 16 ? -2.557  4.750   3.962   1.00 23.11 ? 217 LYS C N   1 
ATOM   849  C CA  . LYS C 1 16 ? -1.769  4.539   5.211   1.00 23.84 ? 217 LYS C CA  1 
ATOM   850  C C   . LYS C 1 16 ? -0.649  3.517   5.082   1.00 23.55 ? 217 LYS C C   1 
ATOM   851  O O   . LYS C 1 16 ? 0.358   3.589   5.774   1.00 22.50 ? 217 LYS C O   1 
ATOM   852  C CB  . LYS C 1 16 ? -2.669  4.080   6.378   1.00 24.01 ? 217 LYS C CB  1 
ATOM   853  C CG  . LYS C 1 16 ? -3.532  5.184   6.970   1.00 28.54 ? 217 LYS C CG  1 
ATOM   854  C CD  . LYS C 1 16 ? -4.511  4.588   8.021   1.00 31.31 ? 217 LYS C CD  1 
ATOM   855  C CE  . LYS C 1 16 ? -5.291  5.716   8.704   1.00 36.84 ? 217 LYS C CE  1 
ATOM   856  N NZ  . LYS C 1 16 ? -6.298  5.144   9.666   1.00 37.00 ? 217 LYS C NZ  1 
ATOM   857  N N   . ALA C 1 17 ? -0.814  2.562   4.178   1.00 23.10 ? 218 ALA C N   1 
ATOM   858  C CA  . ALA C 1 17 ? 0.113   1.446   4.123   1.00 24.09 ? 218 ALA C CA  1 
ATOM   859  C C   . ALA C 1 17 ? 1.505   1.842   3.607   1.00 25.42 ? 218 ALA C C   1 
ATOM   860  O O   . ALA C 1 17 ? 1.642   2.810   2.842   1.00 24.36 ? 218 ALA C O   1 
ATOM   861  C CB  . ALA C 1 17 ? -0.486  0.349   3.233   1.00 23.80 ? 218 ALA C CB  1 
ATOM   862  N N   . CYS C 1 18 ? 2.531   1.072   3.988   1.00 25.33 ? 219 CYS C N   1 
ATOM   863  C CA  . CYS C 1 18 ? 3.896   1.251   3.451   1.00 26.70 ? 219 CYS C CA  1 
ATOM   864  C C   . CYS C 1 18 ? 4.287   2.711   3.211   1.00 25.89 ? 219 CYS C C   1 
ATOM   865  O O   . CYS C 1 18 ? 4.628   3.100   2.069   1.00 26.40 ? 219 CYS C O   1 
ATOM   866  C CB  . CYS C 1 18 ? 4.094   0.412   2.148   1.00 26.98 ? 219 CYS C CB  1 
ATOM   867  S SG  . CYS C 1 18 ? 2.793   0.612   0.853   1.00 31.83 ? 219 CYS C SG  1 
ATOM   868  N N   . PRO C 1 19 ? 4.252   3.540   4.279   1.00 26.09 ? 220 PRO C N   1 
ATOM   869  C CA  . PRO C 1 19 ? 4.372   4.985   4.071   1.00 24.68 ? 220 PRO C CA  1 
ATOM   870  C C   . PRO C 1 19 ? 5.761   5.375   3.595   1.00 24.67 ? 220 PRO C C   1 
ATOM   871  O O   . PRO C 1 19 ? 6.764   4.766   4.008   1.00 23.47 ? 220 PRO C O   1 
ATOM   872  C CB  . PRO C 1 19 ? 4.050   5.570   5.464   1.00 26.92 ? 220 PRO C CB  1 
ATOM   873  C CG  . PRO C 1 19 ? 4.476   4.443   6.437   1.00 25.16 ? 220 PRO C CG  1 
ATOM   874  C CD  . PRO C 1 19 ? 4.019   3.193   5.699   1.00 25.58 ? 220 PRO C CD  1 
ATOM   875  N N   . ARG C 1 20 ? 5.807   6.347   2.694   1.00 22.45 ? 221 ARG C N   1 
ATOM   876  C CA  . ARG C 1 20 ? 7.046   6.909   2.143   1.00 23.72 ? 221 ARG C CA  1 
ATOM   877  C C   . ARG C 1 20 ? 7.011   8.446   2.283   1.00 23.44 ? 221 ARG C C   1 
ATOM   878  O O   . ARG C 1 20 ? 5.944   9.026   2.299   1.00 22.88 ? 221 ARG C O   1 
ATOM   879  C CB  . ARG C 1 20 ? 7.182   6.537   0.670   1.00 23.11 ? 221 ARG C CB  1 
ATOM   880  C CG  . ARG C 1 20 ? 7.135   4.969   0.469   1.00 23.71 ? 221 ARG C CG  1 
ATOM   881  C CD  . ARG C 1 20 ? 8.315   4.243   1.171   1.00 26.71 ? 221 ARG C CD  1 
ATOM   882  N NE  . ARG C 1 20 ? 8.380   2.800   0.851   1.00 23.52 ? 221 ARG C NE  1 
ATOM   883  C CZ  . ARG C 1 20 ? 8.103   1.829   1.720   1.00 26.69 ? 221 ARG C CZ  1 
ATOM   884  N NH1 . ARG C 1 20 ? 7.736   2.116   2.971   1.00 23.39 ? 221 ARG C NH1 1 
ATOM   885  N NH2 . ARG C 1 20 ? 8.238   0.551   1.363   1.00 24.47 ? 221 ARG C NH2 1 
ATOM   886  N N   . PRO C 1 21 ? 8.176   9.091   2.375   1.00 25.20 ? 222 PRO C N   1 
ATOM   887  C CA  . PRO C 1 21 ? 8.145   10.549  2.544   1.00 24.98 ? 222 PRO C CA  1 
ATOM   888  C C   . PRO C 1 21 ? 7.420   11.262  1.403   1.00 25.59 ? 222 PRO C C   1 
ATOM   889  O O   . PRO C 1 21 ? 6.735   12.266  1.639   1.00 25.10 ? 222 PRO C O   1 
ATOM   890  C CB  . PRO C 1 21 ? 9.632   10.936  2.596   1.00 27.64 ? 222 PRO C CB  1 
ATOM   891  C CG  . PRO C 1 21 ? 10.352  9.683   3.184   1.00 26.44 ? 222 PRO C CG  1 
ATOM   892  C CD  . PRO C 1 21 ? 9.495   8.494   2.668   1.00 24.73 ? 222 PRO C CD  1 
ATOM   893  N N   A GLU C 1 22 ? 7.558   10.743  0.189   0.53 24.62 ? 223 GLU C N   1 
ATOM   894  N N   B GLU C 1 22 ? 7.560   10.747  0.182   0.47 24.87 ? 223 GLU C N   1 
ATOM   895  C CA  A GLU C 1 22 ? 6.933   11.352  -0.986  0.53 25.52 ? 223 GLU C CA  1 
ATOM   896  C CA  B GLU C 1 22 ? 6.938   11.358  -1.001  0.47 25.85 ? 223 GLU C CA  1 
ATOM   897  C C   A GLU C 1 22 ? 5.441   11.017  -1.114  0.53 24.85 ? 223 GLU C C   1 
ATOM   898  C C   B GLU C 1 22 ? 5.455   10.979  -1.160  0.47 25.05 ? 223 GLU C C   1 
ATOM   899  O O   A GLU C 1 22 ? 4.705   11.652  -1.883  0.53 25.72 ? 223 GLU C O   1 
ATOM   900  O O   B GLU C 1 22 ? 4.733   11.568  -1.980  0.47 25.79 ? 223 GLU C O   1 
ATOM   901  C CB  A GLU C 1 22 ? 7.697   10.916  -2.253  0.53 26.46 ? 223 GLU C CB  1 
ATOM   902  C CB  B GLU C 1 22 ? 7.773   11.015  -2.264  0.47 26.80 ? 223 GLU C CB  1 
ATOM   903  C CG  A GLU C 1 22 ? 7.804   9.393   -2.394  0.53 28.53 ? 223 GLU C CG  1 
ATOM   904  C CG  B GLU C 1 22 ? 7.183   11.408  -3.606  0.47 29.88 ? 223 GLU C CG  1 
ATOM   905  C CD  A GLU C 1 22 ? 9.118   8.780   -1.893  0.53 31.36 ? 223 GLU C CD  1 
ATOM   906  C CD  B GLU C 1 22 ? 8.052   10.961  -4.788  0.47 33.49 ? 223 GLU C CD  1 
ATOM   907  O OE1 A GLU C 1 22 ? 9.610   9.064   -0.767  0.53 26.29 ? 223 GLU C OE1 1 
ATOM   908  O OE1 B GLU C 1 22 ? 9.119   11.579  -5.001  0.47 34.50 ? 223 GLU C OE1 1 
ATOM   909  O OE2 A GLU C 1 22 ? 9.648   7.949   -2.669  0.53 36.01 ? 223 GLU C OE2 1 
ATOM   910  O OE2 B GLU C 1 22 ? 7.669   9.983   -5.481  0.47 32.03 ? 223 GLU C OE2 1 
ATOM   911  N N   . GLY C 1 23 ? 4.986   10.019  -0.367  1.00 24.61 ? 224 GLY C N   1 
ATOM   912  C CA  . GLY C 1 23 ? 3.572   9.602   -0.447  1.00 24.03 ? 224 GLY C CA  1 
ATOM   913  C C   . GLY C 1 23 ? 3.282   8.616   -1.565  1.00 23.51 ? 224 GLY C C   1 
ATOM   914  O O   . GLY C 1 23 ? 4.206   8.044   -2.168  1.00 23.25 ? 224 GLY C O   1 
ATOM   915  N N   . LEU C 1 24 ? 1.996   8.402   -1.808  1.00 22.08 ? 225 LEU C N   1 
ATOM   916  C CA  . LEU C 1 24 ? 1.512   7.374   -2.742  1.00 22.26 ? 225 LEU C CA  1 
ATOM   917  C C   . LEU C 1 24 ? 0.899   8.061   -3.947  1.00 22.53 ? 225 LEU C C   1 
ATOM   918  O O   . LEU C 1 24 ? 0.000   8.921   -3.805  1.00 21.96 ? 225 LEU C O   1 
ATOM   919  C CB  . LEU C 1 24 ? 0.425   6.530   -2.053  1.00 21.62 ? 225 LEU C CB  1 
ATOM   920  C CG  . LEU C 1 24 ? -0.268  5.481   -2.943  1.00 21.09 ? 225 LEU C CG  1 
ATOM   921  C CD1 . LEU C 1 24 ? 0.780   4.367   -3.311  1.00 22.81 ? 225 LEU C CD1 1 
ATOM   922  C CD2 . LEU C 1 24 ? -1.513  4.874   -2.253  1.00 18.28 ? 225 LEU C CD2 1 
ATOM   923  N N   . ASN C 1 25 ? 1.365   7.684   -5.135  1.00 23.22 ? 226 ASN C N   1 
ATOM   924  C CA  . ASN C 1 25 ? 0.770   8.174   -6.397  1.00 23.55 ? 226 ASN C CA  1 
ATOM   925  C C   . ASN C 1 25 ? -0.647  7.694   -6.658  1.00 23.23 ? 226 ASN C C   1 
ATOM   926  O O   . ASN C 1 25 ? -0.970  6.512   -6.491  1.00 22.93 ? 226 ASN C O   1 
ATOM   927  C CB  . ASN C 1 25 ? 1.681   7.801   -7.575  1.00 25.36 ? 226 ASN C CB  1 
ATOM   928  C CG  . ASN C 1 25 ? 1.330   8.606   -8.841  1.00 29.74 ? 226 ASN C CG  1 
ATOM   929  O OD1 . ASN C 1 25 ? 0.232   8.515   -9.365  1.00 35.28 ? 226 ASN C OD1 1 
ATOM   930  N ND2 . ASN C 1 25 ? 2.245   9.416   -9.274  1.00 34.34 ? 226 ASN C ND2 1 
ATOM   931  N N   . PHE C 1 26 ? -1.524  8.618   -7.055  1.00 23.01 ? 227 PHE C N   1 
ATOM   932  C CA  . PHE C 1 26 ? -2.912  8.307   -7.255  1.00 24.75 ? 227 PHE C CA  1 
ATOM   933  C C   . PHE C 1 26 ? -3.071  7.144   -8.252  1.00 25.30 ? 227 PHE C C   1 
ATOM   934  O O   . PHE C 1 26 ? -3.982  6.356   -8.118  1.00 24.93 ? 227 PHE C O   1 
ATOM   935  C CB  . PHE C 1 26 ? -3.671  9.551   -7.796  1.00 26.11 ? 227 PHE C CB  1 
ATOM   936  C CG  . PHE C 1 26 ? -5.143  9.285   -8.073  1.00 28.32 ? 227 PHE C CG  1 
ATOM   937  C CD1 . PHE C 1 26 ? -5.598  9.064   -9.385  1.00 31.45 ? 227 PHE C CD1 1 
ATOM   938  C CD2 . PHE C 1 26 ? -6.051  9.186   -7.024  1.00 26.53 ? 227 PHE C CD2 1 
ATOM   939  C CE1 . PHE C 1 26 ? -6.977  8.808   -9.642  1.00 32.20 ? 227 PHE C CE1 1 
ATOM   940  C CE2 . PHE C 1 26 ? -7.423  8.951   -7.262  1.00 29.13 ? 227 PHE C CE2 1 
ATOM   941  C CZ  . PHE C 1 26 ? -7.881  8.721   -8.577  1.00 31.67 ? 227 PHE C CZ  1 
ATOM   942  N N   . GLN C 1 27 ? -2.206  7.077   -9.252  1.00 25.39 ? 228 GLN C N   1 
ATOM   943  C CA  . GLN C 1 27 ? -2.317  6.023   -10.281 1.00 27.65 ? 228 GLN C CA  1 
ATOM   944  C C   . GLN C 1 27 ? -2.175  4.631   -9.650  1.00 27.88 ? 228 GLN C C   1 
ATOM   945  O O   . GLN C 1 27 ? -2.917  3.678   -9.993  1.00 27.98 ? 228 GLN C O   1 
ATOM   946  C CB  . GLN C 1 27 ? -1.223  6.219   -11.362 1.00 29.20 ? 228 GLN C CB  1 
ATOM   947  C CG  . GLN C 1 27 ? -1.371  5.215   -12.543 1.00 34.82 ? 228 GLN C CG  1 
ATOM   948  C CD  . GLN C 1 27 ? -2.781  5.256   -13.154 1.00 42.06 ? 228 GLN C CD  1 
ATOM   949  O OE1 . GLN C 1 27 ? -3.275  6.327   -13.564 1.00 42.29 ? 228 GLN C OE1 1 
ATOM   950  N NE2 . GLN C 1 27 ? -3.461  4.107   -13.151 1.00 43.04 ? 228 GLN C NE2 1 
ATOM   951  N N   . ASP C 1 28 ? -1.246  4.532   -8.695  1.00 26.63 ? 229 ASP C N   1 
ATOM   952  C CA  . ASP C 1 28 ? -0.975  3.270   -8.001  1.00 27.54 ? 229 ASP C CA  1 
ATOM   953  C C   . ASP C 1 28 ? -2.109  2.852   -7.117  1.00 27.51 ? 229 ASP C C   1 
ATOM   954  O O   . ASP C 1 28 ? -2.538  1.677   -7.087  1.00 26.54 ? 229 ASP C O   1 
ATOM   955  C CB  . ASP C 1 28 ? 0.334   3.401   -7.233  1.00 26.86 ? 229 ASP C CB  1 
ATOM   956  C CG  . ASP C 1 28 ? 1.492   3.558   -8.158  1.00 30.89 ? 229 ASP C CG  1 
ATOM   957  O OD1 . ASP C 1 28 ? 2.382   4.371   -7.903  1.00 31.66 ? 229 ASP C OD1 1 
ATOM   958  O OD2 . ASP C 1 28 ? 1.501   2.851   -9.186  1.00 33.42 ? 229 ASP C OD2 1 
ATOM   959  N N   . LEU C 1 29 ? -2.673  3.843   -6.440  1.00 26.76 ? 230 LEU C N   1 
ATOM   960  C CA  . LEU C 1 29 ? -3.876  3.654   -5.663  1.00 27.08 ? 230 LEU C CA  1 
ATOM   961  C C   . LEU C 1 29 ? -4.995  3.094   -6.539  1.00 28.04 ? 230 LEU C C   1 
ATOM   962  O O   . LEU C 1 29 ? -5.646  2.101   -6.201  1.00 28.99 ? 230 LEU C O   1 
ATOM   963  C CB  . LEU C 1 29 ? -4.293  5.037   -5.071  1.00 25.38 ? 230 LEU C CB  1 
ATOM   964  C CG  . LEU C 1 29 ? -5.504  5.052   -4.156  1.00 26.09 ? 230 LEU C CG  1 
ATOM   965  C CD1 . LEU C 1 29 ? -5.254  4.198   -2.872  1.00 22.86 ? 230 LEU C CD1 1 
ATOM   966  C CD2 . LEU C 1 29 ? -5.802  6.547   -3.829  1.00 23.64 ? 230 LEU C CD2 1 
ATOM   967  N N   . LYS C 1 30 ? -5.255  3.755   -7.659  1.00 29.42 ? 231 LYS C N   1 
ATOM   968  C CA  . LYS C 1 30 ? -6.300  3.324   -8.595  1.00 32.23 ? 231 LYS C CA  1 
ATOM   969  C C   . LYS C 1 30 ? -6.056  1.848   -9.086  1.00 33.65 ? 231 LYS C C   1 
ATOM   970  O O   . LYS C 1 30 ? -6.985  1.031   -9.125  1.00 33.69 ? 231 LYS C O   1 
ATOM   971  C CB  . LYS C 1 30 ? -6.367  4.359   -9.720  1.00 33.15 ? 231 LYS C CB  1 
ATOM   972  C CG  . LYS C 1 30 ? -7.018  3.946   -11.048 1.00 39.18 ? 231 LYS C CG  1 
ATOM   973  C CD  . LYS C 1 30 ? -7.678  5.152   -11.745 1.00 46.09 ? 231 LYS C CD  1 
ATOM   974  C CE  . LYS C 1 30 ? -6.690  6.279   -12.143 1.00 50.74 ? 231 LYS C CE  1 
ATOM   975  N NZ  . LYS C 1 30 ? -7.111  6.988   -13.425 1.00 53.82 ? 231 LYS C NZ  1 
ATOM   976  N N   . ASN C 1 31 ? -4.811  1.507   -9.393  1.00 33.80 ? 232 ASN C N   1 
ATOM   977  C CA  . ASN C 1 31 ? -4.459  0.138   -9.830  1.00 35.48 ? 232 ASN C CA  1 
ATOM   978  C C   . ASN C 1 31 ? -4.746  -0.972  -8.826  1.00 36.85 ? 232 ASN C C   1 
ATOM   979  O O   . ASN C 1 31 ? -5.089  -2.095  -9.212  1.00 37.34 ? 232 ASN C O   1 
ATOM   980  C CB  . ASN C 1 31 ? -3.017  0.089   -10.283 1.00 34.56 ? 232 ASN C CB  1 
ATOM   981  C CG  . ASN C 1 31 ? -2.820  0.823   -11.577 1.00 35.76 ? 232 ASN C CG  1 
ATOM   982  O OD1 . ASN C 1 31 ? -3.793  1.114   -12.250 1.00 39.68 ? 232 ASN C OD1 1 
ATOM   983  N ND2 . ASN C 1 31 ? -1.587  1.161   -11.920 1.00 31.69 ? 232 ASN C ND2 1 
ATOM   984  N N   . GLN C 1 32 ? -4.611  -0.651  -7.542  1.00 36.66 ? 233 GLN C N   1 
ATOM   985  C CA  . GLN C 1 32 ? -4.848  -1.591  -6.471  1.00 37.16 ? 233 GLN C CA  1 
ATOM   986  C C   . GLN C 1 32 ? -6.337  -1.692  -6.142  1.00 37.49 ? 233 GLN C C   1 
ATOM   987  O O   . GLN C 1 32 ? -6.732  -2.559  -5.341  1.00 39.82 ? 233 GLN C O   1 
ATOM   988  C CB  . GLN C 1 32 ? -4.032  -1.201  -5.226  1.00 36.16 ? 233 GLN C CB  1 
ATOM   989  C CG  . GLN C 1 32 ? -3.999  -2.271  -4.106  1.00 39.25 ? 233 GLN C CG  1 
ATOM   990  C CD  . GLN C 1 32 ? -2.830  -3.223  -4.271  1.00 41.85 ? 233 GLN C CD  1 
ATOM   991  O OE1 . GLN C 1 32 ? -2.107  -3.153  -5.268  1.00 42.59 ? 233 GLN C OE1 1 
ATOM   992  N NE2 . GLN C 1 32 ? -2.633  -4.115  -3.306  1.00 44.01 ? 233 GLN C NE2 1 
ATOM   993  N N   . LEU C 1 33 ? -7.158  -0.792  -6.688  1.00 36.25 ? 234 LEU C N   1 
ATOM   994  C CA  . LEU C 1 33 ? -8.599  -0.771  -6.430  1.00 35.44 ? 234 LEU C CA  1 
ATOM   995  C C   . LEU C 1 33 ? -9.427  -1.139  -7.691  1.00 37.11 ? 234 LEU C C   1 
ATOM   996  O O   . LEU C 1 33 ? -10.386 -0.442  -8.073  1.00 35.83 ? 234 LEU C O   1 
ATOM   997  C CB  . LEU C 1 33 ? -9.014  0.597   -5.878  1.00 35.11 ? 234 LEU C CB  1 
ATOM   998  C CG  . LEU C 1 33 ? -8.496  0.939   -4.456  1.00 32.76 ? 234 LEU C CG  1 
ATOM   999  C CD1 . LEU C 1 33 ? -8.634  2.452   -4.185  1.00 32.35 ? 234 LEU C CD1 1 
ATOM   1000 C CD2 . LEU C 1 33 ? -9.214  0.064   -3.416  1.00 32.63 ? 234 LEU C CD2 1 
ATOM   1001 N N   . LYS C 1 34 ? -9.053  -2.259  -8.310  1.00 39.87 ? 235 LYS C N   1 
ATOM   1002 C CA  . LYS C 1 34 ? -9.679  -2.740  -9.563  1.00 42.12 ? 235 LYS C CA  1 
ATOM   1003 C C   . LYS C 1 34 ? -11.159 -3.094  -9.390  1.00 42.87 ? 235 LYS C C   1 
ATOM   1004 O O   . LYS C 1 34 ? -11.909 -3.110  -10.352 1.00 43.34 ? 235 LYS C O   1 
ATOM   1005 C CB  . LYS C 1 34 ? -8.867  -3.913  -10.135 1.00 43.52 ? 235 LYS C CB  1 
ATOM   1006 C CG  . LYS C 1 34 ? -7.566  -3.507  -10.904 1.00 46.83 ? 235 LYS C CG  1 
ATOM   1007 C CD  . LYS C 1 34 ? -6.638  -4.738  -11.216 1.00 52.32 ? 235 LYS C CD  1 
ATOM   1008 C CE  . LYS C 1 34 ? -5.634  -5.034  -10.047 1.00 55.69 ? 235 LYS C CE  1 
ATOM   1009 N NZ  . LYS C 1 34 ? -5.339  -6.509  -9.814  1.00 54.60 ? 235 LYS C NZ  1 
ATOM   1010 N N   . HIS C 1 35 ? -11.598 -3.312  -8.155  1.00 43.85 ? 236 HIS C N   1 
ATOM   1011 C CA  . HIS C 1 35 ? -13.018 -3.558  -7.857  1.00 44.12 ? 236 HIS C CA  1 
ATOM   1012 C C   . HIS C 1 35 ? -13.809 -2.286  -7.650  1.00 43.13 ? 236 HIS C C   1 
ATOM   1013 O O   . HIS C 1 35 ? -15.018 -2.336  -7.475  1.00 43.04 ? 236 HIS C O   1 
ATOM   1014 C CB  . HIS C 1 35 ? -13.171 -4.433  -6.610  1.00 45.50 ? 236 HIS C CB  1 
ATOM   1015 C CG  . HIS C 1 35 ? -12.756 -3.738  -5.342  1.00 50.52 ? 236 HIS C CG  1 
ATOM   1016 N ND1 . HIS C 1 35 ? -11.436 -3.429  -5.056  1.00 51.89 ? 236 HIS C ND1 1 
ATOM   1017 C CD2 . HIS C 1 35 ? -13.490 -3.269  -4.296  1.00 53.34 ? 236 HIS C CD2 1 
ATOM   1018 C CE1 . HIS C 1 35 ? -11.380 -2.812  -3.889  1.00 53.95 ? 236 HIS C CE1 1 
ATOM   1019 N NE2 . HIS C 1 35 ? -12.607 -2.707  -3.402  1.00 53.57 ? 236 HIS C NE2 1 
ATOM   1020 N N   . MET C 1 36 ? -13.154 -1.130  -7.698  1.00 42.17 ? 237 MET C N   1 
ATOM   1021 C CA  . MET C 1 36 ? -13.856 0.131   -7.506  1.00 41.13 ? 237 MET C CA  1 
ATOM   1022 C C   . MET C 1 36 ? -13.796 0.973   -8.784  1.00 40.83 ? 237 MET C C   1 
ATOM   1023 O O   . MET C 1 36 ? -12.759 1.024   -9.447  1.00 41.18 ? 237 MET C O   1 
ATOM   1024 C CB  . MET C 1 36 ? -13.154 0.893   -6.362  1.00 41.41 ? 237 MET C CB  1 
ATOM   1025 C CG  . MET C 1 36 ? -14.019 1.733   -5.484  1.00 42.02 ? 237 MET C CG  1 
ATOM   1026 S SD  . MET C 1 36 ? -13.062 2.491   -4.067  1.00 41.21 ? 237 MET C SD  1 
ATOM   1027 C CE  . MET C 1 36 ? -12.780 1.043   -3.114  1.00 34.86 ? 237 MET C CE  1 
ATOM   1028 N N   . SER C 1 37 ? -14.889 1.648   -9.112  1.00 39.77 ? 238 SER C N   1 
ATOM   1029 C CA  . SER C 1 37 ? -14.915 2.578   -10.242 1.00 39.74 ? 238 SER C CA  1 
ATOM   1030 C C   . SER C 1 37 ? -14.002 3.771   -10.008 1.00 39.90 ? 238 SER C C   1 
ATOM   1031 O O   . SER C 1 37 ? -13.875 4.228   -8.864  1.00 38.53 ? 238 SER C O   1 
ATOM   1032 C CB  . SER C 1 37 ? -16.333 3.084   -10.442 1.00 40.72 ? 238 SER C CB  1 
ATOM   1033 O OG  . SER C 1 37 ? -16.625 4.170   -9.581  1.00 40.48 ? 238 SER C OG  1 
ATOM   1034 N N   . VAL C 1 38 ? -13.399 4.303   -11.066 1.00 39.44 ? 239 VAL C N   1 
ATOM   1035 C CA  . VAL C 1 38 ? -12.503 5.431   -10.904 1.00 40.28 ? 239 VAL C CA  1 
ATOM   1036 C C   . VAL C 1 38 ? -13.207 6.653   -10.287 1.00 40.68 ? 239 VAL C C   1 
ATOM   1037 O O   . VAL C 1 38 ? -12.617 7.330   -9.442  1.00 39.03 ? 239 VAL C O   1 
ATOM   1038 C CB  . VAL C 1 38 ? -11.710 5.809   -12.189 1.00 41.02 ? 239 VAL C CB  1 
ATOM   1039 C CG1 . VAL C 1 38 ? -12.622 6.239   -13.323 1.00 42.09 ? 239 VAL C CG1 1 
ATOM   1040 C CG2 . VAL C 1 38 ? -10.710 6.917   -11.889 1.00 41.09 ? 239 VAL C CG2 1 
ATOM   1041 N N   . SER C 1 39 ? -14.459 6.914   -10.676 1.00 40.49 ? 240 SER C N   1 
ATOM   1042 C CA  . SER C 1 39 ? -15.181 8.059   -10.131 1.00 41.04 ? 240 SER C CA  1 
ATOM   1043 C C   . SER C 1 39 ? -15.360 7.956   -8.605  1.00 40.10 ? 240 SER C C   1 
ATOM   1044 O O   . SER C 1 39 ? -15.223 8.958   -7.905  1.00 40.03 ? 240 SER C O   1 
ATOM   1045 C CB  . SER C 1 39 ? -16.505 8.282   -10.858 1.00 41.48 ? 240 SER C CB  1 
ATOM   1046 O OG  . SER C 1 39 ? -17.342 7.182   -10.627 1.00 46.68 ? 240 SER C OG  1 
ATOM   1047 N N   . SER C 1 40 ? -15.584 6.754   -8.088  1.00 39.00 ? 241 SER C N   1 
ATOM   1048 C CA  . SER C 1 40 ? -15.731 6.583   -6.651  1.00 39.19 ? 241 SER C CA  1 
ATOM   1049 C C   . SER C 1 40 ? -14.385 6.596   -5.902  1.00 37.98 ? 241 SER C C   1 
ATOM   1050 O O   . SER C 1 40 ? -14.348 6.975   -4.738  1.00 36.03 ? 241 SER C O   1 
ATOM   1051 C CB  . SER C 1 40 ? -16.528 5.337   -6.329  1.00 39.48 ? 241 SER C CB  1 
ATOM   1052 O OG  . SER C 1 40 ? -15.775 4.214   -6.653  1.00 44.50 ? 241 SER C OG  1 
ATOM   1053 N N   . ILE C 1 41 ? -13.305 6.175   -6.577  1.00 35.45 ? 242 ILE C N   1 
ATOM   1054 C CA  . ILE C 1 41 ? -11.944 6.341   -6.057  1.00 34.57 ? 242 ILE C CA  1 
ATOM   1055 C C   . ILE C 1 41 ? -11.639 7.825   -5.956  1.00 34.79 ? 242 ILE C C   1 
ATOM   1056 O O   . ILE C 1 41 ? -11.140 8.279   -4.909  1.00 34.10 ? 242 ILE C O   1 
ATOM   1057 C CB  . ILE C 1 41 ? -10.847 5.622   -6.913  1.00 34.43 ? 242 ILE C CB  1 
ATOM   1058 C CG1 . ILE C 1 41 ? -11.150 4.108   -7.034  1.00 33.70 ? 242 ILE C CG1 1 
ATOM   1059 C CG2 . ILE C 1 41 ? -9.421  5.848   -6.313  1.00 29.86 ? 242 ILE C CG2 1 
ATOM   1060 C CD1 . ILE C 1 41 ? -10.288 3.397   -8.142  1.00 34.72 ? 242 ILE C CD1 1 
ATOM   1061 N N   . LYS C 1 42 ? -11.934 8.586   -7.012  1.00 34.44 ? 243 LYS C N   1 
ATOM   1062 C CA  . LYS C 1 42 ? -11.696 10.031  -6.979  1.00 35.05 ? 243 LYS C CA  1 
ATOM   1063 C C   . LYS C 1 42 ? -12.544 10.670  -5.849  1.00 34.53 ? 243 LYS C C   1 
ATOM   1064 O O   . LYS C 1 42 ? -12.077 11.524  -5.108  1.00 33.91 ? 243 LYS C O   1 
ATOM   1065 C CB  . LYS C 1 42 ? -12.029 10.685  -8.313  1.00 35.47 ? 243 LYS C CB  1 
ATOM   1066 C CG  . LYS C 1 42 ? -10.955 10.530  -9.400  1.00 40.03 ? 243 LYS C CG  1 
ATOM   1067 C CD  . LYS C 1 42 ? -11.443 11.203  -10.724 1.00 47.38 ? 243 LYS C CD  1 
ATOM   1068 C CE  . LYS C 1 42 ? -10.742 10.666  -11.982 1.00 50.73 ? 243 LYS C CE  1 
ATOM   1069 N NZ  . LYS C 1 42 ? -9.275  10.978  -11.961 1.00 53.44 ? 243 LYS C NZ  1 
ATOM   1070 N N   . GLN C 1 43 ? -13.780 10.221  -5.709  1.00 33.81 ? 244 GLN C N   1 
ATOM   1071 C CA  . GLN C 1 43 ? -14.678 10.852  -4.749  1.00 33.72 ? 244 GLN C CA  1 
ATOM   1072 C C   . GLN C 1 43 ? -14.200 10.558  -3.333  1.00 32.96 ? 244 GLN C C   1 
ATOM   1073 O O   . GLN C 1 43 ? -14.183 11.464  -2.487  1.00 32.04 ? 244 GLN C O   1 
ATOM   1074 C CB  . GLN C 1 43 ? -16.152 10.488  -4.990  1.00 33.43 ? 244 GLN C CB  1 
ATOM   1075 C CG  . GLN C 1 43 ? -16.737 11.226  -6.208  1.00 35.23 ? 244 GLN C CG  1 
ATOM   1076 N N   . ALA C 1 44 ? -13.751 9.324   -3.096  1.00 31.15 ? 245 ALA C N   1 
ATOM   1077 C CA  . ALA C 1 44 ? -13.213 8.931   -1.810  1.00 30.54 ? 245 ALA C CA  1 
ATOM   1078 C C   . ALA C 1 44 ? -11.952 9.738   -1.440  1.00 29.86 ? 245 ALA C C   1 
ATOM   1079 O O   . ALA C 1 44 ? -11.842 10.195  -0.316  1.00 29.63 ? 245 ALA C O   1 
ATOM   1080 C CB  . ALA C 1 44 ? -12.943 7.381   -1.752  1.00 31.24 ? 245 ALA C CB  1 
ATOM   1081 N N   . VAL C 1 45 ? -11.017 9.884   -2.372  1.00 28.26 ? 246 VAL C N   1 
ATOM   1082 C CA  . VAL C 1 45 ? -9.796  10.680  -2.141  1.00 28.41 ? 246 VAL C CA  1 
ATOM   1083 C C   . VAL C 1 45 ? -10.131 12.154  -1.835  1.00 28.89 ? 246 VAL C C   1 
ATOM   1084 O O   . VAL C 1 45 ? -9.603  12.743  -0.866  1.00 28.32 ? 246 VAL C O   1 
ATOM   1085 C CB  . VAL C 1 45 ? -8.832  10.574  -3.351  1.00 27.22 ? 246 VAL C CB  1 
ATOM   1086 C CG1 . VAL C 1 45 ? -7.694  11.653  -3.310  1.00 26.45 ? 246 VAL C CG1 1 
ATOM   1087 C CG2 . VAL C 1 45 ? -8.230  9.150   -3.445  1.00 25.48 ? 246 VAL C CG2 1 
ATOM   1088 N N   . ASP C 1 46 ? -11.006 12.740  -2.647  1.00 28.60 ? 247 ASP C N   1 
ATOM   1089 C CA  . ASP C 1 46 ? -11.439 14.125  -2.415  1.00 31.14 ? 247 ASP C CA  1 
ATOM   1090 C C   . ASP C 1 46 ? -12.105 14.268  -1.058  1.00 30.20 ? 247 ASP C C   1 
ATOM   1091 O O   . ASP C 1 46 ? -11.834 15.239  -0.356  1.00 30.96 ? 247 ASP C O   1 
ATOM   1092 C CB  . ASP C 1 46 ? -12.376 14.622  -3.524  1.00 32.59 ? 247 ASP C CB  1 
ATOM   1093 C CG  . ASP C 1 46 ? -11.647 14.890  -4.826  1.00 37.95 ? 247 ASP C CG  1 
ATOM   1094 O OD1 . ASP C 1 46 ? -10.396 15.036  -4.844  1.00 43.07 ? 247 ASP C OD1 1 
ATOM   1095 O OD2 . ASP C 1 46 ? -12.348 14.944  -5.860  1.00 45.08 ? 247 ASP C OD2 1 
ATOM   1096 N N   . PHE C 1 47 ? -12.940 13.308  -0.676  1.00 29.13 ? 248 PHE C N   1 
ATOM   1097 C CA  . PHE C 1 47 ? -13.557 13.346  0.636   1.00 29.20 ? 248 PHE C CA  1 
ATOM   1098 C C   . PHE C 1 47 ? -12.535 13.242  1.780   1.00 29.03 ? 248 PHE C C   1 
ATOM   1099 O O   . PHE C 1 47 ? -12.606 13.960  2.807   1.00 26.51 ? 248 PHE C O   1 
ATOM   1100 C CB  . PHE C 1 47 ? -14.522 12.196  0.761   1.00 30.07 ? 248 PHE C CB  1 
ATOM   1101 C CG  . PHE C 1 47 ? -15.111 12.038  2.132   1.00 31.60 ? 248 PHE C CG  1 
ATOM   1102 C CD1 . PHE C 1 47 ? -16.261 12.764  2.494   1.00 36.13 ? 248 PHE C CD1 1 
ATOM   1103 C CD2 . PHE C 1 47 ? -14.561 11.151  3.042   1.00 32.60 ? 248 PHE C CD2 1 
ATOM   1104 C CE1 . PHE C 1 47 ? -16.820 12.605  3.758   1.00 36.51 ? 248 PHE C CE1 1 
ATOM   1105 C CE2 . PHE C 1 47 ? -15.101 11.009  4.305   1.00 35.51 ? 248 PHE C CE2 1 
ATOM   1106 C CZ  . PHE C 1 47 ? -16.246 11.725  4.654   1.00 35.79 ? 248 PHE C CZ  1 
ATOM   1107 N N   . LEU C 1 48 ? -11.607 12.290  1.652   1.00 27.91 ? 249 LEU C N   1 
ATOM   1108 C CA  . LEU C 1 48 ? -10.631 12.065  2.715   1.00 26.35 ? 249 LEU C CA  1 
ATOM   1109 C C   . LEU C 1 48 ? -9.799  13.297  2.871   1.00 26.68 ? 249 LEU C C   1 
ATOM   1110 O O   . LEU C 1 48 ? -9.431  13.653  3.990   1.00 25.79 ? 249 LEU C O   1 
ATOM   1111 C CB  . LEU C 1 48 ? -9.717  10.877  2.361   1.00 25.62 ? 249 LEU C CB  1 
ATOM   1112 C CG  . LEU C 1 48 ? -10.446 9.545   2.468   1.00 25.49 ? 249 LEU C CG  1 
ATOM   1113 C CD1 . LEU C 1 48 ? -9.564  8.412   1.854   1.00 25.20 ? 249 LEU C CD1 1 
ATOM   1114 C CD2 . LEU C 1 48 ? -10.817 9.170   3.920   1.00 27.15 ? 249 LEU C CD2 1 
ATOM   1115 N N   . SER C 1 49 ? -9.459  13.918  1.737   1.00 26.71 ? 250 SER C N   1 
ATOM   1116 C CA  . SER C 1 49 ? -8.690  15.152  1.701   1.00 29.52 ? 250 SER C CA  1 
ATOM   1117 C C   . SER C 1 49 ? -9.478  16.310  2.378   1.00 30.73 ? 250 SER C C   1 
ATOM   1118 O O   . SER C 1 49 ? -8.917  17.020  3.230   1.00 30.11 ? 250 SER C O   1 
ATOM   1119 C CB  . SER C 1 49 ? -8.361  15.504  0.251   1.00 29.39 ? 250 SER C CB  1 
ATOM   1120 O OG  . SER C 1 49 ? -7.706  16.717  0.194   1.00 35.00 ? 250 SER C OG  1 
ATOM   1121 N N   . ASN C 1 50 ? -10.760 16.449  2.029   1.00 30.99 ? 251 ASN C N   1 
ATOM   1122 C CA  A ASN C 1 50 ? -11.601 17.496  2.671   0.55 32.00 ? 251 ASN C CA  1 
ATOM   1123 C CA  B ASN C 1 50 ? -11.654 17.469  2.626   0.45 31.89 ? 251 ASN C CA  1 
ATOM   1124 C C   . ASN C 1 50 ? -11.817 17.279  4.151   1.00 32.31 ? 251 ASN C C   1 
ATOM   1125 O O   . ASN C 1 50 ? -11.984 18.264  4.919   1.00 33.91 ? 251 ASN C O   1 
ATOM   1126 C CB  A ASN C 1 50 ? -12.968 17.668  1.987   0.55 32.32 ? 251 ASN C CB  1 
ATOM   1127 C CB  B ASN C 1 50 ? -13.044 17.459  1.925   0.45 31.99 ? 251 ASN C CB  1 
ATOM   1128 C CG  A ASN C 1 50 ? -13.876 18.643  2.754   0.55 33.71 ? 251 ASN C CG  1 
ATOM   1129 C CG  B ASN C 1 50 ? -12.983 17.703  0.386   0.45 32.57 ? 251 ASN C CG  1 
ATOM   1130 O OD1 A ASN C 1 50 ? -13.412 19.710  3.216   0.55 34.98 ? 251 ASN C OD1 1 
ATOM   1131 O OD1 B ASN C 1 50 ? -12.014 18.244  -0.169  0.45 34.72 ? 251 ASN C OD1 1 
ATOM   1132 N ND2 A ASN C 1 50 ? -15.153 18.259  2.933   0.55 33.11 ? 251 ASN C ND2 1 
ATOM   1133 N ND2 B ASN C 1 50 ? -14.047 17.298  -0.298  0.45 32.91 ? 251 ASN C ND2 1 
ATOM   1134 N N   . GLU C 1 51 ? -11.816 16.022  4.619   1.00 31.25 ? 252 GLU C N   1 
ATOM   1135 C CA  . GLU C 1 51 ? -11.956 15.740  6.042   1.00 31.36 ? 252 GLU C CA  1 
ATOM   1136 C C   . GLU C 1 51 ? -10.646 15.820  6.817   1.00 30.11 ? 252 GLU C C   1 
ATOM   1137 O O   . GLU C 1 51 ? -10.637 15.649  8.048   1.00 29.75 ? 252 GLU C O   1 
ATOM   1138 C CB  . GLU C 1 51 ? -12.598 14.368  6.296   1.00 31.64 ? 252 GLU C CB  1 
ATOM   1139 C CG  . GLU C 1 51 ? -14.004 14.247  5.695   1.00 35.23 ? 252 GLU C CG  1 
ATOM   1140 C CD  . GLU C 1 51 ? -15.010 15.179  6.380   1.00 38.64 ? 252 GLU C CD  1 
ATOM   1141 O OE1 . GLU C 1 51 ? -15.642 16.009  5.694   1.00 40.30 ? 252 GLU C OE1 1 
ATOM   1142 O OE2 . GLU C 1 51 ? -15.141 15.060  7.595   1.00 44.73 ? 252 GLU C OE2 1 
ATOM   1143 N N   . GLY C 1 52 ? -9.552  16.074  6.099   1.00 28.74 ? 253 GLY C N   1 
ATOM   1144 C CA  . GLY C 1 52 ? -8.219  16.164  6.712   1.00 27.00 ? 253 GLY C CA  1 
ATOM   1145 C C   . GLY C 1 52 ? -7.588  14.815  7.068   1.00 26.44 ? 253 GLY C C   1 
ATOM   1146 O O   . GLY C 1 52 ? -6.608  14.773  7.805   1.00 24.80 ? 253 GLY C O   1 
ATOM   1147 N N   . HIS C 1 53 ? -8.125  13.698  6.556   1.00 24.39 ? 254 HIS C N   1 
ATOM   1148 C CA  . HIS C 1 53 ? -7.493  12.385  6.863   1.00 24.39 ? 254 HIS C CA  1 
ATOM   1149 C C   . HIS C 1 53 ? -6.286  12.108  5.993   1.00 22.84 ? 254 HIS C C   1 
ATOM   1150 O O   . HIS C 1 53 ? -5.493  11.226  6.327   1.00 23.89 ? 254 HIS C O   1 
ATOM   1151 C CB  . HIS C 1 53 ? -8.499  11.236  6.617   1.00 26.90 ? 254 HIS C CB  1 
ATOM   1152 C CG  . HIS C 1 53 ? -9.673  11.279  7.549   1.00 30.23 ? 254 HIS C CG  1 
ATOM   1153 N ND1 . HIS C 1 53 ? -10.972 11.415  7.107   1.00 35.56 ? 254 HIS C ND1 1 
ATOM   1154 C CD2 . HIS C 1 53 ? -9.727  11.302  8.899   1.00 34.62 ? 254 HIS C CD2 1 
ATOM   1155 C CE1 . HIS C 1 53 ? -11.787 11.453  8.142   1.00 33.31 ? 254 HIS C CE1 1 
ATOM   1156 N NE2 . HIS C 1 53 ? -11.059 11.391  9.243   1.00 38.80 ? 254 HIS C NE2 1 
ATOM   1157 N N   . ILE C 1 54 ? -6.185  12.792  4.849   1.00 22.05 ? 255 ILE C N   1 
ATOM   1158 C CA  . ILE C 1 54 ? -4.962  12.715  4.033   1.00 21.42 ? 255 ILE C CA  1 
ATOM   1159 C C   . ILE C 1 54 ? -4.568  14.082  3.552   1.00 22.57 ? 255 ILE C C   1 
ATOM   1160 O O   . ILE C 1 54 ? -5.392  15.017  3.615   1.00 22.35 ? 255 ILE C O   1 
ATOM   1161 C CB  . ILE C 1 54 ? -5.178  11.793  2.776   1.00 21.53 ? 255 ILE C CB  1 
ATOM   1162 C CG1 . ILE C 1 54 ? -6.251  12.404  1.843   1.00 20.49 ? 255 ILE C CG1 1 
ATOM   1163 C CG2 . ILE C 1 54 ? -5.519  10.367  3.249   1.00 20.24 ? 255 ILE C CG2 1 
ATOM   1164 C CD1 . ILE C 1 54 ? -6.404  11.632  0.460   1.00 21.66 ? 255 ILE C CD1 1 
ATOM   1165 N N   . TYR C 1 55 ? -3.342  14.191  3.018   1.00 21.32 ? 256 TYR C N   1 
ATOM   1166 C CA  . TYR C 1 55 ? -2.890  15.419  2.434   1.00 23.23 ? 256 TYR C CA  1 
ATOM   1167 C C   . TYR C 1 55 ? -1.990  15.128  1.243   1.00 23.10 ? 256 TYR C C   1 
ATOM   1168 O O   . TYR C 1 55 ? -1.419  14.006  1.145   1.00 22.13 ? 256 TYR C O   1 
ATOM   1169 C CB  . TYR C 1 55 ? -2.126  16.278  3.494   1.00 23.05 ? 256 TYR C CB  1 
ATOM   1170 C CG  . TYR C 1 55 ? -0.950  15.602  4.138   1.00 23.81 ? 256 TYR C CG  1 
ATOM   1171 C CD1 . TYR C 1 55 ? -1.124  14.748  5.214   1.00 23.97 ? 256 TYR C CD1 1 
ATOM   1172 C CD2 . TYR C 1 55 ? 0.349   15.843  3.708   1.00 21.48 ? 256 TYR C CD2 1 
ATOM   1173 C CE1 . TYR C 1 55 ? -0.067  14.114  5.809   1.00 23.54 ? 256 TYR C CE1 1 
ATOM   1174 C CE2 . TYR C 1 55 ? 1.432   15.204  4.308   1.00 23.09 ? 256 TYR C CE2 1 
ATOM   1175 C CZ  . TYR C 1 55 ? 1.216   14.343  5.365   1.00 25.32 ? 256 TYR C CZ  1 
ATOM   1176 O OH  . TYR C 1 55 ? 2.271   13.729  5.999   1.00 24.15 ? 256 TYR C OH  1 
ATOM   1177 N N   . SER C 1 56 ? -1.845  16.102  0.348   1.00 23.66 ? 257 SER C N   1 
ATOM   1178 C CA  . SER C 1 56 ? -0.946  15.876  -0.799  1.00 25.40 ? 257 SER C CA  1 
ATOM   1179 C C   . SER C 1 56 ? 0.511   16.292  -0.481  1.00 25.66 ? 257 SER C C   1 
ATOM   1180 O O   . SER C 1 56 ? 0.779   17.115  0.453   1.00 25.09 ? 257 SER C O   1 
ATOM   1181 C CB  . SER C 1 56 ? -1.516  16.492  -2.092  1.00 26.71 ? 257 SER C CB  1 
ATOM   1182 O OG  . SER C 1 56 ? -1.547  17.881  -1.976  1.00 30.50 ? 257 SER C OG  1 
ATOM   1183 N N   . THR C 1 57 ? 1.480   15.725  -1.207  1.00 24.17 ? 258 THR C N   1 
ATOM   1184 C CA  . THR C 1 57 ? 2.869   15.936  -0.839  1.00 24.85 ? 258 THR C CA  1 
ATOM   1185 C C   . THR C 1 57 ? 3.552   16.745  -1.918  1.00 26.27 ? 258 THR C C   1 
ATOM   1186 O O   . THR C 1 57 ? 3.420   17.973  -1.945  1.00 26.99 ? 258 THR C O   1 
ATOM   1187 C CB  . THR C 1 57 ? 3.634   14.589  -0.640  1.00 24.88 ? 258 THR C CB  1 
ATOM   1188 O OG1 . THR C 1 57 ? 3.446   13.789  -1.822  1.00 26.18 ? 258 THR C OG1 1 
ATOM   1189 C CG2 . THR C 1 57 ? 3.060   13.822  0.529   1.00 24.99 ? 258 THR C CG2 1 
ATOM   1190 N N   . VAL C 1 58 ? 4.256   16.069  -2.822  1.00 26.30 ? 259 VAL C N   1 
ATOM   1191 C CA  . VAL C 1 58 ? 5.048   16.792  -3.852  1.00 27.40 ? 259 VAL C CA  1 
ATOM   1192 C C   . VAL C 1 58 ? 4.178   17.459  -4.931  1.00 27.74 ? 259 VAL C C   1 
ATOM   1193 O O   . VAL C 1 58 ? 4.639   18.373  -5.622  1.00 28.19 ? 259 VAL C O   1 
ATOM   1194 C CB  . VAL C 1 58 ? 6.127   15.902  -4.480  1.00 28.19 ? 259 VAL C CB  1 
ATOM   1195 C CG1 . VAL C 1 58 ? 7.173   15.539  -3.421  1.00 28.65 ? 259 VAL C CG1 1 
ATOM   1196 C CG2 . VAL C 1 58 ? 5.512   14.653  -5.132  1.00 26.87 ? 259 VAL C CG2 1 
ATOM   1197 N N   . ASP C 1 59 ? 2.933   16.996  -5.076  1.00 26.35 ? 260 ASP C N   1 
ATOM   1198 C CA  . ASP C 1 59 ? 1.972   17.544  -6.048  1.00 25.51 ? 260 ASP C CA  1 
ATOM   1199 C C   . ASP C 1 59 ? 0.627   16.946  -5.693  1.00 25.30 ? 260 ASP C C   1 
ATOM   1200 O O   . ASP C 1 59 ? 0.556   16.117  -4.767  1.00 25.11 ? 260 ASP C O   1 
ATOM   1201 C CB  . ASP C 1 59 ? 2.372   17.195  -7.513  1.00 24.88 ? 260 ASP C CB  1 
ATOM   1202 C CG  . ASP C 1 59 ? 2.489   15.683  -7.771  1.00 26.82 ? 260 ASP C CG  1 
ATOM   1203 O OD1 . ASP C 1 59 ? 3.429   15.307  -8.483  1.00 24.69 ? 260 ASP C OD1 1 
ATOM   1204 O OD2 . ASP C 1 59 ? 1.606   14.906  -7.352  1.00 25.81 ? 260 ASP C OD2 1 
ATOM   1205 N N   . ASP C 1 60 ? -0.431  17.329  -6.403  1.00 24.63 ? 261 ASP C N   1 
ATOM   1206 C CA  . ASP C 1 60 ? -1.779  16.934  -5.999  1.00 27.56 ? 261 ASP C CA  1 
ATOM   1207 C C   . ASP C 1 60 ? -2.140  15.507  -6.358  1.00 26.19 ? 261 ASP C C   1 
ATOM   1208 O O   . ASP C 1 60 ? -3.264  15.107  -6.125  1.00 26.98 ? 261 ASP C O   1 
ATOM   1209 C CB  . ASP C 1 60 ? -2.838  17.819  -6.681  1.00 29.06 ? 261 ASP C CB  1 
ATOM   1210 C CG  . ASP C 1 60 ? -2.863  19.228  -6.144  1.00 36.71 ? 261 ASP C CG  1 
ATOM   1211 O OD1 . ASP C 1 60 ? -2.442  19.451  -4.977  1.00 42.48 ? 261 ASP C OD1 1 
ATOM   1212 O OD2 . ASP C 1 60 ? -3.290  20.110  -6.931  1.00 43.01 ? 261 ASP C OD2 1 
ATOM   1213 N N   . ASP C 1 61 ? -1.210  14.750  -6.922  1.00 26.32 ? 262 ASP C N   1 
ATOM   1214 C CA  . ASP C 1 61 ? -1.464  13.326  -7.235  1.00 25.11 ? 262 ASP C CA  1 
ATOM   1215 C C   . ASP C 1 61 ? -0.819  12.403  -6.220  1.00 24.84 ? 262 ASP C C   1 
ATOM   1216 O O   . ASP C 1 61 ? -0.939  11.186  -6.383  1.00 24.09 ? 262 ASP C O   1 
ATOM   1217 C CB  . ASP C 1 61 ? -0.824  12.942  -8.595  1.00 25.91 ? 262 ASP C CB  1 
ATOM   1218 C CG  . ASP C 1 61 ? -1.693  13.323  -9.791  1.00 29.25 ? 262 ASP C CG  1 
ATOM   1219 O OD1 . ASP C 1 61 ? -2.790  13.881  -9.593  1.00 29.59 ? 262 ASP C OD1 1 
ATOM   1220 O OD2 . ASP C 1 61 ? -1.226  13.093  -10.920 1.00 31.95 ? 262 ASP C OD2 1 
ATOM   1221 N N   . HIS C 1 62 ? -0.043  12.941  -5.265  1.00 22.58 ? 263 HIS C N   1 
ATOM   1222 C CA  . HIS C 1 62 ? 0.634   12.095  -4.276  1.00 21.77 ? 263 HIS C CA  1 
ATOM   1223 C C   . HIS C 1 62 ? 0.107   12.366  -2.858  1.00 22.17 ? 263 HIS C C   1 
ATOM   1224 O O   . HIS C 1 62 ? 0.048   13.532  -2.435  1.00 22.66 ? 263 HIS C O   1 
ATOM   1225 C CB  . HIS C 1 62 ? 2.125   12.354  -4.286  1.00 21.41 ? 263 HIS C CB  1 
ATOM   1226 C CG  . HIS C 1 62 ? 2.814   11.865  -5.528  1.00 23.59 ? 263 HIS C CG  1 
ATOM   1227 N ND1 . HIS C 1 62 ? 2.743   12.531  -6.739  1.00 22.33 ? 263 HIS C ND1 1 
ATOM   1228 C CD2 . HIS C 1 62 ? 3.581   10.767  -5.739  1.00 25.91 ? 263 HIS C CD2 1 
ATOM   1229 C CE1 . HIS C 1 62 ? 3.469   11.874  -7.639  1.00 27.82 ? 263 HIS C CE1 1 
ATOM   1230 N NE2 . HIS C 1 62 ? 3.986   10.800  -7.054  1.00 26.26 ? 263 HIS C NE2 1 
ATOM   1231 N N   . PHE C 1 63 ? -0.220  11.306  -2.137  1.00 22.34 ? 264 PHE C N   1 
ATOM   1232 C CA  . PHE C 1 63 ? -0.937  11.449  -0.850  1.00 21.73 ? 264 PHE C CA  1 
ATOM   1233 C C   . PHE C 1 63 ? -0.296  10.742  0.295   1.00 21.96 ? 264 PHE C C   1 
ATOM   1234 O O   . PHE C 1 63 ? 0.215   9.615   0.146   1.00 20.72 ? 264 PHE C O   1 
ATOM   1235 C CB  . PHE C 1 63 ? -2.355  10.944  -0.986  1.00 22.93 ? 264 PHE C CB  1 
ATOM   1236 C CG  . PHE C 1 63 ? -3.154  11.735  -1.954  1.00 26.39 ? 264 PHE C CG  1 
ATOM   1237 C CD1 . PHE C 1 63 ? -3.765  12.918  -1.550  1.00 29.16 ? 264 PHE C CD1 1 
ATOM   1238 C CD2 . PHE C 1 63 ? -3.222  11.346  -3.294  1.00 30.70 ? 264 PHE C CD2 1 
ATOM   1239 C CE1 . PHE C 1 63 ? -4.498  13.678  -2.467  1.00 33.67 ? 264 PHE C CE1 1 
ATOM   1240 C CE2 . PHE C 1 63 ? -3.945  12.103  -4.218  1.00 29.24 ? 264 PHE C CE2 1 
ATOM   1241 C CZ  . PHE C 1 63 ? -4.571  13.264  -3.806  1.00 31.82 ? 264 PHE C CZ  1 
ATOM   1242 N N   . LYS C 1 64 ? -0.385  11.365  1.471   1.00 20.39 ? 265 LYS C N   1 
ATOM   1243 C CA  . LYS C 1 64 ? -0.001  10.692  2.712   1.00 21.50 ? 265 LYS C CA  1 
ATOM   1244 C C   . LYS C 1 64 ? -1.161  10.758  3.724   1.00 22.66 ? 265 LYS C C   1 
ATOM   1245 O O   . LYS C 1 64 ? -2.011  11.644  3.608   1.00 21.97 ? 265 LYS C O   1 
ATOM   1246 C CB  . LYS C 1 64 ? 1.234   11.362  3.298   1.00 21.70 ? 265 LYS C CB  1 
ATOM   1247 C CG  . LYS C 1 64 ? 2.569   10.897  2.675   1.00 21.49 ? 265 LYS C CG  1 
ATOM   1248 C CD  . LYS C 1 64 ? 3.788   11.490  3.377   1.00 21.86 ? 265 LYS C CD  1 
ATOM   1249 C CE  . LYS C 1 64 ? 4.046   10.875  4.762   1.00 23.33 ? 265 LYS C CE  1 
ATOM   1250 N NZ  . LYS C 1 64 ? 4.196   9.375   4.673   1.00 25.90 ? 265 LYS C NZ  1 
ATOM   1251 N N   . SER C 1 65 ? -1.220  9.831   4.680   1.00 23.33 ? 266 SER C N   1 
ATOM   1252 C CA  . SER C 1 65 ? -2.240  9.912   5.717   1.00 25.12 ? 266 SER C CA  1 
ATOM   1253 C C   . SER C 1 65 ? -1.840  10.863  6.861   1.00 26.88 ? 266 SER C C   1 
ATOM   1254 O O   . SER C 1 65 ? -0.702  10.936  7.259   1.00 24.51 ? 266 SER C O   1 
ATOM   1255 C CB  . SER C 1 65 ? -2.537  8.538   6.320   1.00 25.99 ? 266 SER C CB  1 
ATOM   1256 O OG  . SER C 1 65 ? -1.341  7.955   6.810   1.00 28.43 ? 266 SER C OG  1 
ATOM   1257 N N   . THR C 1 66 ? -2.810  11.609  7.361   1.00 28.57 ? 267 THR C N   1 
ATOM   1258 C CA  . THR C 1 66 ? -2.580  12.489  8.496   1.00 33.20 ? 267 THR C CA  1 
ATOM   1259 C C   . THR C 1 66 ? -2.282  11.633  9.740   1.00 36.13 ? 267 THR C C   1 
ATOM   1260 O O   . THR C 1 66 ? -1.375  11.950  10.499  1.00 36.36 ? 267 THR C O   1 
ATOM   1261 C CB  . THR C 1 66 ? -3.810  13.396  8.650   1.00 33.10 ? 267 THR C CB  1 
ATOM   1262 O OG1 . THR C 1 66 ? -4.063  13.971  7.357   1.00 31.80 ? 267 THR C OG1 1 
ATOM   1263 C CG2 . THR C 1 66 ? -3.548  14.555  9.601   1.00 35.46 ? 267 THR C CG2 1 
ATOM   1264 N N   . ASP C 1 67 ? -3.013  10.527  9.873   1.00 40.04 ? 268 ASP C N   1 
ATOM   1265 C CA  . ASP C 1 67 ? -2.987  9.565   11.029  1.00 44.26 ? 268 ASP C CA  1 
ATOM   1266 C C   . ASP C 1 67 ? -3.924  9.834   12.217  1.00 46.07 ? 268 ASP C C   1 
ATOM   1267 O O   . ASP C 1 67 ? -5.059  9.338   12.221  1.00 47.92 ? 268 ASP C O   1 
ATOM   1268 C CB  . ASP C 1 67 ? -1.584  9.293   11.505  1.00 45.22 ? 268 ASP C CB  1 
ATOM   1269 C CG  . ASP C 1 67 ? -0.844  8.488   10.522  1.00 48.85 ? 268 ASP C CG  1 
ATOM   1270 O OD1 . ASP C 1 67 ? 0.400   8.670   10.452  1.00 55.48 ? 268 ASP C OD1 1 
ATOM   1271 O OD2 . ASP C 1 67 ? -1.540  7.724   9.789   1.00 47.24 ? 268 ASP C OD2 1 
ATOM   1272 N N   . LEU D 2 1  ? 13.892  14.139  -1.855  1.00 37.87 ? 5   LEU D N   1 
ATOM   1273 C CA  . LEU D 2 1  ? 13.114  15.397  -1.623  1.00 37.69 ? 5   LEU D CA  1 
ATOM   1274 C C   . LEU D 2 1  ? 14.077  16.507  -1.228  1.00 37.78 ? 5   LEU D C   1 
ATOM   1275 O O   . LEU D 2 1  ? 14.947  16.278  -0.397  1.00 38.30 ? 5   LEU D O   1 
ATOM   1276 C CB  . LEU D 2 1  ? 12.116  15.210  -0.461  1.00 37.12 ? 5   LEU D CB  1 
ATOM   1277 C CG  . LEU D 2 1  ? 10.983  14.169  -0.571  1.00 37.76 ? 5   LEU D CG  1 
ATOM   1278 C CD1 . LEU D 2 1  ? 10.124  14.149  0.702   1.00 36.45 ? 5   LEU D CD1 1 
ATOM   1279 C CD2 . LEU D 2 1  ? 10.115  14.432  -1.797  1.00 37.82 ? 5   LEU D CD2 1 
ATOM   1280 N N   . THR D 2 2  ? 13.899  17.695  -1.797  1.00 38.62 ? 6   THR D N   1 
ATOM   1281 C CA  . THR D 2 2  ? 14.638  18.884  -1.360  1.00 39.24 ? 6   THR D CA  1 
ATOM   1282 C C   . THR D 2 2  ? 14.059  19.483  -0.073  1.00 40.41 ? 6   THR D C   1 
ATOM   1283 O O   . THR D 2 2  ? 12.947  19.132  0.350   1.00 38.50 ? 6   THR D O   1 
ATOM   1284 C CB  . THR D 2 2  ? 14.552  19.976  -2.376  1.00 39.77 ? 6   THR D CB  1 
ATOM   1285 O OG1 . THR D 2 2  ? 13.188  20.412  -2.499  1.00 39.23 ? 6   THR D OG1 1 
ATOM   1286 C CG2 . THR D 2 2  ? 15.082  19.489  -3.738  1.00 39.16 ? 6   THR D CG2 1 
ATOM   1287 N N   . GLU D 2 3  ? 14.803  20.412  0.534   1.00 40.84 ? 7   GLU D N   1 
ATOM   1288 C CA  . GLU D 2 3  ? 14.317  21.091  1.739   1.00 41.61 ? 7   GLU D CA  1 
ATOM   1289 C C   . GLU D 2 3  ? 13.069  21.930  1.416   1.00 40.90 ? 7   GLU D C   1 
ATOM   1290 O O   . GLU D 2 3  ? 12.114  21.973  2.202   1.00 41.90 ? 7   GLU D O   1 
ATOM   1291 C CB  . GLU D 2 3  ? 15.435  21.920  2.419   1.00 41.79 ? 7   GLU D CB  1 
ATOM   1292 C CG  . GLU D 2 3  ? 15.240  22.019  3.960   1.00 44.22 ? 7   GLU D CG  1 
ATOM   1293 N N   . GLU D 2 4  ? 13.051  22.568  0.257   1.00 40.65 ? 8   GLU D N   1 
ATOM   1294 C CA  . GLU D 2 4  ? 11.850  23.302  -0.182  1.00 40.92 ? 8   GLU D CA  1 
ATOM   1295 C C   . GLU D 2 4  ? 10.611  22.362  -0.262  1.00 39.73 ? 8   GLU D C   1 
ATOM   1296 O O   . GLU D 2 4  ? 9.552   22.675  0.275   1.00 39.48 ? 8   GLU D O   1 
ATOM   1297 C CB  . GLU D 2 4  ? 12.069  23.965  -1.538  1.00 41.52 ? 8   GLU D CB  1 
ATOM   1298 C CG  . GLU D 2 4  ? 13.113  25.108  -1.552  1.00 46.12 ? 8   GLU D CG  1 
ATOM   1299 C CD  . GLU D 2 4  ? 14.622  24.665  -1.567  1.00 50.39 ? 8   GLU D CD  1 
ATOM   1300 O OE1 . GLU D 2 4  ? 14.987  23.456  -1.544  1.00 51.54 ? 8   GLU D OE1 1 
ATOM   1301 O OE2 . GLU D 2 4  ? 15.469  25.589  -1.594  1.00 55.09 ? 8   GLU D OE2 1 
ATOM   1302 N N   . GLN D 2 5  ? 10.764  21.209  -0.913  1.00 37.83 ? 9   GLN D N   1 
ATOM   1303 C CA  . GLN D 2 5  ? 9.677   20.232  -1.008  1.00 35.59 ? 9   GLN D CA  1 
ATOM   1304 C C   . GLN D 2 5  ? 9.238   19.776  0.389   1.00 34.66 ? 9   GLN D C   1 
ATOM   1305 O O   . GLN D 2 5  ? 8.038   19.699  0.667   1.00 33.53 ? 9   GLN D O   1 
ATOM   1306 C CB  . GLN D 2 5  ? 10.109  19.018  -1.811  1.00 35.66 ? 9   GLN D CB  1 
ATOM   1307 C CG  . GLN D 2 5  ? 10.230  19.253  -3.311  1.00 34.03 ? 9   GLN D CG  1 
ATOM   1308 C CD  . GLN D 2 5  ? 10.722  17.999  -4.039  1.00 33.91 ? 9   GLN D CD  1 
ATOM   1309 O OE1 . GLN D 2 5  ? 11.771  17.427  -3.716  1.00 33.70 ? 9   GLN D OE1 1 
ATOM   1310 N NE2 . GLN D 2 5  ? 9.926   17.540  -4.970  1.00 34.22 ? 9   GLN D NE2 1 
ATOM   1311 N N   . ARG D 2 6  ? 10.197  19.476  1.261   1.00 33.08 ? 10  ARG D N   1 
ATOM   1312 C CA  . ARG D 2 6  ? 9.845   19.084  2.633   1.00 34.95 ? 10  ARG D CA  1 
ATOM   1313 C C   . ARG D 2 6  ? 9.005   20.159  3.357   1.00 34.01 ? 10  ARG D C   1 
ATOM   1314 O O   . ARG D 2 6  ? 8.111   19.820  4.143   1.00 34.20 ? 10  ARG D O   1 
ATOM   1315 C CB  . ARG D 2 6  ? 11.074  18.707  3.470   1.00 35.17 ? 10  ARG D CB  1 
ATOM   1316 C CG  . ARG D 2 6  ? 11.761  17.389  3.046   1.00 37.57 ? 10  ARG D CG  1 
ATOM   1317 C CD  . ARG D 2 6  ? 12.915  17.033  3.989   1.00 39.15 ? 10  ARG D CD  1 
ATOM   1318 N NE  . ARG D 2 6  ? 14.069  17.893  3.743   1.00 44.15 ? 10  ARG D NE  1 
ATOM   1319 N N   A LYS D 2 7  ? 9.318   21.432  3.095   0.50 34.15 ? 11  LYS D N   1 
ATOM   1320 N N   B LYS D 2 7  ? 9.300   21.425  3.087   0.50 34.19 ? 11  LYS D N   1 
ATOM   1321 C CA  A LYS D 2 7  ? 8.576   22.568  3.661   0.50 33.62 ? 11  LYS D CA  1 
ATOM   1322 C CA  B LYS D 2 7  ? 8.568   22.528  3.695   0.50 33.68 ? 11  LYS D CA  1 
ATOM   1323 C C   A LYS D 2 7  ? 7.150   22.600  3.160   0.50 33.05 ? 11  LYS D C   1 
ATOM   1324 C C   B LYS D 2 7  ? 7.150   22.648  3.149   0.50 33.12 ? 11  LYS D C   1 
ATOM   1325 O O   A LYS D 2 7  ? 6.214   22.849  3.938   0.50 32.81 ? 11  LYS D O   1 
ATOM   1326 O O   B LYS D 2 7  ? 6.214   22.978  3.897   0.50 32.88 ? 11  LYS D O   1 
ATOM   1327 C CB  A LYS D 2 7  ? 9.249   23.913  3.339   0.50 34.00 ? 11  LYS D CB  1 
ATOM   1328 C CB  B LYS D 2 7  ? 9.348   23.837  3.544   0.50 34.18 ? 11  LYS D CB  1 
ATOM   1329 C CG  A LYS D 2 7  ? 8.473   25.140  3.873   0.50 35.37 ? 11  LYS D CG  1 
ATOM   1330 C CG  B LYS D 2 7  ? 10.589  23.888  4.433   0.50 35.29 ? 11  LYS D CG  1 
ATOM   1331 C CD  A LYS D 2 7  ? 9.079   26.489  3.409   0.50 38.26 ? 11  LYS D CD  1 
ATOM   1332 C CD  B LYS D 2 7  ? 11.363  25.187  4.269   0.50 39.49 ? 11  LYS D CD  1 
ATOM   1333 C CE  A LYS D 2 7  ? 8.428   26.993  2.119   0.50 40.31 ? 11  LYS D CE  1 
ATOM   1334 C CE  B LYS D 2 7  ? 12.644  25.160  5.109   0.50 40.18 ? 11  LYS D CE  1 
ATOM   1335 N NZ  A LYS D 2 7  ? 8.991   28.314  1.696   0.50 41.54 ? 11  LYS D NZ  1 
ATOM   1336 N NZ  B LYS D 2 7  ? 13.609  26.183  4.608   0.50 43.80 ? 11  LYS D NZ  1 
ATOM   1337 N N   . LYS D 2 8  ? 6.995   22.372  1.857   1.00 31.68 ? 12  LYS D N   1 
ATOM   1338 C CA  . LYS D 2 8  ? 5.693   22.372  1.224   1.00 31.12 ? 12  LYS D CA  1 
ATOM   1339 C C   . LYS D 2 8  ? 4.860   21.222  1.792   1.00 29.41 ? 12  LYS D C   1 
ATOM   1340 O O   . LYS D 2 8  ? 3.671   21.391  2.060   1.00 27.98 ? 12  LYS D O   1 
ATOM   1341 C CB  . LYS D 2 8  ? 5.846   22.229  -0.303  1.00 32.04 ? 12  LYS D CB  1 
ATOM   1342 C CG  . LYS D 2 8  ? 4.544   22.252  -1.131  1.00 38.58 ? 12  LYS D CG  1 
ATOM   1343 C CD  . LYS D 2 8  ? 4.669   21.464  -2.501  1.00 45.11 ? 12  LYS D CD  1 
ATOM   1344 C CE  . LYS D 2 8  ? 3.552   21.831  -3.521  1.00 49.30 ? 12  LYS D CE  1 
ATOM   1345 N NZ  . LYS D 2 8  ? 2.145   21.898  -2.934  1.00 51.83 ? 12  LYS D NZ  1 
ATOM   1346 N N   . ILE D 2 9  ? 5.489   20.066  1.985   1.00 26.67 ? 13  ILE D N   1 
ATOM   1347 C CA  . ILE D 2 9  ? 4.766   18.875  2.391   1.00 25.11 ? 13  ILE D CA  1 
ATOM   1348 C C   . ILE D 2 9  ? 4.267   19.126  3.816   1.00 25.48 ? 13  ILE D C   1 
ATOM   1349 O O   . ILE D 2 9  ? 3.155   18.771  4.148   1.00 24.77 ? 13  ILE D O   1 
ATOM   1350 C CB  . ILE D 2 9  ? 5.701   17.665  2.357   1.00 24.98 ? 13  ILE D CB  1 
ATOM   1351 C CG1 . ILE D 2 9  ? 5.984   17.315  0.867   1.00 21.29 ? 13  ILE D CG1 1 
ATOM   1352 C CG2 . ILE D 2 9  ? 5.102   16.497  3.081   1.00 22.75 ? 13  ILE D CG2 1 
ATOM   1353 C CD1 . ILE D 2 9  ? 7.003   16.126  0.687   1.00 25.35 ? 13  ILE D CD1 1 
ATOM   1354 N N   . GLU D 2 10 ? 5.117   19.746  4.639   1.00 25.90 ? 14  GLU D N   1 
ATOM   1355 C CA  . GLU D 2 10 ? 4.757   19.954  6.048   1.00 27.64 ? 14  GLU D CA  1 
ATOM   1356 C C   . GLU D 2 10 ? 3.669   21.015  6.096   1.00 27.36 ? 14  GLU D C   1 
ATOM   1357 O O   . GLU D 2 10 ? 2.777   20.936  6.924   1.00 28.09 ? 14  GLU D O   1 
ATOM   1358 C CB  . GLU D 2 10 ? 5.985   20.340  6.920   1.00 28.10 ? 14  GLU D CB  1 
ATOM   1359 C CG  . GLU D 2 10 ? 5.655   20.723  8.394   1.00 29.26 ? 14  GLU D CG  1 
ATOM   1360 C CD  . GLU D 2 10 ? 5.099   19.587  9.204   1.00 32.94 ? 14  GLU D CD  1 
ATOM   1361 O OE1 . GLU D 2 10 ? 4.597   19.823  10.321  1.00 34.80 ? 14  GLU D OE1 1 
ATOM   1362 O OE2 . GLU D 2 10 ? 5.140   18.429  8.765   1.00 31.24 ? 14  GLU D OE2 1 
ATOM   1363 N N   . GLU D 2 11 ? 3.730   21.993  5.202   1.00 26.87 ? 15  GLU D N   1 
ATOM   1364 C CA  . GLU D 2 11 ? 2.646   22.962  5.143   1.00 28.12 ? 15  GLU D CA  1 
ATOM   1365 C C   . GLU D 2 11 ? 1.314   22.270  4.809   1.00 26.77 ? 15  GLU D C   1 
ATOM   1366 O O   . GLU D 2 11 ? 0.251   22.572  5.413   1.00 23.54 ? 15  GLU D O   1 
ATOM   1367 C CB  . GLU D 2 11 ? 3.017   24.074  4.154   1.00 29.72 ? 15  GLU D CB  1 
ATOM   1368 C CG  . GLU D 2 11 ? 1.908   24.950  3.670   1.00 36.96 ? 15  GLU D CG  1 
ATOM   1369 C CD  . GLU D 2 11 ? 2.465   26.116  2.827   1.00 47.59 ? 15  GLU D CD  1 
ATOM   1370 O OE1 . GLU D 2 11 ? 1.743   27.145  2.671   1.00 51.34 ? 15  GLU D OE1 1 
ATOM   1371 O OE2 . GLU D 2 11 ? 3.642   26.004  2.358   1.00 50.63 ? 15  GLU D OE2 1 
ATOM   1372 N N   . ASN D 2 12 ? 1.365   21.289  3.902   1.00 23.80 ? 16  ASN D N   1 
ATOM   1373 C CA  . ASN D 2 12 ? 0.128   20.538  3.546   1.00 23.08 ? 16  ASN D CA  1 
ATOM   1374 C C   . ASN D 2 12 ? -0.361  19.690  4.694   1.00 21.76 ? 16  ASN D C   1 
ATOM   1375 O O   . ASN D 2 12 ? -1.588  19.558  4.907   1.00 21.27 ? 16  ASN D O   1 
ATOM   1376 C CB  . ASN D 2 12 ? 0.338   19.677  2.285   1.00 22.75 ? 16  ASN D CB  1 
ATOM   1377 C CG  . ASN D 2 12 ? 0.437   20.538  1.016   1.00 28.02 ? 16  ASN D CG  1 
ATOM   1378 O OD1 . ASN D 2 12 ? -0.010  21.708  1.000   1.00 28.10 ? 16  ASN D OD1 1 
ATOM   1379 N ND2 . ASN D 2 12 ? 1.004   19.977  -0.045  1.00 25.23 ? 16  ASN D ND2 1 
ATOM   1380 N N   . ARG D 2 13 ? 0.582   19.120  5.433   1.00 20.75 ? 17  ARG D N   1 
ATOM   1381 C CA  . ARG D 2 13 ? 0.223   18.301  6.585   1.00 22.11 ? 17  ARG D CA  1 
ATOM   1382 C C   . ARG D 2 13 ? -0.498  19.179  7.626   1.00 21.68 ? 17  ARG D C   1 
ATOM   1383 O O   . ARG D 2 13 ? -1.510  18.773  8.208   1.00 23.06 ? 17  ARG D O   1 
ATOM   1384 C CB  . ARG D 2 13 ? 1.480   17.654  7.245   1.00 20.91 ? 17  ARG D CB  1 
ATOM   1385 C CG  . ARG D 2 13 ? 1.077   16.561  8.240   1.00 24.84 ? 17  ARG D CG  1 
ATOM   1386 C CD  . ARG D 2 13 ? 2.277   15.762  8.799   1.00 28.54 ? 17  ARG D CD  1 
ATOM   1387 N NE  . ARG D 2 13 ? 3.061   16.635  9.654   1.00 34.06 ? 17  ARG D NE  1 
ATOM   1388 C CZ  . ARG D 2 13 ? 2.965   16.671  10.979  1.00 37.09 ? 17  ARG D CZ  1 
ATOM   1389 N NH1 . ARG D 2 13 ? 2.139   15.841  11.614  1.00 35.27 ? 17  ARG D NH1 1 
ATOM   1390 N NH2 . ARG D 2 13 ? 3.712   17.541  11.657  1.00 36.32 ? 17  ARG D NH2 1 
ATOM   1391 N N   . GLN D 2 14 ? 0.029   20.372  7.837   1.00 22.46 ? 18  GLN D N   1 
ATOM   1392 C CA  . GLN D 2 14 ? -0.560  21.314  8.849   1.00 23.86 ? 18  GLN D CA  1 
ATOM   1393 C C   . GLN D 2 14 ? -1.942  21.792  8.404   1.00 22.90 ? 18  GLN D C   1 
ATOM   1394 O O   . GLN D 2 14 ? -2.884  21.904  9.224   1.00 24.23 ? 18  GLN D O   1 
ATOM   1395 C CB  . GLN D 2 14 ? 0.412   22.510  9.066   1.00 23.26 ? 18  GLN D CB  1 
ATOM   1396 C CG  . GLN D 2 14 ? 1.708   22.192  9.822   1.00 26.39 ? 18  GLN D CG  1 
ATOM   1397 C CD  . GLN D 2 14 ? 1.453   21.586  11.199  1.00 30.83 ? 18  GLN D CD  1 
ATOM   1398 O OE1 . GLN D 2 14 ? 0.492   21.958  11.899  1.00 29.72 ? 18  GLN D OE1 1 
ATOM   1399 N NE2 . GLN D 2 14 ? 2.275   20.609  11.575  1.00 30.64 ? 18  GLN D NE2 1 
ATOM   1400 N N   . LYS D 2 15 ? -2.132  22.009  7.097   1.00 23.11 ? 19  LYS D N   1 
ATOM   1401 C CA  . LYS D 2 15 ? -3.493  22.265  6.587   1.00 22.76 ? 19  LYS D CA  1 
ATOM   1402 C C   . LYS D 2 15 ? -4.448  21.146  6.874   1.00 22.71 ? 19  LYS D C   1 
ATOM   1403 O O   . LYS D 2 15 ? -5.597  21.384  7.302   1.00 22.54 ? 19  LYS D O   1 
ATOM   1404 C CB  . LYS D 2 15 ? -3.516  22.576  5.067   1.00 22.40 ? 19  LYS D CB  1 
ATOM   1405 C CG  . LYS D 2 15 ? -2.899  23.907  4.738   1.00 25.39 ? 19  LYS D CG  1 
ATOM   1406 C CD  . LYS D 2 15 ? -2.924  24.206  3.206   1.00 28.40 ? 19  LYS D CD  1 
ATOM   1407 C CE  . LYS D 2 15 ? -1.828  23.532  2.423   1.00 34.04 ? 19  LYS D CE  1 
ATOM   1408 N NZ  . LYS D 2 15 ? -1.920  23.902  0.947   1.00 26.25 ? 19  LYS D NZ  1 
ATOM   1409 N N   . ALA D 2 16 ? -4.027  19.899  6.647   1.00 21.57 ? 20  ALA D N   1 
ATOM   1410 C CA  . ALA D 2 16 ? -4.918  18.796  6.989   1.00 21.78 ? 20  ALA D CA  1 
ATOM   1411 C C   . ALA D 2 16 ? -5.177  18.686  8.504   1.00 22.45 ? 20  ALA D C   1 
ATOM   1412 O O   . ALA D 2 16 ? -6.303  18.397  8.903   1.00 21.22 ? 20  ALA D O   1 
ATOM   1413 C CB  . ALA D 2 16 ? -4.321  17.450  6.522   1.00 22.40 ? 20  ALA D CB  1 
ATOM   1414 N N   . LEU D 2 17 ? -4.126  18.861  9.321   1.00 22.38 ? 21  LEU D N   1 
ATOM   1415 C CA  . LEU D 2 17 ? -4.294  18.831  10.804  1.00 24.58 ? 21  LEU D CA  1 
ATOM   1416 C C   . LEU D 2 17 ? -5.276  19.917  11.258  1.00 24.98 ? 21  LEU D C   1 
ATOM   1417 O O   . LEU D 2 17 ? -6.085  19.682  12.177  1.00 24.76 ? 21  LEU D O   1 
ATOM   1418 C CB  . LEU D 2 17 ? -2.944  19.041  11.516  1.00 25.64 ? 21  LEU D CB  1 
ATOM   1419 C CG  . LEU D 2 17 ? -1.954  17.860  11.373  1.00 27.44 ? 21  LEU D CG  1 
ATOM   1420 C CD1 . LEU D 2 17 ? -0.516  18.286  11.817  1.00 31.17 ? 21  LEU D CD1 1 
ATOM   1421 C CD2 . LEU D 2 17 ? -2.449  16.630  12.097  1.00 28.26 ? 21  LEU D CD2 1 
ATOM   1422 N N   . ALA D 2 18 ? -5.203  21.091  10.617  1.00 24.23 ? 22  ALA D N   1 
ATOM   1423 C CA  . ALA D 2 18 ? -6.146  22.158  10.936  1.00 24.44 ? 22  ALA D CA  1 
ATOM   1424 C C   . ALA D 2 18 ? -7.598  21.730  10.641  1.00 25.03 ? 22  ALA D C   1 
ATOM   1425 O O   . ALA D 2 18 ? -8.551  21.902  11.452  1.00 24.72 ? 22  ALA D O   1 
ATOM   1426 C CB  . ALA D 2 18 ? -5.769  23.381  10.173  1.00 23.12 ? 22  ALA D CB  1 
ATOM   1427 N N   . ARG D 2 19 ? -7.790  21.092  9.507   1.00 25.45 ? 23  ARG D N   1 
ATOM   1428 C CA  . ARG D 2 19 ? -9.121  20.693  9.125   1.00 27.04 ? 23  ARG D CA  1 
ATOM   1429 C C   . ARG D 2 19 ? -9.633  19.600  10.048  1.00 28.23 ? 23  ARG D C   1 
ATOM   1430 O O   . ARG D 2 19 ? -10.792 19.653  10.457  1.00 29.69 ? 23  ARG D O   1 
ATOM   1431 C CB  . ARG D 2 19 ? -9.151  20.269  7.640   1.00 26.74 ? 23  ARG D CB  1 
ATOM   1432 C CG  . ARG D 2 19 ? -10.438 19.648  7.300   1.00 29.64 ? 23  ARG D CG  1 
ATOM   1433 C CD  . ARG D 2 19 ? -11.599 20.689  7.163   1.00 28.07 ? 23  ARG D CD  1 
ATOM   1434 N NE  . ARG D 2 19 ? -12.794 19.921  6.845   1.00 34.05 ? 23  ARG D NE  1 
ATOM   1435 C CZ  . ARG D 2 19 ? -13.591 19.367  7.741   1.00 34.33 ? 23  ARG D CZ  1 
ATOM   1436 N NH1 . ARG D 2 19 ? -13.380 19.585  9.019   1.00 40.53 ? 23  ARG D NH1 1 
ATOM   1437 N NH2 . ARG D 2 19 ? -14.655 18.692  7.358   1.00 38.94 ? 23  ARG D NH2 1 
ATOM   1438 N N   . ARG D 2 20 ? -8.769  18.662  10.446  1.00 29.46 ? 24  ARG D N   1 
ATOM   1439 C CA  . ARG D 2 20 ? -9.148  17.641  11.416  1.00 30.98 ? 24  ARG D CA  1 
ATOM   1440 C C   . ARG D 2 20 ? -9.492  18.200  12.799  1.00 30.09 ? 24  ARG D C   1 
ATOM   1441 O O   . ARG D 2 20 ? -10.422 17.704  13.455  1.00 30.95 ? 24  ARG D O   1 
ATOM   1442 C CB  . ARG D 2 20 ? -8.061  16.574  11.604  1.00 31.20 ? 24  ARG D CB  1 
ATOM   1443 C CG  . ARG D 2 20 ? -8.219  15.360  10.660  1.00 36.01 ? 24  ARG D CG  1 
ATOM   1444 C CD  . ARG D 2 20 ? -8.303  14.089  11.485  0.74 39.63 ? 24  ARG D CD  1 
ATOM   1445 N NE  . ARG D 2 20 ? -6.991  13.766  12.038  0.45 40.86 ? 24  ARG D NE  1 
ATOM   1446 C CZ  . ARG D 2 20 ? -6.327  12.641  11.780  0.45 43.88 ? 24  ARG D CZ  1 
ATOM   1447 N NH1 . ARG D 2 20 ? -6.858  11.691  10.986  0.93 44.34 ? 24  ARG D NH1 1 
ATOM   1448 N NH2 . ARG D 2 20 ? -5.125  12.473  12.315  0.83 45.65 ? 24  ARG D NH2 1 
ATOM   1449 N N   . ALA D 2 21 ? -8.735  19.194  13.242  1.00 29.03 ? 25  ALA D N   1 
ATOM   1450 C CA  . ALA D 2 21 ? -8.984  19.864  14.545  1.00 29.15 ? 25  ALA D CA  1 
ATOM   1451 C C   . ALA D 2 21 ? -10.382 20.501  14.594  1.00 30.37 ? 25  ALA D C   1 
ATOM   1452 O O   . ALA D 2 21 ? -10.977 20.625  15.679  1.00 30.68 ? 25  ALA D O   1 
ATOM   1453 C CB  . ALA D 2 21 ? -7.932  20.894  14.806  1.00 28.23 ? 25  ALA D CB  1 
ATOM   1454 N N   . GLU D 2 22 ? -10.913 20.911  13.449  1.00 30.79 ? 26  GLU D N   1 
ATOM   1455 C CA  . GLU D 2 22 ? -12.250 21.472  13.424  1.00 34.53 ? 26  GLU D CA  1 
ATOM   1456 C C   . GLU D 2 22 ? -13.254 20.446  13.914  1.00 35.58 ? 26  GLU D C   1 
ATOM   1457 O O   . GLU D 2 22 ? -14.346 20.820  14.307  1.00 35.22 ? 26  GLU D O   1 
ATOM   1458 C CB  . GLU D 2 22 ? -12.660 21.986  12.045  1.00 34.61 ? 26  GLU D CB  1 
ATOM   1459 C CG  . GLU D 2 22 ? -11.987 23.289  11.667  1.00 40.39 ? 26  GLU D CG  1 
ATOM   1460 C CD  . GLU D 2 22 ? -12.004 23.562  10.165  1.00 46.24 ? 26  GLU D CD  1 
ATOM   1461 O OE1 . GLU D 2 22 ? -10.948 24.043  9.591   1.00 47.91 ? 26  GLU D OE1 1 
ATOM   1462 O OE2 . GLU D 2 22 ? -13.071 23.268  9.577   1.00 46.08 ? 26  GLU D OE2 1 
ATOM   1463 N N   . LYS D 2 23 ? -12.871 19.166  13.923  1.00 37.43 ? 27  LYS D N   1 
ATOM   1464 C CA  . LYS D 2 23 ? -13.781 18.077  14.309  1.00 39.39 ? 27  LYS D CA  1 
ATOM   1465 C C   . LYS D 2 23 ? -13.639 17.615  15.771  1.00 40.11 ? 27  LYS D C   1 
ATOM   1466 O O   . LYS D 2 23 ? -14.389 16.755  16.233  1.00 40.22 ? 27  LYS D O   1 
ATOM   1467 C CB  . LYS D 2 23 ? -13.636 16.899  13.340  1.00 40.73 ? 27  LYS D CB  1 
ATOM   1468 C CG  . LYS D 2 23 ? -13.919 17.331  11.884  1.00 44.25 ? 27  LYS D CG  1 
ATOM   1469 C CD  . LYS D 2 23 ? -14.197 16.172  10.948  1.00 50.30 ? 27  LYS D CD  1 
ATOM   1470 C CE  . LYS D 2 23 ? -15.687 15.824  10.980  1.00 52.16 ? 27  LYS D CE  1 
ATOM   1471 N NZ  . LYS D 2 23 ? -15.956 14.635  10.132  1.00 56.14 ? 27  LYS D NZ  1 
ATOM   1472 N N   . LEU D 2 24 ? -12.694 18.196  16.503  1.00 40.47 ? 28  LEU D N   1 
ATOM   1473 C CA  . LEU D 2 24 ? -12.606 17.987  17.956  1.00 41.92 ? 28  LEU D CA  1 
ATOM   1474 C C   . LEU D 2 24 ? -13.945 18.057  18.695  1.00 42.52 ? 28  LEU D C   1 
ATOM   1475 O O   . LEU D 2 24 ? -14.811 18.885  18.374  1.00 41.11 ? 28  LEU D O   1 
ATOM   1476 C CB  . LEU D 2 24 ? -11.666 18.998  18.589  1.00 42.01 ? 28  LEU D CB  1 
ATOM   1477 C CG  . LEU D 2 24 ? -10.195 18.717  18.290  1.00 41.63 ? 28  LEU D CG  1 
ATOM   1478 C CD1 . LEU D 2 24 ? -9.408  20.000  18.557  1.00 41.58 ? 28  LEU D CD1 1 
ATOM   1479 C CD2 . LEU D 2 24 ? -9.645  17.465  19.053  1.00 41.99 ? 28  LEU D CD2 1 
ATOM   1480 N N   . LEU D 2 25 ? -14.071 17.183  19.695  1.00 44.86 ? 29  LEU D N   1 
ATOM   1481 C CA  . LEU D 2 25 ? -15.267 17.045  20.532  1.00 47.69 ? 29  LEU D CA  1 
ATOM   1482 C C   . LEU D 2 25 ? -15.862 18.399  20.940  1.00 49.03 ? 29  LEU D C   1 
ATOM   1483 O O   . LEU D 2 25 ? -15.150 19.264  21.488  1.00 47.91 ? 29  LEU D O   1 
ATOM   1484 C CB  . LEU D 2 25 ? -14.978 16.200  21.808  1.00 48.05 ? 29  LEU D CB  1 
ATOM   1485 C CG  . LEU D 2 25 ? -16.083 15.325  22.493  1.00 50.79 ? 29  LEU D CG  1 
ATOM   1486 C CD1 . LEU D 2 25 ? -16.140 15.433  24.059  1.00 50.19 ? 29  LEU D CD1 1 
ATOM   1487 C CD2 . LEU D 2 25 ? -17.494 15.457  21.871  1.00 51.56 ? 29  LEU D CD2 1 
ATOM   1488 N N   . ALA D 2 26 ? -17.159 18.518  20.632  1.00 50.45 ? 30  ALA D N   1 
ATOM   1489 C CA  . ALA D 2 26 ? -18.098 19.572  21.045  1.00 52.04 ? 30  ALA D CA  1 
ATOM   1490 C C   . ALA D 2 26 ? -17.549 20.979  21.034  1.00 52.19 ? 30  ALA D C   1 
ATOM   1491 O O   . ALA D 2 26 ? -17.832 21.731  20.098  1.00 52.58 ? 30  ALA D O   1 
ATOM   1492 C CB  . ALA D 2 26 ? -18.802 19.235  22.405  1.00 51.99 ? 30  ALA D CB  1 
HETATM 1493 O O   . HOH E 3 .  ? 0.844   -2.669  4.436   1.00 26.55 ? 301 HOH A O   1 
HETATM 1494 O O   . HOH E 3 .  ? 14.089  -15.177 14.402  1.00 24.82 ? 302 HOH A O   1 
HETATM 1495 O O   . HOH E 3 .  ? 8.242   -0.398  -1.297  1.00 25.63 ? 303 HOH A O   1 
HETATM 1496 O O   . HOH E 3 .  ? 5.441   -18.245 9.934   1.00 23.09 ? 304 HOH A O   1 
HETATM 1497 O O   . HOH E 3 .  ? 13.523  -12.324 15.670  1.00 27.59 ? 305 HOH A O   1 
HETATM 1498 O O   . HOH E 3 .  ? -2.847  -12.625 -2.531  1.00 27.55 ? 306 HOH A O   1 
HETATM 1499 O O   . HOH E 3 .  ? 0.281   -5.964  -2.896  1.00 29.30 ? 307 HOH A O   1 
HETATM 1500 O O   . HOH E 3 .  ? 0.123   -18.167 13.529  1.00 38.95 ? 308 HOH A O   1 
HETATM 1501 O O   . HOH E 3 .  ? 9.267   -6.385  18.287  1.00 26.40 ? 309 HOH A O   1 
HETATM 1502 O O   . HOH E 3 .  ? 10.410  -21.519 5.266   1.00 36.49 ? 310 HOH A O   1 
HETATM 1503 O O   . HOH E 3 .  ? 3.445   -3.756  -9.935  1.00 29.84 ? 311 HOH A O   1 
HETATM 1504 O O   . HOH E 3 .  ? 2.584   -15.397 15.872  1.00 43.43 ? 312 HOH A O   1 
HETATM 1505 O O   . HOH E 3 .  ? -2.683  -21.334 0.582   1.00 39.40 ? 313 HOH A O   1 
HETATM 1506 O O   . HOH E 3 .  ? -4.243  -14.736 -1.930  1.00 32.91 ? 314 HOH A O   1 
HETATM 1507 O O   . HOH E 3 .  ? -0.996  -0.391  -7.374  1.00 34.41 ? 315 HOH A O   1 
HETATM 1508 O O   . HOH E 3 .  ? 3.591   -24.748 -0.224  1.00 47.34 ? 316 HOH A O   1 
HETATM 1509 O O   . HOH E 3 .  ? 2.397   -6.226  -10.632 1.00 29.18 ? 317 HOH A O   1 
HETATM 1510 O O   . HOH E 3 .  ? 1.088   -3.397  -4.536  1.00 36.05 ? 318 HOH A O   1 
HETATM 1511 O O   . HOH E 3 .  ? 7.248   3.225   -6.368  1.00 43.86 ? 319 HOH A O   1 
HETATM 1512 O O   . HOH E 3 .  ? -5.376  -6.142  3.650   1.00 36.21 ? 320 HOH A O   1 
HETATM 1513 O O   . HOH E 3 .  ? -1.604  -6.688  -5.733  1.00 36.38 ? 321 HOH A O   1 
HETATM 1514 O O   . HOH E 3 .  ? 1.580   -3.125  14.262  1.00 40.32 ? 322 HOH A O   1 
HETATM 1515 O O   . HOH E 3 .  ? 8.688   -13.921 -7.142  1.00 33.04 ? 323 HOH A O   1 
HETATM 1516 O O   . HOH E 3 .  ? 3.822   -13.075 19.776  1.00 31.83 ? 324 HOH A O   1 
HETATM 1517 O O   . HOH E 3 .  ? 8.447   -14.977 -5.021  1.00 42.38 ? 325 HOH A O   1 
HETATM 1518 O O   . HOH E 3 .  ? 11.868  0.650   -1.659  1.00 46.44 ? 326 HOH A O   1 
HETATM 1519 O O   . HOH E 3 .  ? -2.411  -25.299 -1.024  1.00 45.41 ? 327 HOH A O   1 
HETATM 1520 O O   . HOH E 3 .  ? 7.869   -23.150 4.783   1.00 52.63 ? 328 HOH A O   1 
HETATM 1521 O O   . HOH E 3 .  ? 6.901   0.736   7.239   1.00 37.89 ? 329 HOH A O   1 
HETATM 1522 O O   . HOH E 3 .  ? -2.344  -7.662  8.992   1.00 30.20 ? 330 HOH A O   1 
HETATM 1523 O O   . HOH E 3 .  ? -1.234  -2.802  -8.441  1.00 50.76 ? 331 HOH A O   1 
HETATM 1524 O O   . HOH E 3 .  ? -3.487  -5.397  8.444   1.00 40.43 ? 332 HOH A O   1 
HETATM 1525 O O   . HOH E 3 .  ? 11.667  -15.709 3.379   1.00 43.88 ? 333 HOH A O   1 
HETATM 1526 O O   . HOH E 3 .  ? 16.752  -17.306 14.266  1.00 47.46 ? 334 HOH A O   1 
HETATM 1527 O O   . HOH E 3 .  ? 12.459  -10.192 -7.712  1.00 42.59 ? 335 HOH A O   1 
HETATM 1528 O O   . HOH E 3 .  ? 13.519  -10.785 2.560   1.00 49.99 ? 336 HOH A O   1 
HETATM 1529 O O   . HOH E 3 .  ? 10.389  0.285   4.762   1.00 46.28 ? 337 HOH A O   1 
HETATM 1530 O O   . HOH E 3 .  ? 11.490  1.614   8.521   1.00 47.09 ? 338 HOH A O   1 
HETATM 1531 O O   . HOH E 3 .  ? 9.538   -7.348  14.233  1.00 37.43 ? 339 HOH A O   1 
HETATM 1532 O O   . HOH E 3 .  ? 17.542  -9.407  -4.117  1.00 41.92 ? 340 HOH A O   1 
HETATM 1533 O O   . HOH E 3 .  ? 11.047  -9.472  15.491  1.00 51.08 ? 341 HOH A O   1 
HETATM 1534 O O   . HOH E 3 .  ? 15.344  -3.952  -9.682  1.00 35.16 ? 342 HOH A O   1 
HETATM 1535 O O   . HOH F 3 .  ? 3.007   -6.432  -13.267 1.00 28.86 ? 101 HOH B O   1 
HETATM 1536 O O   . HOH F 3 .  ? 7.190   -9.036  -18.567 1.00 27.21 ? 102 HOH B O   1 
HETATM 1537 O O   . HOH F 3 .  ? -4.219  -15.145 -4.575  1.00 46.76 ? 103 HOH B O   1 
HETATM 1538 O O   . HOH F 3 .  ? 12.943  -9.973  -16.906 1.00 42.56 ? 104 HOH B O   1 
HETATM 1539 O O   . HOH F 3 .  ? 4.926   -4.769  -14.170 1.00 28.09 ? 105 HOH B O   1 
HETATM 1540 O O   . HOH F 3 .  ? 14.836  -0.313  -18.232 1.00 31.24 ? 106 HOH B O   1 
HETATM 1541 O O   . HOH F 3 .  ? 6.312   -4.311  -18.392 1.00 38.64 ? 107 HOH B O   1 
HETATM 1542 O O   . HOH F 3 .  ? 13.854  -7.619  -16.917 1.00 42.74 ? 108 HOH B O   1 
HETATM 1543 O O   . HOH F 3 .  ? 9.746   -4.499  -21.584 1.00 36.73 ? 109 HOH B O   1 
HETATM 1544 O O   . HOH F 3 .  ? 8.058   -6.237  -21.820 1.00 30.30 ? 110 HOH B O   1 
HETATM 1545 O O   . HOH F 3 .  ? 5.000   -2.884  -12.291 1.00 28.51 ? 111 HOH B O   1 
HETATM 1546 O O   . HOH F 3 .  ? 4.121   -16.118 -17.672 1.00 38.30 ? 112 HOH B O   1 
HETATM 1547 O O   A HOH F 3 .  ? 5.141   -20.888 -11.360 0.47 25.38 ? 113 HOH B O   1 
HETATM 1548 O O   B HOH F 3 .  ? 4.458   -23.196 -11.683 0.53 42.96 ? 113 HOH B O   1 
HETATM 1549 O O   . HOH F 3 .  ? 14.805  -6.856  -19.215 1.00 49.68 ? 114 HOH B O   1 
HETATM 1550 O O   . HOH F 3 .  ? 4.018   -3.790  -16.735 1.00 48.50 ? 115 HOH B O   1 
HETATM 1551 O O   . HOH F 3 .  ? 8.559   -10.737 -20.374 0.50 31.84 ? 116 HOH B O   1 
HETATM 1552 O O   . HOH F 3 .  ? 6.902   -15.134 -8.584  1.00 27.26 ? 117 HOH B O   1 
HETATM 1553 O O   . HOH F 3 .  ? 4.378   -0.129  -12.755 1.00 47.57 ? 118 HOH B O   1 
HETATM 1554 O O   . HOH F 3 .  ? 9.888   -2.692  -23.543 1.00 58.99 ? 119 HOH B O   1 
HETATM 1555 O O   . HOH F 3 .  ? 14.968  0.153   -7.721  1.00 48.71 ? 120 HOH B O   1 
HETATM 1556 O O   . HOH G 3 .  ? 1.449   8.158   4.541   1.00 22.65 ? 301 HOH C O   1 
HETATM 1557 O O   . HOH G 3 .  ? 3.304   5.597   -5.550  1.00 31.23 ? 302 HOH C O   1 
HETATM 1558 O O   . HOH G 3 .  ? -5.319  9.431   8.542   1.00 28.68 ? 303 HOH C O   1 
HETATM 1559 O O   . HOH G 3 .  ? 0.602   3.771   0.513   1.00 25.28 ? 304 HOH C O   1 
HETATM 1560 O O   . HOH G 3 .  ? 3.445   6.710   1.144   1.00 22.85 ? 305 HOH C O   1 
HETATM 1561 O O   . HOH G 3 .  ? -2.277  13.630  -13.234 1.00 31.98 ? 306 HOH C O   1 
HETATM 1562 O O   . HOH G 3 .  ? 4.896   14.222  5.803   1.00 27.07 ? 307 HOH C O   1 
HETATM 1563 O O   . HOH G 3 .  ? -3.011  0.015   6.074   1.00 35.98 ? 308 HOH C O   1 
HETATM 1564 O O   . HOH G 3 .  ? -18.256 5.905   0.213   1.00 42.01 ? 309 HOH C O   1 
HETATM 1565 O O   . HOH G 3 .  ? -18.303 8.982   5.611   1.00 45.24 ? 310 HOH C O   1 
HETATM 1566 O O   . HOH G 3 .  ? 0.834   6.239   6.680   1.00 34.68 ? 311 HOH C O   1 
HETATM 1567 O O   . HOH G 3 .  ? -0.111  19.434  -8.201  1.00 30.34 ? 312 HOH C O   1 
HETATM 1568 O O   . HOH G 3 .  ? -1.684  19.253  -10.306 1.00 33.89 ? 313 HOH C O   1 
HETATM 1569 O O   . HOH G 3 .  ? 3.439   13.505  -10.431 1.00 33.08 ? 314 HOH C O   1 
HETATM 1570 O O   . HOH G 3 .  ? 0.561   0.343   -9.632  1.00 37.48 ? 315 HOH C O   1 
HETATM 1571 O O   . HOH G 3 .  ? 3.276   4.177   -0.076  1.00 24.18 ? 316 HOH C O   1 
HETATM 1572 O O   . HOH G 3 .  ? -6.017  17.660  3.383   1.00 36.59 ? 317 HOH C O   1 
HETATM 1573 O O   . HOH G 3 .  ? -1.241  10.017  -11.062 1.00 44.48 ? 318 HOH C O   1 
HETATM 1574 O O   . HOH G 3 .  ? 0.909   7.346   1.765   1.00 24.24 ? 319 HOH C O   1 
HETATM 1575 O O   . HOH G 3 .  ? 1.281   12.270  -11.205 1.00 39.12 ? 320 HOH C O   1 
HETATM 1576 O O   . HOH G 3 .  ? 5.046   17.130  -9.649  1.00 42.69 ? 321 HOH C O   1 
HETATM 1577 O O   . HOH G 3 .  ? -3.587  16.357  -10.142 1.00 42.76 ? 322 HOH C O   1 
HETATM 1578 O O   . HOH G 3 .  ? 7.157   8.771   5.599   1.00 42.12 ? 323 HOH C O   1 
HETATM 1579 O O   . HOH G 3 .  ? 7.953   11.202  5.964   1.00 42.25 ? 324 HOH C O   1 
HETATM 1580 O O   . HOH G 3 .  ? 5.059   8.539   7.292   1.00 43.67 ? 325 HOH C O   1 
HETATM 1581 O O   . HOH G 3 .  ? 6.905   13.353  4.074   1.00 26.33 ? 326 HOH C O   1 
HETATM 1582 O O   . HOH G 3 .  ? 8.929   15.218  4.034   1.00 34.31 ? 327 HOH C O   1 
HETATM 1583 O O   . HOH G 3 .  ? -1.086  -1.714  6.223   1.00 31.86 ? 328 HOH C O   1 
HETATM 1584 O O   . HOH G 3 .  ? -3.093  18.677  0.696   1.00 28.54 ? 329 HOH C O   1 
HETATM 1585 O O   . HOH G 3 .  ? -11.568 0.720   -11.710 1.00 43.76 ? 330 HOH C O   1 
HETATM 1586 O O   . HOH G 3 .  ? 1.426   -1.790  -10.545 1.00 42.37 ? 331 HOH C O   1 
HETATM 1587 O O   . HOH G 3 .  ? -9.207  19.690  -0.670  1.00 41.26 ? 332 HOH C O   1 
HETATM 1588 O O   . HOH G 3 .  ? -8.650  0.410   -11.200 1.00 49.98 ? 333 HOH C O   1 
HETATM 1589 O O   . HOH G 3 .  ? 7.275   19.224  -5.232  1.00 44.66 ? 334 HOH C O   1 
HETATM 1590 O O   . HOH G 3 .  ? -8.473  3.498   7.867   1.00 44.45 ? 335 HOH C O   1 
HETATM 1591 O O   . HOH G 3 .  ? 0.976   13.287  10.467  1.00 49.30 ? 336 HOH C O   1 
HETATM 1592 O O   . HOH G 3 .  ? -16.519 9.185   -1.099  1.00 45.74 ? 337 HOH C O   1 
HETATM 1593 O O   . HOH G 3 .  ? -17.272 1.507   -7.411  1.00 48.50 ? 338 HOH C O   1 
HETATM 1594 O O   . HOH G 3 .  ? -1.790  4.977   10.617  1.00 57.67 ? 339 HOH C O   1 
HETATM 1595 O O   . HOH G 3 .  ? -4.796  21.124  -3.292  1.00 50.94 ? 340 HOH C O   1 
HETATM 1596 O O   . HOH G 3 .  ? -7.477  8.060   10.302  1.00 56.77 ? 341 HOH C O   1 
HETATM 1597 O O   . HOH G 3 .  ? 1.968   12.315  8.019   1.00 39.81 ? 342 HOH C O   1 
HETATM 1598 O O   . HOH G 3 .  ? 6.036   7.786   -4.162  1.00 39.64 ? 343 HOH C O   1 
HETATM 1599 O O   . HOH G 3 .  ? -5.831  13.278  -7.540  1.00 47.85 ? 344 HOH C O   1 
HETATM 1600 O O   . HOH G 3 .  ? -8.480  13.172  -7.131  1.00 54.56 ? 345 HOH C O   1 
HETATM 1601 O O   . HOH G 3 .  ? 2.281   5.654   -11.948 1.00 62.09 ? 346 HOH C O   1 
HETATM 1602 O O   . HOH G 3 .  ? -16.270 6.998   -2.965  1.00 43.93 ? 347 HOH C O   1 
HETATM 1603 O O   . HOH G 3 .  ? -2.887  20.780  -0.801  1.00 50.07 ? 348 HOH C O   1 
HETATM 1604 O O   . HOH G 3 .  ? 1.502   1.824   8.161   1.00 56.35 ? 349 HOH C O   1 
HETATM 1605 O O   . HOH G 3 .  ? -3.918  0.964   8.504   1.00 50.23 ? 350 HOH C O   1 
HETATM 1606 O O   . HOH G 3 .  ? 3.046   -1.370  5.388   1.00 39.17 ? 351 HOH C O   1 
HETATM 1607 O O   . HOH G 3 .  ? 9.748   2.845   -1.808  1.00 35.72 ? 352 HOH C O   1 
HETATM 1608 O O   . HOH H 3 .  ? -0.095  25.010  6.547   1.00 30.00 ? 101 HOH D O   1 
HETATM 1609 O O   . HOH H 3 .  ? 12.601  22.226  -4.567  1.00 46.87 ? 102 HOH D O   1 
HETATM 1610 O O   . HOH H 3 .  ? 5.889   16.720  6.830   1.00 31.75 ? 103 HOH D O   1 
HETATM 1611 O O   . HOH H 3 .  ? -3.629  19.637  3.030   1.00 26.26 ? 104 HOH D O   1 
HETATM 1612 O O   . HOH H 3 .  ? 17.342  20.993  -0.433  1.00 40.08 ? 105 HOH D O   1 
HETATM 1613 O O   . HOH H 3 .  ? -5.595  17.810  14.190  1.00 38.95 ? 106 HOH D O   1 
HETATM 1614 O O   . HOH H 3 .  ? 8.075   17.630  5.435   1.00 35.18 ? 107 HOH D O   1 
HETATM 1615 O O   . HOH H 3 .  ? 6.541   23.943  6.518   1.00 35.77 ? 108 HOH D O   1 
HETATM 1616 O O   . HOH H 3 .  ? -2.015  23.174  11.393  1.00 28.64 ? 109 HOH D O   1 
HETATM 1617 O O   . HOH H 3 .  ? 2.477   25.696  8.159   1.00 37.64 ? 110 HOH D O   1 
HETATM 1618 O O   . HOH H 3 .  ? 4.305   24.074  7.961   1.00 48.91 ? 111 HOH D O   1 
HETATM 1619 O O   . HOH H 3 .  ? 2.170   19.467  14.341  1.00 45.31 ? 112 HOH D O   1 
HETATM 1620 O O   . HOH H 3 .  ? -0.139  16.896  15.698  1.00 48.35 ? 113 HOH D O   1 
# 
